data_2PNR
#
_entry.id   2PNR
#
_cell.length_a   96.155
_cell.length_b   96.155
_cell.length_c   222.984
_cell.angle_alpha   90.00
_cell.angle_beta   90.00
_cell.angle_gamma   90.00
#
_symmetry.space_group_name_H-M   'P 41'
#
loop_
_entity.id
_entity.type
_entity.pdbx_description
1 polymer '[Pyruvate dehydrogenase [lipoamide]] kinase isozyme 3'
2 polymer 'Dihydrolipoyllysine-residue acetyltransferase component of pyruvate dehydrogenase complex'
3 non-polymer 'DIHYDROLIPOIC ACID'
4 water water
#
loop_
_entity_poly.entity_id
_entity_poly.type
_entity_poly.pdbx_seq_one_letter_code
_entity_poly.pdbx_strand_id
1 'polypeptide(L)'
;GGSHHHHHHGMARLENLYFQGKQPVPKQIERYSRFSPSPLSIKQFLDFGRDNACEKTSYMFLRKELPVRLANTMREVNLL
PDNLLNRPSVGLVQSWYMQSFLELLEYENKSPEDPQVLDNFLQVLIKVRNRHNDVVPTMAQGVIEYKEKFGFDPFISTNI
QYFLDRFYTNRISFRMLINQHTLLFGGDTNPVHPKHIGSIDPTCNVADVVKDAYETAKMLCEQYYLVAPELEVEEFNAKA
PDKPIQVVYVPSHLFHMLFELFKNSMRATVELYEDRKEGYPAVKTLVTLGKEDLSIKISDLGGGVPLRKIDRLFNYMYST
APRPSLEPTRAAPLAGFGYGLPISRLYARYFQGDLKLYSMEGVGTDAVIYLKALSSESFERLPVFNKSAWRHYKTTPEAD
DWSNPSSEPRDASKYKAKQ
;
A,B,E,F
2 'polypeptide(L)'
;GGSHHHHHHGMARLENLYFQGSSYPPHMQVLLPALSPTMTMGTVQRWEKKVGEKLSEGDLLAEIETDKATIGFEVQEEGY
LAKILVPEGTRDVPLGTPLCIIVEKEADISAFADYRPTEVTDLKPQVP
;
C,G
#
loop_
_chem_comp.id
_chem_comp.type
_chem_comp.name
_chem_comp.formula
RED non-polymer 'DIHYDROLIPOIC ACID' 'C8 H16 O2 S2'
#
# COMPACT_ATOMS: atom_id res chain seq x y z
N PRO A 26 -14.35 -4.80 5.73
CA PRO A 26 -13.40 -4.52 6.81
C PRO A 26 -13.63 -3.18 7.55
N LYS A 27 -14.63 -2.41 7.16
CA LYS A 27 -14.88 -1.14 7.86
C LYS A 27 -15.47 -1.38 9.26
N GLN A 28 -16.47 -2.24 9.34
CA GLN A 28 -17.07 -2.58 10.62
C GLN A 28 -16.06 -3.38 11.41
N ILE A 29 -15.38 -4.30 10.70
CA ILE A 29 -14.35 -5.17 11.27
C ILE A 29 -13.20 -4.36 11.85
N GLU A 30 -12.95 -3.22 11.24
CA GLU A 30 -11.92 -2.31 11.68
C GLU A 30 -12.37 -1.62 12.95
N ARG A 31 -13.67 -1.32 12.99
CA ARG A 31 -14.24 -0.65 14.14
C ARG A 31 -14.37 -1.55 15.37
N TYR A 32 -14.95 -2.74 15.19
CA TYR A 32 -15.14 -3.67 16.29
C TYR A 32 -13.85 -4.22 16.82
N SER A 33 -12.91 -4.45 15.93
CA SER A 33 -11.60 -4.96 16.32
C SER A 33 -10.91 -3.96 17.25
N ARG A 34 -11.24 -2.69 17.11
CA ARG A 34 -10.63 -1.65 17.93
C ARG A 34 -11.25 -1.56 19.28
N PHE A 35 -12.18 -2.48 19.52
CA PHE A 35 -12.74 -2.55 20.82
C PHE A 35 -11.93 -3.58 21.53
N SER A 36 -11.97 -3.56 22.84
CA SER A 36 -11.22 -4.51 23.61
C SER A 36 -12.13 -5.60 24.16
N PRO A 37 -11.69 -6.88 24.12
CA PRO A 37 -12.56 -7.91 24.67
C PRO A 37 -12.88 -7.59 26.13
N SER A 38 -13.83 -8.28 26.74
CA SER A 38 -14.17 -8.05 28.15
C SER A 38 -14.14 -9.39 28.89
N PRO A 39 -13.07 -9.65 29.64
CA PRO A 39 -12.96 -10.91 30.37
C PRO A 39 -13.83 -11.01 31.62
N LEU A 40 -14.30 -12.22 31.88
CA LEU A 40 -15.15 -12.45 33.03
C LEU A 40 -14.51 -13.44 33.96
N SER A 41 -14.58 -13.16 35.25
CA SER A 41 -14.03 -14.09 36.22
C SER A 41 -14.95 -15.28 36.28
N ILE A 42 -14.45 -16.42 36.73
CA ILE A 42 -15.29 -17.60 36.88
C ILE A 42 -16.45 -17.24 37.83
N LYS A 43 -16.12 -16.51 38.88
CA LYS A 43 -17.10 -16.06 39.86
C LYS A 43 -18.23 -15.38 39.13
N GLN A 44 -17.87 -14.51 38.20
CA GLN A 44 -18.84 -13.78 37.41
C GLN A 44 -19.75 -14.66 36.59
N PHE A 45 -19.22 -15.67 35.90
CA PHE A 45 -20.12 -16.53 35.14
C PHE A 45 -21.15 -17.15 36.08
N LEU A 46 -20.65 -17.64 37.21
CA LEU A 46 -21.43 -18.32 38.24
C LEU A 46 -22.51 -17.45 38.84
N ASP A 47 -22.09 -16.38 39.52
CA ASP A 47 -23.02 -15.45 40.15
C ASP A 47 -24.06 -14.98 39.11
N PHE A 48 -23.68 -14.90 37.84
CA PHE A 48 -24.61 -14.44 36.82
C PHE A 48 -25.71 -15.45 36.51
N GLY A 49 -25.32 -16.69 36.22
CA GLY A 49 -26.31 -17.71 35.91
C GLY A 49 -27.00 -18.23 37.15
N ARG A 50 -26.58 -17.72 38.30
CA ARG A 50 -27.14 -18.16 39.57
C ARG A 50 -27.96 -17.09 40.30
N ASP A 51 -27.47 -15.86 40.38
CA ASP A 51 -28.18 -14.78 41.07
C ASP A 51 -29.15 -14.06 40.16
N ASN A 52 -28.61 -13.59 39.03
CA ASN A 52 -29.37 -12.83 38.06
C ASN A 52 -30.22 -13.71 37.13
N ALA A 53 -29.56 -14.46 36.25
CA ALA A 53 -30.20 -15.37 35.28
C ALA A 53 -31.06 -14.58 34.29
N CYS A 54 -30.69 -13.32 34.03
CA CYS A 54 -31.42 -12.39 33.16
C CYS A 54 -30.97 -12.45 31.69
N GLU A 55 -31.80 -13.02 30.83
CA GLU A 55 -31.49 -13.14 29.40
C GLU A 55 -31.40 -11.79 28.70
N LYS A 56 -31.84 -10.71 29.35
CA LYS A 56 -31.78 -9.37 28.75
C LYS A 56 -30.36 -8.85 28.79
N THR A 57 -29.78 -8.89 29.99
CA THR A 57 -28.43 -8.44 30.19
C THR A 57 -27.50 -9.27 29.31
N SER A 58 -27.71 -10.59 29.30
CA SER A 58 -26.88 -11.52 28.54
C SER A 58 -26.85 -11.19 27.03
N TYR A 59 -28.01 -11.03 26.41
CA TYR A 59 -28.07 -10.68 24.99
C TYR A 59 -27.42 -9.31 24.77
N MET A 60 -27.61 -8.42 25.74
CA MET A 60 -27.07 -7.09 25.70
C MET A 60 -25.54 -7.12 25.62
N PHE A 61 -24.94 -7.98 26.42
CA PHE A 61 -23.49 -8.14 26.51
C PHE A 61 -22.91 -8.87 25.34
N LEU A 62 -23.58 -9.94 24.94
CA LEU A 62 -23.10 -10.79 23.86
C LEU A 62 -23.25 -10.23 22.46
N ARG A 63 -24.27 -9.41 22.20
CA ARG A 63 -24.41 -8.88 20.85
C ARG A 63 -23.28 -7.93 20.53
N LYS A 64 -22.53 -7.58 21.56
CA LYS A 64 -21.38 -6.71 21.40
C LYS A 64 -20.10 -7.52 21.56
N GLU A 65 -20.02 -8.23 22.70
CA GLU A 65 -18.86 -9.04 23.03
C GLU A 65 -18.49 -10.13 22.02
N LEU A 66 -19.46 -10.84 21.46
CA LEU A 66 -19.08 -11.89 20.52
C LEU A 66 -18.49 -11.33 19.23
N PRO A 67 -19.13 -10.34 18.60
CA PRO A 67 -18.56 -9.80 17.34
C PRO A 67 -17.26 -9.01 17.59
N VAL A 68 -17.01 -8.63 18.84
CA VAL A 68 -15.77 -7.93 19.18
C VAL A 68 -14.64 -8.93 19.11
N ARG A 69 -14.72 -9.96 19.95
CA ARG A 69 -13.73 -11.01 19.96
C ARG A 69 -13.49 -11.56 18.57
N LEU A 70 -14.52 -11.60 17.73
CA LEU A 70 -14.37 -12.11 16.38
C LEU A 70 -13.54 -11.17 15.53
N ALA A 71 -13.84 -9.87 15.62
CA ALA A 71 -13.11 -8.88 14.85
C ALA A 71 -11.66 -8.72 15.35
N ASN A 72 -11.40 -9.02 16.62
CA ASN A 72 -10.05 -8.90 17.16
C ASN A 72 -9.21 -10.12 16.79
N THR A 73 -9.87 -11.14 16.24
CA THR A 73 -9.18 -12.34 15.80
C THR A 73 -8.96 -12.27 14.29
N MET A 74 -10.05 -12.03 13.55
CA MET A 74 -9.99 -11.94 12.08
C MET A 74 -8.96 -10.93 11.64
N ARG A 75 -8.67 -9.99 12.52
CA ARG A 75 -7.71 -8.95 12.25
C ARG A 75 -6.29 -9.53 12.25
N GLU A 76 -6.02 -10.38 13.23
CA GLU A 76 -4.70 -10.99 13.32
C GLU A 76 -4.47 -11.96 12.18
N VAL A 77 -5.28 -13.00 12.04
CA VAL A 77 -5.10 -13.95 10.92
C VAL A 77 -4.82 -13.24 9.60
N ASN A 78 -5.30 -12.01 9.53
CA ASN A 78 -5.18 -11.14 8.38
C ASN A 78 -3.76 -10.61 8.17
N LEU A 79 -2.95 -10.74 9.21
CA LEU A 79 -1.57 -10.27 9.20
C LEU A 79 -0.57 -11.42 9.10
N LEU A 80 -1.03 -12.58 8.64
CA LEU A 80 -0.17 -13.75 8.48
C LEU A 80 0.70 -13.61 7.22
N PRO A 81 1.78 -14.40 7.11
CA PRO A 81 2.61 -14.30 5.91
C PRO A 81 1.79 -14.69 4.70
N ASP A 82 1.91 -13.93 3.61
CA ASP A 82 1.09 -14.12 2.39
C ASP A 82 1.03 -15.56 1.87
N ASN A 83 2.06 -16.36 2.15
CA ASN A 83 2.06 -17.75 1.69
C ASN A 83 0.99 -18.52 2.46
N LEU A 84 0.96 -18.27 3.76
CA LEU A 84 0.01 -18.91 4.68
C LEU A 84 -1.40 -18.42 4.46
N LEU A 85 -1.56 -17.11 4.44
CA LEU A 85 -2.86 -16.50 4.22
C LEU A 85 -3.50 -17.02 2.93
N ASN A 86 -2.67 -17.48 2.01
CA ASN A 86 -3.13 -17.95 0.70
C ASN A 86 -3.64 -19.37 0.67
N ARG A 87 -3.42 -20.13 1.72
CA ARG A 87 -3.91 -21.51 1.78
C ARG A 87 -5.44 -21.51 1.74
N PRO A 88 -6.05 -22.28 0.80
CA PRO A 88 -7.52 -22.28 0.74
C PRO A 88 -8.17 -22.51 2.11
N SER A 89 -7.47 -23.22 3.01
CA SER A 89 -8.00 -23.52 4.34
C SER A 89 -8.14 -22.27 5.18
N VAL A 90 -7.30 -21.28 4.94
CA VAL A 90 -7.30 -20.01 5.67
C VAL A 90 -8.38 -19.05 5.19
N GLY A 91 -8.49 -18.88 3.88
CA GLY A 91 -9.51 -18.01 3.34
C GLY A 91 -10.87 -18.56 3.70
N LEU A 92 -10.92 -19.89 3.83
CA LEU A 92 -12.15 -20.57 4.20
C LEU A 92 -12.52 -20.19 5.61
N VAL A 93 -11.55 -20.26 6.51
CA VAL A 93 -11.78 -19.91 7.89
C VAL A 93 -12.29 -18.50 7.95
N GLN A 94 -11.51 -17.56 7.41
CA GLN A 94 -11.87 -16.17 7.42
C GLN A 94 -13.32 -15.94 7.03
N SER A 95 -13.77 -16.55 5.94
CA SER A 95 -15.15 -16.37 5.48
C SER A 95 -16.18 -16.82 6.52
N TRP A 96 -15.96 -17.97 7.14
CA TRP A 96 -16.88 -18.46 8.17
C TRP A 96 -16.96 -17.49 9.32
N TYR A 97 -15.79 -16.97 9.69
CA TYR A 97 -15.70 -15.99 10.76
C TYR A 97 -16.46 -14.73 10.38
N MET A 98 -16.19 -14.24 9.16
CA MET A 98 -16.82 -13.04 8.63
C MET A 98 -18.32 -13.12 8.65
N GLN A 99 -18.85 -14.22 8.10
CA GLN A 99 -20.28 -14.40 8.05
C GLN A 99 -20.88 -14.35 9.44
N SER A 100 -20.38 -15.22 10.32
CA SER A 100 -20.84 -15.23 11.69
C SER A 100 -20.77 -13.81 12.24
N PHE A 101 -19.72 -13.07 11.86
CA PHE A 101 -19.58 -11.69 12.33
C PHE A 101 -20.76 -10.84 11.91
N LEU A 102 -21.15 -10.93 10.65
CA LEU A 102 -22.21 -10.10 10.16
C LEU A 102 -23.59 -10.54 10.62
N GLU A 103 -23.82 -11.84 10.75
CA GLU A 103 -25.14 -12.27 11.20
C GLU A 103 -25.38 -11.73 12.58
N LEU A 104 -24.29 -11.64 13.34
CA LEU A 104 -24.31 -11.11 14.70
C LEU A 104 -24.41 -9.60 14.67
N LEU A 105 -23.62 -8.96 13.81
CA LEU A 105 -23.62 -7.51 13.69
C LEU A 105 -25.04 -6.97 13.39
N GLU A 106 -25.91 -7.86 12.96
CA GLU A 106 -27.28 -7.51 12.60
C GLU A 106 -28.19 -7.42 13.82
N TYR A 107 -27.62 -7.04 14.94
CA TYR A 107 -28.36 -6.90 16.18
C TYR A 107 -27.87 -5.69 16.95
N GLU A 108 -26.87 -5.01 16.40
CA GLU A 108 -26.31 -3.85 17.03
C GLU A 108 -27.41 -2.93 17.62
N ASN A 109 -28.62 -2.95 17.03
CA ASN A 109 -29.71 -2.10 17.50
C ASN A 109 -31.04 -2.82 17.84
N LYS A 110 -31.21 -4.09 17.49
CA LYS A 110 -32.45 -4.81 17.86
C LYS A 110 -32.57 -4.87 19.38
N SER A 111 -33.74 -4.53 19.90
CA SER A 111 -33.93 -4.46 21.34
C SER A 111 -34.29 -5.78 22.00
N PRO A 112 -33.79 -5.96 23.25
CA PRO A 112 -34.03 -7.15 24.06
C PRO A 112 -35.41 -7.16 24.70
N GLU A 113 -36.31 -6.32 24.20
CA GLU A 113 -37.63 -6.25 24.81
C GLU A 113 -38.60 -7.30 24.30
N ASP A 114 -38.68 -7.50 22.98
CA ASP A 114 -39.58 -8.56 22.50
C ASP A 114 -38.87 -9.91 22.55
N PRO A 115 -39.54 -10.94 23.13
CA PRO A 115 -38.96 -12.29 23.25
C PRO A 115 -38.77 -12.94 21.88
N GLN A 116 -39.15 -12.16 20.86
CA GLN A 116 -39.00 -12.54 19.47
C GLN A 116 -37.53 -12.35 19.08
N VAL A 117 -36.94 -11.20 19.47
CA VAL A 117 -35.52 -10.92 19.21
C VAL A 117 -34.68 -11.96 19.94
N LEU A 118 -34.80 -11.96 21.26
CA LEU A 118 -34.10 -12.87 22.15
C LEU A 118 -34.15 -14.31 21.68
N ASP A 119 -35.33 -14.74 21.29
CA ASP A 119 -35.52 -16.10 20.84
C ASP A 119 -34.72 -16.36 19.55
N ASN A 120 -34.60 -15.33 18.72
CA ASN A 120 -33.90 -15.46 17.45
C ASN A 120 -32.41 -15.29 17.57
N PHE A 121 -31.96 -14.63 18.63
CA PHE A 121 -30.53 -14.47 18.91
C PHE A 121 -30.03 -15.86 19.25
N LEU A 122 -30.74 -16.46 20.19
CA LEU A 122 -30.45 -17.79 20.64
C LEU A 122 -30.12 -18.69 19.45
N GLN A 123 -31.01 -18.68 18.44
CA GLN A 123 -30.86 -19.52 17.25
C GLN A 123 -29.59 -19.20 16.48
N VAL A 124 -29.29 -17.92 16.33
CA VAL A 124 -28.07 -17.52 15.63
C VAL A 124 -26.86 -18.14 16.35
N LEU A 125 -26.82 -18.02 17.68
CA LEU A 125 -25.73 -18.59 18.46
C LEU A 125 -25.54 -20.05 18.12
N ILE A 126 -26.66 -20.78 18.04
CA ILE A 126 -26.62 -22.18 17.64
C ILE A 126 -25.89 -22.29 16.32
N LYS A 127 -26.43 -21.61 15.30
CA LYS A 127 -25.88 -21.63 13.96
C LYS A 127 -24.38 -21.42 13.93
N VAL A 128 -23.91 -20.27 14.41
CA VAL A 128 -22.48 -19.96 14.38
C VAL A 128 -21.63 -20.99 15.13
N ARG A 129 -22.16 -21.56 16.22
CA ARG A 129 -21.42 -22.55 17.01
C ARG A 129 -21.07 -23.76 16.14
N ASN A 130 -22.07 -24.20 15.35
CA ASN A 130 -21.94 -25.32 14.43
C ASN A 130 -21.06 -24.91 13.26
N ARG A 131 -21.38 -23.75 12.68
CA ARG A 131 -20.61 -23.22 11.57
C ARG A 131 -19.13 -23.25 11.91
N HIS A 132 -18.79 -22.87 13.14
CA HIS A 132 -17.40 -22.80 13.61
C HIS A 132 -16.88 -24.12 14.16
N ASN A 133 -17.78 -25.04 14.43
CA ASN A 133 -17.44 -26.35 14.97
C ASN A 133 -16.16 -26.94 14.33
N ASP A 134 -16.02 -26.74 13.03
CA ASP A 134 -14.90 -27.29 12.27
C ASP A 134 -13.87 -26.23 11.84
N VAL A 135 -13.60 -25.26 12.71
CA VAL A 135 -12.61 -24.23 12.40
C VAL A 135 -11.23 -24.75 12.75
N VAL A 136 -11.13 -25.34 13.94
CA VAL A 136 -9.89 -25.93 14.41
C VAL A 136 -9.36 -26.93 13.37
N PRO A 137 -10.24 -27.86 12.91
CA PRO A 137 -9.80 -28.85 11.90
C PRO A 137 -9.19 -28.19 10.66
N THR A 138 -9.94 -27.26 10.06
CA THR A 138 -9.47 -26.55 8.87
C THR A 138 -8.18 -25.76 9.11
N MET A 139 -8.12 -25.11 10.26
CA MET A 139 -6.94 -24.31 10.59
C MET A 139 -5.70 -25.19 10.55
N ALA A 140 -5.69 -26.21 11.39
CA ALA A 140 -4.58 -27.13 11.48
C ALA A 140 -4.17 -27.62 10.09
N GLN A 141 -5.14 -27.74 9.21
CA GLN A 141 -4.91 -28.18 7.85
C GLN A 141 -4.16 -27.11 7.03
N GLY A 142 -4.57 -25.85 7.19
CA GLY A 142 -3.94 -24.76 6.46
C GLY A 142 -2.51 -24.52 6.90
N VAL A 143 -2.19 -24.81 8.15
CA VAL A 143 -0.84 -24.60 8.62
C VAL A 143 0.09 -25.69 8.11
N ILE A 144 -0.31 -26.95 8.26
CA ILE A 144 0.51 -28.05 7.78
C ILE A 144 0.75 -27.86 6.28
N GLU A 145 -0.33 -27.65 5.52
CA GLU A 145 -0.26 -27.46 4.07
C GLU A 145 0.69 -26.31 3.70
N TYR A 146 1.14 -25.56 4.70
CA TYR A 146 2.02 -24.41 4.49
C TYR A 146 3.45 -24.74 4.90
N LYS A 147 3.56 -25.57 5.93
CA LYS A 147 4.84 -26.02 6.45
C LYS A 147 5.56 -26.79 5.38
N GLU A 148 4.93 -27.89 4.98
CA GLU A 148 5.45 -28.82 3.97
C GLU A 148 5.19 -28.31 2.55
N LYS A 149 5.20 -27.00 2.39
CA LYS A 149 4.99 -26.39 1.10
C LYS A 149 5.79 -25.09 0.98
N PHE A 150 6.29 -24.55 2.11
CA PHE A 150 7.02 -23.29 2.05
C PHE A 150 8.31 -23.10 2.89
N GLY A 151 8.38 -23.34 4.20
CA GLY A 151 9.68 -23.08 4.82
C GLY A 151 9.86 -23.20 6.34
N PHE A 152 10.94 -23.90 6.67
CA PHE A 152 11.38 -24.24 8.03
C PHE A 152 11.99 -23.08 8.86
N ASP A 153 12.11 -21.87 8.34
CA ASP A 153 12.83 -20.79 9.07
C ASP A 153 12.34 -20.42 10.48
N PRO A 154 13.21 -19.71 11.26
CA PRO A 154 12.95 -19.28 12.64
C PRO A 154 11.81 -18.27 12.83
N PHE A 155 12.11 -16.99 12.68
CA PHE A 155 11.12 -15.96 12.97
C PHE A 155 9.75 -16.24 12.39
N ILE A 156 9.64 -16.77 11.18
CA ILE A 156 8.31 -17.06 10.62
C ILE A 156 7.59 -18.09 11.48
N SER A 157 8.33 -19.06 12.00
CA SER A 157 7.70 -20.09 12.80
C SER A 157 7.41 -19.68 14.22
N THR A 158 8.20 -18.77 14.78
CA THR A 158 7.86 -18.34 16.13
C THR A 158 6.60 -17.49 16.03
N ASN A 159 6.41 -16.91 14.86
CA ASN A 159 5.24 -16.10 14.62
C ASN A 159 3.99 -16.96 14.69
N ILE A 160 3.92 -17.97 13.83
CA ILE A 160 2.76 -18.86 13.78
C ILE A 160 2.40 -19.40 15.15
N GLN A 161 3.40 -19.66 15.98
CA GLN A 161 3.16 -20.14 17.34
C GLN A 161 2.31 -19.10 18.06
N TYR A 162 2.81 -17.86 18.01
CA TYR A 162 2.17 -16.69 18.61
C TYR A 162 0.73 -16.58 18.15
N PHE A 163 0.55 -16.74 16.84
CA PHE A 163 -0.75 -16.65 16.29
C PHE A 163 -1.69 -17.74 16.85
N LEU A 164 -1.28 -18.99 16.78
CA LEU A 164 -2.12 -20.11 17.21
C LEU A 164 -2.51 -20.09 18.69
N ASP A 165 -1.61 -19.73 19.59
CA ASP A 165 -1.98 -19.68 21.01
C ASP A 165 -3.19 -18.79 21.19
N ARG A 166 -3.09 -17.60 20.58
CA ARG A 166 -4.12 -16.59 20.62
C ARG A 166 -5.36 -17.01 19.83
N PHE A 167 -5.13 -17.56 18.64
CA PHE A 167 -6.26 -17.98 17.83
C PHE A 167 -7.11 -19.00 18.58
N TYR A 168 -6.45 -20.05 19.05
CA TYR A 168 -7.16 -21.10 19.76
C TYR A 168 -7.75 -20.63 21.07
N THR A 169 -6.99 -19.86 21.86
CA THR A 169 -7.52 -19.37 23.13
C THR A 169 -8.80 -18.57 22.90
N ASN A 170 -8.79 -17.70 21.90
CA ASN A 170 -9.97 -16.94 21.59
C ASN A 170 -11.11 -17.90 21.31
N ARG A 171 -10.84 -18.88 20.46
CA ARG A 171 -11.85 -19.89 20.12
C ARG A 171 -12.39 -20.51 21.40
N ILE A 172 -11.48 -20.96 22.25
CA ILE A 172 -11.88 -21.55 23.51
C ILE A 172 -12.84 -20.61 24.23
N SER A 173 -12.49 -19.33 24.31
CA SER A 173 -13.32 -18.36 25.01
C SER A 173 -14.64 -18.18 24.31
N PHE A 174 -14.64 -18.20 22.98
CA PHE A 174 -15.87 -18.01 22.21
C PHE A 174 -16.90 -19.06 22.58
N ARG A 175 -16.51 -20.34 22.61
CA ARG A 175 -17.47 -21.36 22.97
C ARG A 175 -17.91 -21.22 24.42
N MET A 176 -16.99 -20.82 25.29
CA MET A 176 -17.32 -20.64 26.70
C MET A 176 -18.49 -19.71 26.88
N LEU A 177 -18.46 -18.60 26.14
CA LEU A 177 -19.51 -17.59 26.22
C LEU A 177 -20.84 -18.12 25.64
N ILE A 178 -20.77 -18.76 24.47
CA ILE A 178 -21.97 -19.29 23.85
C ILE A 178 -22.62 -20.41 24.67
N ASN A 179 -21.81 -21.33 25.19
CA ASN A 179 -22.31 -22.45 25.99
C ASN A 179 -23.11 -21.97 27.20
N GLN A 180 -22.61 -20.92 27.84
CA GLN A 180 -23.29 -20.36 29.01
C GLN A 180 -24.64 -19.78 28.63
N HIS A 181 -24.74 -19.10 27.49
CA HIS A 181 -26.00 -18.54 27.07
C HIS A 181 -27.00 -19.61 26.63
N THR A 182 -26.56 -20.56 25.80
CA THR A 182 -27.49 -21.57 25.31
C THR A 182 -27.96 -22.46 26.44
N LEU A 183 -27.02 -22.91 27.27
CA LEU A 183 -27.41 -23.75 28.38
C LEU A 183 -28.30 -23.01 29.37
N LEU A 184 -28.01 -21.73 29.60
CA LEU A 184 -28.82 -20.97 30.53
C LEU A 184 -30.20 -20.61 29.99
N PHE A 185 -30.32 -20.29 28.72
CA PHE A 185 -31.61 -19.82 28.23
C PHE A 185 -32.28 -20.66 27.14
N GLY A 186 -31.59 -21.63 26.57
CA GLY A 186 -32.22 -22.48 25.56
C GLY A 186 -33.21 -23.43 26.22
N GLY A 187 -33.20 -23.34 27.54
CA GLY A 187 -34.04 -24.11 28.44
C GLY A 187 -34.29 -25.56 28.06
N ASP A 188 -33.32 -26.24 27.46
CA ASP A 188 -33.57 -27.63 27.10
C ASP A 188 -34.05 -28.42 28.32
N THR A 189 -35.36 -28.67 28.28
CA THR A 189 -36.18 -29.37 29.27
C THR A 189 -35.43 -30.34 30.20
N ASN A 190 -34.69 -31.30 29.67
CA ASN A 190 -33.96 -32.25 30.52
C ASN A 190 -32.45 -31.98 30.43
N PRO A 191 -31.91 -31.17 31.36
CA PRO A 191 -30.50 -30.80 31.45
C PRO A 191 -29.61 -31.98 31.78
N VAL A 192 -28.62 -32.25 30.93
CA VAL A 192 -27.68 -33.35 31.13
C VAL A 192 -27.06 -33.29 32.54
N HIS A 193 -26.54 -32.13 32.91
CA HIS A 193 -25.93 -31.90 34.22
C HIS A 193 -26.82 -30.95 35.05
N PRO A 194 -27.69 -31.51 35.94
CA PRO A 194 -28.68 -30.87 36.84
C PRO A 194 -28.17 -30.00 38.00
N LYS A 195 -26.92 -30.13 38.46
CA LYS A 195 -26.46 -29.29 39.59
C LYS A 195 -25.60 -28.10 39.12
N HIS A 196 -25.03 -28.29 37.92
CA HIS A 196 -24.17 -27.36 37.22
C HIS A 196 -24.87 -26.07 36.86
N ILE A 197 -24.07 -25.01 36.72
CA ILE A 197 -24.53 -23.71 36.28
C ILE A 197 -23.91 -23.48 34.91
N GLY A 198 -24.65 -23.89 33.88
CA GLY A 198 -24.09 -23.82 32.57
C GLY A 198 -23.11 -24.96 32.49
N SER A 199 -21.85 -24.67 32.23
CA SER A 199 -20.83 -25.69 32.18
C SER A 199 -20.02 -25.71 33.47
N ILE A 200 -20.31 -24.76 34.36
CA ILE A 200 -19.56 -24.60 35.60
C ILE A 200 -20.06 -25.38 36.79
N ASP A 201 -19.15 -26.19 37.34
CA ASP A 201 -19.46 -26.96 38.52
C ASP A 201 -19.09 -26.14 39.74
N PRO A 202 -20.09 -25.66 40.49
CA PRO A 202 -19.81 -24.86 41.69
C PRO A 202 -19.06 -25.64 42.78
N THR A 203 -19.32 -26.93 42.87
CA THR A 203 -18.74 -27.81 43.88
C THR A 203 -17.94 -28.94 43.20
N CYS A 204 -16.89 -28.60 42.47
CA CYS A 204 -16.14 -29.62 41.72
C CYS A 204 -15.09 -30.36 42.54
N ASN A 205 -15.22 -31.69 42.60
CA ASN A 205 -14.27 -32.50 43.32
C ASN A 205 -13.09 -32.82 42.41
N VAL A 206 -11.97 -32.17 42.67
CA VAL A 206 -10.77 -32.37 41.87
C VAL A 206 -10.29 -33.82 41.87
N ALA A 207 -10.34 -34.47 43.03
CA ALA A 207 -9.91 -35.87 43.11
C ALA A 207 -10.75 -36.74 42.17
N ASP A 208 -12.03 -36.43 42.08
CA ASP A 208 -12.94 -37.16 41.21
C ASP A 208 -12.58 -36.99 39.72
N VAL A 209 -12.41 -35.75 39.25
CA VAL A 209 -12.07 -35.51 37.84
C VAL A 209 -10.73 -36.16 37.49
N VAL A 210 -9.89 -36.33 38.50
CA VAL A 210 -8.61 -36.97 38.29
C VAL A 210 -8.78 -38.47 38.06
N LYS A 211 -9.58 -39.14 38.90
CA LYS A 211 -9.79 -40.59 38.75
C LYS A 211 -10.46 -40.92 37.42
N ASP A 212 -11.37 -40.06 36.97
CA ASP A 212 -12.01 -40.33 35.69
C ASP A 212 -11.04 -40.13 34.56
N ALA A 213 -10.39 -38.97 34.52
CA ALA A 213 -9.40 -38.73 33.49
C ALA A 213 -8.48 -39.96 33.40
N TYR A 214 -8.08 -40.46 34.57
CA TYR A 214 -7.21 -41.63 34.63
C TYR A 214 -7.92 -42.91 34.14
N GLU A 215 -9.07 -43.22 34.73
CA GLU A 215 -9.81 -44.42 34.34
C GLU A 215 -9.85 -44.57 32.84
N THR A 216 -10.15 -43.48 32.12
CA THR A 216 -10.30 -43.59 30.67
C THR A 216 -8.98 -43.69 29.90
N ALA A 217 -7.91 -43.09 30.41
CA ALA A 217 -6.63 -43.24 29.73
C ALA A 217 -6.14 -44.67 29.95
N LYS A 218 -6.59 -45.24 31.07
CA LYS A 218 -6.23 -46.59 31.44
C LYS A 218 -6.93 -47.59 30.52
N MET A 219 -8.22 -47.39 30.30
CA MET A 219 -8.98 -48.27 29.43
C MET A 219 -8.34 -48.33 28.05
N LEU A 220 -7.87 -47.17 27.56
CA LEU A 220 -7.22 -47.06 26.27
C LEU A 220 -5.93 -47.83 26.28
N CYS A 221 -5.17 -47.57 27.33
CA CYS A 221 -3.90 -48.24 27.54
C CYS A 221 -4.17 -49.75 27.48
N GLU A 222 -5.04 -50.17 28.38
CA GLU A 222 -5.51 -51.53 28.53
C GLU A 222 -5.75 -52.23 27.16
N GLN A 223 -6.49 -51.58 26.26
CA GLN A 223 -6.83 -52.16 24.96
C GLN A 223 -5.65 -52.23 24.01
N TYR A 224 -4.77 -51.23 24.06
CA TYR A 224 -3.64 -51.20 23.14
C TYR A 224 -2.33 -51.73 23.70
N TYR A 225 -2.23 -51.95 24.99
CA TYR A 225 -0.98 -52.48 25.55
C TYR A 225 -1.24 -53.72 26.43
N LEU A 226 -2.53 -53.95 26.72
CA LEU A 226 -2.98 -55.07 27.56
C LEU A 226 -2.42 -54.92 28.95
N VAL A 227 -1.82 -53.76 29.20
CA VAL A 227 -1.15 -53.47 30.44
C VAL A 227 -1.36 -51.99 30.84
N ALA A 228 -1.20 -51.65 32.11
CA ALA A 228 -1.37 -50.26 32.57
C ALA A 228 -0.89 -50.01 34.01
N PRO A 229 -0.21 -48.87 34.25
CA PRO A 229 0.30 -48.49 35.58
C PRO A 229 -0.83 -48.11 36.53
N GLU A 230 -0.83 -48.62 37.76
CA GLU A 230 -1.90 -48.26 38.69
C GLU A 230 -1.84 -46.77 39.01
N LEU A 231 -2.89 -46.25 39.64
CA LEU A 231 -2.90 -44.84 40.02
C LEU A 231 -2.74 -44.70 41.52
N GLU A 232 -2.18 -43.58 41.94
CA GLU A 232 -2.01 -43.29 43.35
C GLU A 232 -2.40 -41.84 43.61
N VAL A 233 -3.26 -41.59 44.58
CA VAL A 233 -3.68 -40.22 44.84
C VAL A 233 -3.52 -39.78 46.29
N GLU A 234 -3.00 -38.57 46.44
CA GLU A 234 -2.80 -37.94 47.74
C GLU A 234 -3.32 -36.54 47.66
N GLU A 235 -4.12 -36.17 48.64
CA GLU A 235 -4.61 -34.81 48.70
C GLU A 235 -4.04 -34.16 49.91
N PHE A 236 -3.76 -32.88 49.79
CA PHE A 236 -3.38 -32.12 50.95
C PHE A 236 -4.02 -30.77 50.85
N ASN A 237 -5.02 -30.56 51.69
CA ASN A 237 -5.72 -29.30 51.72
C ASN A 237 -5.19 -28.46 52.85
N ALA A 238 -4.33 -27.50 52.52
CA ALA A 238 -3.77 -26.63 53.55
C ALA A 238 -4.90 -25.84 54.18
N LYS A 239 -5.71 -25.23 53.32
CA LYS A 239 -6.85 -24.43 53.68
C LYS A 239 -7.66 -25.03 54.86
N ALA A 240 -8.10 -26.29 54.72
CA ALA A 240 -8.89 -27.05 55.72
C ALA A 240 -8.49 -28.56 55.67
N PRO A 241 -7.35 -28.94 56.26
CA PRO A 241 -6.67 -30.24 56.39
C PRO A 241 -7.50 -31.50 56.18
N ASP A 242 -8.82 -31.48 56.05
CA ASP A 242 -9.49 -32.77 55.83
C ASP A 242 -10.68 -32.73 54.88
N LYS A 243 -11.21 -31.53 54.68
CA LYS A 243 -12.30 -31.36 53.73
C LYS A 243 -11.71 -31.64 52.33
N PRO A 244 -12.30 -32.58 51.57
CA PRO A 244 -11.75 -32.84 50.23
C PRO A 244 -11.66 -31.57 49.42
N ILE A 245 -10.69 -31.54 48.51
CA ILE A 245 -10.41 -30.37 47.69
C ILE A 245 -11.36 -30.18 46.52
N GLN A 246 -12.18 -29.14 46.64
CA GLN A 246 -13.13 -28.82 45.60
C GLN A 246 -12.85 -27.44 45.05
N VAL A 247 -13.36 -27.19 43.85
CA VAL A 247 -13.17 -25.88 43.26
C VAL A 247 -14.30 -25.56 42.30
N VAL A 248 -14.32 -24.29 41.90
CA VAL A 248 -15.29 -23.76 40.94
C VAL A 248 -14.60 -23.79 39.58
N TYR A 249 -15.01 -24.69 38.70
CA TYR A 249 -14.34 -24.78 37.43
C TYR A 249 -15.23 -25.47 36.43
N VAL A 250 -14.80 -25.46 35.17
CA VAL A 250 -15.51 -26.20 34.16
C VAL A 250 -14.88 -27.58 34.15
N PRO A 251 -15.57 -28.58 34.75
CA PRO A 251 -15.13 -29.97 34.87
C PRO A 251 -14.46 -30.53 33.60
N SER A 252 -15.12 -30.36 32.45
CA SER A 252 -14.62 -30.88 31.18
C SER A 252 -13.29 -30.31 30.78
N HIS A 253 -13.09 -29.01 30.94
CA HIS A 253 -11.80 -28.44 30.60
C HIS A 253 -10.72 -29.18 31.36
N LEU A 254 -10.89 -29.21 32.68
CA LEU A 254 -9.97 -29.89 33.57
C LEU A 254 -9.75 -31.34 33.16
N PHE A 255 -10.83 -32.09 33.01
CA PHE A 255 -10.73 -33.49 32.61
C PHE A 255 -9.79 -33.66 31.43
N HIS A 256 -9.85 -32.76 30.46
CA HIS A 256 -9.04 -32.91 29.27
C HIS A 256 -7.56 -32.72 29.50
N MET A 257 -7.21 -31.80 30.40
CA MET A 257 -5.81 -31.55 30.71
C MET A 257 -5.25 -32.75 31.42
N LEU A 258 -6.02 -33.28 32.36
CA LEU A 258 -5.60 -34.44 33.10
C LEU A 258 -5.41 -35.65 32.20
N PHE A 259 -6.41 -35.93 31.36
CA PHE A 259 -6.32 -37.07 30.45
C PHE A 259 -5.02 -36.99 29.66
N GLU A 260 -4.81 -35.86 29.01
CA GLU A 260 -3.61 -35.62 28.21
C GLU A 260 -2.37 -36.11 28.98
N LEU A 261 -2.16 -35.54 30.15
CA LEU A 261 -1.03 -35.87 31.00
C LEU A 261 -0.96 -37.36 31.36
N PHE A 262 -2.06 -37.93 31.86
CA PHE A 262 -2.08 -39.35 32.22
C PHE A 262 -1.74 -40.22 31.03
N LYS A 263 -2.29 -39.86 29.88
CA LYS A 263 -2.01 -40.60 28.67
C LYS A 263 -0.49 -40.68 28.46
N ASN A 264 0.17 -39.52 28.52
CA ASN A 264 1.62 -39.40 28.32
C ASN A 264 2.46 -40.14 29.34
N SER A 265 2.11 -40.06 30.61
CA SER A 265 2.86 -40.75 31.66
C SER A 265 2.63 -42.23 31.58
N MET A 266 1.45 -42.65 31.14
CA MET A 266 1.21 -44.06 31.03
C MET A 266 1.95 -44.61 29.82
N ARG A 267 2.03 -43.85 28.73
CA ARG A 267 2.77 -44.32 27.55
C ARG A 267 4.23 -44.54 27.92
N ALA A 268 4.88 -43.49 28.40
CA ALA A 268 6.30 -43.49 28.79
C ALA A 268 6.65 -44.59 29.75
N THR A 269 5.79 -44.85 30.73
CA THR A 269 6.04 -45.88 31.75
C THR A 269 6.11 -47.29 31.15
N VAL A 270 5.05 -47.70 30.44
CA VAL A 270 4.95 -49.01 29.79
C VAL A 270 6.12 -49.27 28.86
N GLU A 271 6.38 -48.31 27.98
CA GLU A 271 7.45 -48.40 27.01
C GLU A 271 8.81 -48.69 27.65
N LEU A 272 9.01 -48.23 28.88
CA LEU A 272 10.29 -48.44 29.52
C LEU A 272 10.33 -49.75 30.29
N TYR A 273 9.28 -50.06 31.02
CA TYR A 273 9.26 -51.27 31.80
C TYR A 273 8.81 -52.47 31.02
N GLU A 274 8.58 -52.28 29.73
CA GLU A 274 8.11 -53.35 28.85
C GLU A 274 9.10 -54.49 28.74
N ASP A 275 10.40 -54.18 28.65
CA ASP A 275 11.42 -55.23 28.52
C ASP A 275 12.10 -55.61 29.85
N ARG A 276 11.75 -54.90 30.93
CA ARG A 276 12.25 -55.21 32.28
C ARG A 276 11.38 -56.39 32.81
N LYS A 277 11.27 -56.58 34.11
CA LYS A 277 10.42 -57.67 34.61
C LYS A 277 9.83 -57.32 35.95
N GLU A 278 9.64 -56.03 36.17
CA GLU A 278 9.18 -55.51 37.45
C GLU A 278 7.71 -55.06 37.48
N GLY A 279 6.95 -55.36 36.45
CA GLY A 279 5.59 -54.87 36.44
C GLY A 279 5.58 -53.42 35.98
N TYR A 280 4.67 -52.59 36.49
CA TYR A 280 4.64 -51.20 36.06
C TYR A 280 4.50 -50.26 37.21
N PRO A 281 5.49 -49.34 37.36
CA PRO A 281 5.48 -48.34 38.43
C PRO A 281 4.20 -47.52 38.38
N ALA A 282 3.60 -47.25 39.53
CA ALA A 282 2.38 -46.50 39.55
C ALA A 282 2.60 -45.07 39.09
N VAL A 283 1.53 -44.44 38.64
CA VAL A 283 1.60 -43.05 38.25
C VAL A 283 1.02 -42.29 39.42
N LYS A 284 1.86 -41.52 40.11
CA LYS A 284 1.41 -40.81 41.29
C LYS A 284 0.83 -39.45 40.99
N THR A 285 -0.24 -39.11 41.71
CA THR A 285 -0.87 -37.83 41.58
C THR A 285 -0.92 -37.17 42.94
N LEU A 286 -0.75 -35.86 42.98
CA LEU A 286 -0.83 -35.14 44.24
C LEU A 286 -1.61 -33.87 44.02
N VAL A 287 -2.72 -33.74 44.73
CA VAL A 287 -3.53 -32.55 44.65
C VAL A 287 -3.35 -31.73 45.90
N THR A 288 -3.15 -30.44 45.74
CA THR A 288 -2.99 -29.59 46.90
C THR A 288 -3.77 -28.33 46.71
N LEU A 289 -4.30 -27.82 47.81
CA LEU A 289 -5.05 -26.58 47.81
C LEU A 289 -4.43 -25.64 48.81
N GLY A 290 -3.91 -24.54 48.31
CA GLY A 290 -3.33 -23.57 49.21
C GLY A 290 -4.17 -22.34 49.21
N LYS A 291 -3.65 -21.28 49.78
CA LYS A 291 -4.33 -20.01 49.85
C LYS A 291 -4.76 -19.51 48.47
N GLU A 292 -3.91 -19.59 47.45
CA GLU A 292 -4.37 -19.08 46.17
C GLU A 292 -4.11 -20.00 44.99
N ASP A 293 -3.45 -21.12 45.24
CA ASP A 293 -3.12 -22.09 44.20
C ASP A 293 -3.80 -23.40 44.41
N LEU A 294 -4.42 -23.93 43.36
CA LEU A 294 -4.88 -25.28 43.41
C LEU A 294 -3.88 -25.97 42.52
N SER A 295 -3.15 -26.94 43.01
CA SER A 295 -2.13 -27.57 42.21
C SER A 295 -2.36 -29.03 42.11
N ILE A 296 -2.11 -29.56 40.93
CA ILE A 296 -2.27 -30.99 40.69
C ILE A 296 -1.02 -31.48 40.01
N LYS A 297 -0.40 -32.51 40.55
CA LYS A 297 0.83 -33.00 39.96
C LYS A 297 0.75 -34.45 39.63
N ILE A 298 1.13 -34.78 38.40
CA ILE A 298 1.14 -36.15 37.94
C ILE A 298 2.57 -36.55 37.69
N SER A 299 3.07 -37.49 38.49
CA SER A 299 4.45 -37.93 38.37
C SER A 299 4.53 -39.33 37.79
N ASP A 300 5.54 -39.57 36.94
CA ASP A 300 5.80 -40.87 36.32
C ASP A 300 7.30 -41.14 36.19
N LEU A 301 7.67 -42.42 36.09
CA LEU A 301 9.07 -42.83 35.94
C LEU A 301 9.30 -43.38 34.52
N GLY A 302 8.96 -42.56 33.54
CA GLY A 302 9.09 -43.00 32.17
C GLY A 302 10.45 -42.78 31.56
N GLY A 303 11.43 -42.35 32.35
CA GLY A 303 12.76 -42.16 31.78
C GLY A 303 13.12 -40.71 31.57
N GLY A 304 12.18 -39.83 31.87
CA GLY A 304 12.47 -38.42 31.73
C GLY A 304 12.82 -38.01 30.32
N VAL A 305 13.01 -36.71 30.17
CA VAL A 305 13.33 -36.14 28.87
C VAL A 305 14.33 -35.00 28.97
N PRO A 306 15.30 -34.96 28.04
CA PRO A 306 16.25 -33.84 28.13
C PRO A 306 15.54 -32.50 28.15
N LEU A 307 16.01 -31.58 28.97
CA LEU A 307 15.41 -30.26 29.04
C LEU A 307 15.12 -29.73 27.63
N ARG A 308 16.17 -29.77 26.82
CA ARG A 308 16.17 -29.31 25.45
C ARG A 308 14.88 -29.57 24.65
N LYS A 309 14.34 -30.77 24.74
CA LYS A 309 13.15 -31.11 23.99
C LYS A 309 11.88 -30.81 24.76
N ILE A 310 11.99 -30.62 26.07
CA ILE A 310 10.80 -30.34 26.89
C ILE A 310 10.06 -29.09 26.38
N ASP A 311 10.84 -28.06 26.09
CA ASP A 311 10.30 -26.78 25.62
C ASP A 311 9.54 -26.93 24.33
N ARG A 312 10.14 -27.67 23.41
CA ARG A 312 9.53 -27.92 22.13
C ARG A 312 8.11 -28.43 22.31
N LEU A 313 7.92 -29.36 23.25
CA LEU A 313 6.64 -30.01 23.54
C LEU A 313 5.36 -29.20 23.34
N PHE A 314 5.38 -27.91 23.64
CA PHE A 314 4.17 -27.11 23.53
C PHE A 314 4.05 -26.36 22.20
N ASN A 315 4.88 -26.72 21.24
CA ASN A 315 4.84 -26.07 19.94
C ASN A 315 4.04 -26.90 18.96
N TYR A 316 3.54 -26.23 17.94
CA TYR A 316 2.72 -26.87 16.94
C TYR A 316 3.56 -27.36 15.76
N ALA A 331 10.79 -44.52 16.89
CA ALA A 331 10.64 -45.88 16.37
C ALA A 331 9.52 -46.63 17.10
N ALA A 332 8.54 -45.87 17.61
CA ALA A 332 7.35 -46.37 18.35
C ALA A 332 6.20 -45.30 18.14
N PRO A 333 4.89 -45.72 18.15
CA PRO A 333 3.69 -44.82 17.94
C PRO A 333 2.53 -44.90 19.02
N LEU A 334 1.34 -45.30 18.52
CA LEU A 334 0.11 -45.72 19.26
C LEU A 334 -1.09 -44.88 19.81
N ALA A 335 -1.16 -43.56 19.94
CA ALA A 335 -2.43 -43.06 20.57
C ALA A 335 -2.68 -41.54 20.61
N GLY A 336 -2.66 -40.85 19.47
CA GLY A 336 -2.97 -39.42 19.47
C GLY A 336 -4.48 -39.20 19.65
N PHE A 337 -4.95 -39.32 20.88
CA PHE A 337 -6.37 -39.23 21.21
C PHE A 337 -6.81 -37.89 21.78
N GLY A 338 -6.13 -37.40 22.82
CA GLY A 338 -6.52 -36.17 23.51
C GLY A 338 -6.46 -34.87 22.72
N TYR A 339 -6.17 -33.77 23.43
CA TYR A 339 -6.09 -32.45 22.79
C TYR A 339 -4.67 -32.00 22.45
N GLY A 340 -3.68 -32.73 22.94
CA GLY A 340 -2.31 -32.34 22.70
C GLY A 340 -1.86 -31.41 23.81
N LEU A 341 -0.58 -31.41 24.13
CA LEU A 341 -0.09 -30.55 25.20
C LEU A 341 -0.36 -29.06 24.98
N PRO A 342 -0.12 -28.55 23.75
CA PRO A 342 -0.35 -27.13 23.48
C PRO A 342 -1.75 -26.66 23.87
N ILE A 343 -2.76 -27.31 23.31
CA ILE A 343 -4.13 -26.93 23.60
C ILE A 343 -4.42 -27.11 25.09
N SER A 344 -3.99 -28.26 25.60
CA SER A 344 -4.17 -28.57 27.01
C SER A 344 -3.72 -27.41 27.88
N ARG A 345 -2.57 -26.83 27.53
CA ARG A 345 -2.07 -25.74 28.31
C ARG A 345 -2.85 -24.47 28.06
N LEU A 346 -3.43 -24.30 26.88
CA LEU A 346 -4.19 -23.09 26.64
C LEU A 346 -5.36 -23.09 27.59
N TYR A 347 -5.96 -24.26 27.73
CA TYR A 347 -7.10 -24.41 28.63
C TYR A 347 -6.80 -23.92 30.03
N ALA A 348 -5.63 -24.31 30.53
CA ALA A 348 -5.15 -23.95 31.87
C ALA A 348 -4.88 -22.46 32.01
N ARG A 349 -4.14 -21.92 31.05
CA ARG A 349 -3.78 -20.51 31.05
C ARG A 349 -5.02 -19.65 30.89
N TYR A 350 -6.01 -20.19 30.18
CA TYR A 350 -7.25 -19.49 29.93
C TYR A 350 -7.89 -18.84 31.18
N PHE A 351 -7.89 -19.55 32.32
CA PHE A 351 -8.44 -18.97 33.53
C PHE A 351 -7.38 -18.64 34.56
N GLN A 352 -6.31 -17.98 34.10
CA GLN A 352 -5.16 -17.53 34.91
C GLN A 352 -4.41 -18.68 35.58
N GLY A 353 -4.42 -19.84 34.95
CA GLY A 353 -3.72 -20.99 35.49
C GLY A 353 -2.55 -21.32 34.61
N ASP A 354 -2.02 -22.53 34.69
CA ASP A 354 -0.88 -22.91 33.85
C ASP A 354 -0.58 -24.40 33.92
N LEU A 355 0.16 -24.87 32.94
CA LEU A 355 0.59 -26.26 32.90
C LEU A 355 2.10 -26.23 32.64
N LYS A 356 2.88 -26.91 33.47
CA LYS A 356 4.32 -26.88 33.30
C LYS A 356 4.92 -28.26 33.42
N LEU A 357 5.96 -28.52 32.65
CA LEU A 357 6.61 -29.83 32.68
C LEU A 357 8.04 -29.75 33.18
N TYR A 358 8.34 -30.60 34.16
CA TYR A 358 9.67 -30.67 34.71
C TYR A 358 10.14 -32.08 34.60
N SER A 359 11.36 -32.29 34.13
CA SER A 359 11.82 -33.65 34.01
C SER A 359 13.24 -33.83 34.40
N MET A 360 13.56 -35.00 34.93
CA MET A 360 14.92 -35.36 35.25
C MET A 360 15.28 -36.44 34.25
N GLU A 361 15.93 -36.06 33.16
CA GLU A 361 16.27 -37.03 32.15
C GLU A 361 16.99 -38.20 32.72
N GLY A 362 16.47 -39.39 32.44
CA GLY A 362 17.07 -40.62 32.92
C GLY A 362 16.19 -41.31 33.94
N VAL A 363 15.31 -40.54 34.58
CA VAL A 363 14.40 -41.10 35.58
C VAL A 363 12.93 -40.87 35.23
N GLY A 364 12.39 -39.68 35.45
CA GLY A 364 10.97 -39.48 35.17
C GLY A 364 10.56 -38.04 34.92
N THR A 365 9.28 -37.77 35.11
CA THR A 365 8.76 -36.43 34.84
C THR A 365 7.61 -35.98 35.74
N ASP A 366 7.62 -34.70 36.10
CA ASP A 366 6.57 -34.12 36.90
C ASP A 366 5.80 -33.14 36.05
N ALA A 367 4.54 -33.47 35.79
CA ALA A 367 3.63 -32.61 35.03
C ALA A 367 2.71 -31.95 36.04
N VAL A 368 2.59 -30.63 35.94
CA VAL A 368 1.83 -29.88 36.92
C VAL A 368 0.83 -28.91 36.35
N ILE A 369 -0.40 -28.99 36.85
CA ILE A 369 -1.46 -28.07 36.45
C ILE A 369 -1.72 -27.12 37.61
N TYR A 370 -1.69 -25.83 37.30
CA TYR A 370 -1.91 -24.77 38.27
C TYR A 370 -3.23 -24.12 37.97
N LEU A 371 -4.10 -24.06 38.95
CA LEU A 371 -5.40 -23.40 38.80
C LEU A 371 -5.62 -22.48 39.99
N LYS A 372 -6.20 -21.31 39.76
CA LYS A 372 -6.41 -20.39 40.85
C LYS A 372 -7.38 -20.98 41.87
N ALA A 373 -7.03 -20.90 43.14
CA ALA A 373 -7.92 -21.43 44.16
C ALA A 373 -9.25 -20.68 44.13
N LEU A 374 -9.19 -19.35 44.04
CA LEU A 374 -10.41 -18.50 44.04
C LEU A 374 -10.95 -18.18 42.68
N SER A 375 -12.25 -18.36 42.50
CA SER A 375 -12.86 -18.04 41.23
C SER A 375 -12.86 -16.54 41.02
N SER A 376 -12.83 -15.79 42.12
CA SER A 376 -12.82 -14.32 42.05
C SER A 376 -11.58 -13.78 41.35
N GLU A 377 -10.54 -14.61 41.29
CA GLU A 377 -9.24 -14.29 40.67
C GLU A 377 -9.08 -14.97 39.30
N SER A 378 -10.00 -15.87 38.97
CA SER A 378 -10.01 -16.66 37.73
C SER A 378 -10.61 -15.91 36.55
N PHE A 379 -9.95 -14.87 36.07
CA PHE A 379 -10.46 -14.11 34.93
C PHE A 379 -10.04 -14.74 33.61
N GLU A 380 -10.86 -14.55 32.57
CA GLU A 380 -10.56 -15.05 31.23
C GLU A 380 -9.28 -14.40 30.71
N ARG A 381 -8.38 -15.16 30.08
CA ARG A 381 -7.13 -14.55 29.56
C ARG A 381 -7.20 -14.45 28.05
N LEU A 382 -7.65 -13.30 27.58
CA LEU A 382 -7.91 -13.09 26.15
C LEU A 382 -6.90 -12.29 25.36
N PRO A 383 -6.74 -12.68 24.09
CA PRO A 383 -5.82 -11.95 23.22
C PRO A 383 -6.54 -10.73 22.66
N VAL A 384 -5.94 -9.56 22.74
CA VAL A 384 -6.57 -8.35 22.21
C VAL A 384 -5.86 -7.91 20.95
N PHE A 385 -6.62 -7.43 19.96
CA PHE A 385 -5.96 -6.93 18.79
C PHE A 385 -5.78 -5.41 18.90
N ASN A 386 -4.57 -5.06 19.30
CA ASN A 386 -4.14 -3.69 19.41
C ASN A 386 -2.75 -3.62 18.76
N LYS A 387 -2.17 -2.45 18.67
CA LYS A 387 -0.86 -2.31 18.04
C LYS A 387 0.20 -3.16 18.71
N SER A 388 0.05 -3.41 20.01
CA SER A 388 1.02 -4.25 20.70
C SER A 388 1.07 -5.62 20.04
N ALA A 389 -0.10 -6.12 19.63
CA ALA A 389 -0.19 -7.40 18.94
C ALA A 389 0.36 -7.24 17.53
N TRP A 390 -0.01 -6.10 16.93
CA TRP A 390 0.36 -5.72 15.58
C TRP A 390 1.86 -5.89 15.31
N ARG A 391 2.66 -5.50 16.30
CA ARG A 391 4.09 -5.56 16.16
C ARG A 391 4.61 -6.96 15.85
N HIS A 392 4.09 -7.98 16.50
CA HIS A 392 4.59 -9.34 16.26
C HIS A 392 4.41 -9.85 14.83
N TYR A 393 3.36 -9.42 14.15
CA TYR A 393 3.17 -9.88 12.77
C TYR A 393 3.91 -8.96 11.79
N LYS A 394 4.54 -7.93 12.34
CA LYS A 394 5.26 -6.97 11.50
C LYS A 394 6.71 -6.80 11.91
N THR A 395 7.38 -7.91 12.18
CA THR A 395 8.78 -7.82 12.55
C THR A 395 9.66 -8.63 11.58
N THR A 396 10.80 -8.01 11.26
CA THR A 396 11.82 -8.57 10.37
C THR A 396 12.83 -9.33 11.23
N PRO A 397 13.48 -10.36 10.67
CA PRO A 397 14.45 -11.07 11.50
C PRO A 397 15.45 -10.10 12.09
N GLU A 398 16.01 -10.45 13.24
CA GLU A 398 16.96 -9.59 13.92
C GLU A 398 18.18 -10.35 14.39
N ALA A 399 19.13 -9.61 14.95
CA ALA A 399 20.33 -10.22 15.48
C ALA A 399 20.02 -10.78 16.88
N ASP A 400 20.81 -11.75 17.33
CA ASP A 400 20.58 -12.36 18.62
C ASP A 400 21.07 -11.48 19.74
N ASP A 401 20.21 -11.38 20.73
CA ASP A 401 20.44 -10.64 21.93
C ASP A 401 21.68 -11.18 22.66
N TRP A 402 21.97 -12.47 22.45
CA TRP A 402 23.07 -13.16 23.14
C TRP A 402 24.05 -13.85 22.20
N SER A 403 25.13 -14.36 22.78
CA SER A 403 26.19 -15.03 22.03
C SER A 403 25.77 -16.36 21.43
N ASN A 404 26.49 -16.72 20.38
CA ASN A 404 26.26 -17.97 19.69
C ASN A 404 27.58 -18.56 19.20
N PRO A 405 27.85 -19.82 19.57
CA PRO A 405 29.04 -20.58 19.24
C PRO A 405 29.19 -20.90 17.76
N SER A 406 30.43 -21.05 17.34
CA SER A 406 30.72 -21.47 15.99
C SER A 406 30.26 -22.93 15.90
N SER A 407 30.05 -23.44 14.70
CA SER A 407 29.62 -24.83 14.51
C SER A 407 30.84 -25.72 14.49
N GLU A 408 31.97 -25.05 14.36
CA GLU A 408 33.28 -25.65 14.31
C GLU A 408 34.22 -24.64 14.97
N PRO A 409 34.26 -24.61 16.32
CA PRO A 409 35.11 -23.68 17.08
C PRO A 409 36.60 -23.97 16.97
N ARG A 410 37.40 -22.91 17.10
CA ARG A 410 38.86 -23.02 17.06
C ARG A 410 39.35 -23.89 18.21
N ASP A 411 40.06 -24.97 17.87
CA ASP A 411 40.62 -25.89 18.85
C ASP A 411 41.65 -25.13 19.71
N ALA A 412 41.49 -25.17 21.03
CA ALA A 412 42.46 -24.55 21.91
C ALA A 412 43.68 -25.42 21.82
N SER A 413 44.75 -24.88 21.25
CA SER A 413 46.03 -25.55 20.99
C SER A 413 46.29 -25.49 19.47
N LYS B 27 35.69 6.81 21.86
CA LYS B 27 35.72 6.11 20.55
C LYS B 27 36.29 4.72 20.73
N GLN B 28 37.21 4.62 21.69
CA GLN B 28 37.83 3.36 22.04
C GLN B 28 36.73 2.30 22.31
N ILE B 29 35.83 2.69 23.22
CA ILE B 29 34.69 1.89 23.66
C ILE B 29 33.83 1.45 22.48
N GLU B 30 33.58 2.40 21.59
CA GLU B 30 32.79 2.18 20.40
C GLU B 30 33.42 1.07 19.58
N ARG B 31 34.74 1.11 19.50
CA ARG B 31 35.49 0.13 18.74
C ARG B 31 35.39 -1.27 19.33
N TYR B 32 35.49 -1.35 20.64
CA TYR B 32 35.44 -2.62 21.32
C TYR B 32 34.03 -3.14 21.47
N SER B 33 33.06 -2.25 21.45
CA SER B 33 31.68 -2.67 21.59
C SER B 33 31.11 -3.29 20.32
N ARG B 34 31.67 -2.97 19.16
CA ARG B 34 31.16 -3.55 17.91
C ARG B 34 31.69 -4.96 17.68
N PHE B 35 32.64 -5.34 18.54
CA PHE B 35 33.24 -6.67 18.55
C PHE B 35 32.27 -7.61 19.26
N SER B 36 32.11 -8.82 18.76
CA SER B 36 31.18 -9.72 19.44
C SER B 36 31.90 -10.67 20.37
N PRO B 37 31.43 -10.78 21.62
CA PRO B 37 31.99 -11.65 22.64
C PRO B 37 32.28 -13.05 22.08
N SER B 38 33.41 -13.65 22.44
CA SER B 38 33.74 -14.99 21.94
C SER B 38 33.49 -16.02 23.02
N PRO B 39 32.51 -16.91 22.82
CA PRO B 39 32.13 -17.98 23.75
C PRO B 39 33.12 -19.12 23.78
N LEU B 40 33.46 -19.56 24.98
CA LEU B 40 34.35 -20.70 25.17
C LEU B 40 33.61 -21.80 25.92
N SER B 41 33.91 -23.05 25.57
CA SER B 41 33.26 -24.17 26.20
C SER B 41 34.14 -24.70 27.32
N ILE B 42 33.58 -25.51 28.21
CA ILE B 42 34.38 -26.04 29.28
C ILE B 42 35.47 -26.91 28.68
N LYS B 43 35.20 -27.52 27.53
CA LYS B 43 36.21 -28.37 26.93
C LYS B 43 37.37 -27.55 26.44
N GLN B 44 37.10 -26.39 25.85
CA GLN B 44 38.20 -25.56 25.39
C GLN B 44 39.02 -25.09 26.61
N PHE B 45 38.34 -24.63 27.65
CA PHE B 45 38.97 -24.19 28.88
C PHE B 45 39.84 -25.29 29.49
N LEU B 46 39.35 -26.53 29.48
CA LEU B 46 40.07 -27.66 30.06
C LEU B 46 41.26 -28.05 29.21
N ASP B 47 41.07 -28.05 27.89
CA ASP B 47 42.14 -28.42 26.98
C ASP B 47 43.28 -27.44 27.05
N PHE B 48 43.00 -26.16 26.85
CA PHE B 48 44.06 -25.16 26.87
C PHE B 48 44.94 -25.24 28.12
N GLY B 49 44.34 -25.28 29.30
CA GLY B 49 45.13 -25.29 30.51
C GLY B 49 45.66 -26.63 30.93
N ARG B 50 45.43 -27.66 30.14
CA ARG B 50 45.89 -29.00 30.49
C ARG B 50 47.02 -29.44 29.58
N ASP B 51 46.93 -29.02 28.32
CA ASP B 51 47.91 -29.32 27.28
C ASP B 51 48.80 -28.09 27.00
N ASN B 52 48.20 -27.00 26.50
CA ASN B 52 48.95 -25.77 26.21
C ASN B 52 49.55 -25.18 27.51
N ALA B 53 48.73 -24.42 28.24
CA ALA B 53 49.14 -23.78 29.47
C ALA B 53 50.22 -22.78 29.14
N CYS B 54 50.04 -22.11 28.00
CA CYS B 54 51.00 -21.12 27.58
C CYS B 54 50.58 -19.75 28.10
N GLU B 55 51.26 -19.29 29.15
CA GLU B 55 50.95 -17.99 29.73
C GLU B 55 51.04 -16.86 28.70
N LYS B 56 51.95 -16.96 27.73
CA LYS B 56 52.07 -15.93 26.69
C LYS B 56 50.78 -15.82 25.86
N THR B 57 50.25 -16.96 25.45
CA THR B 57 49.02 -17.00 24.67
C THR B 57 47.85 -16.42 25.49
N SER B 58 47.56 -17.01 26.65
CA SER B 58 46.49 -16.52 27.50
C SER B 58 46.51 -14.98 27.59
N TYR B 59 47.72 -14.43 27.76
CA TYR B 59 47.91 -13.00 27.82
C TYR B 59 47.31 -12.35 26.59
N MET B 60 47.74 -12.85 25.44
CA MET B 60 47.28 -12.35 24.17
C MET B 60 45.78 -12.45 24.04
N PHE B 61 45.18 -13.52 24.55
CA PHE B 61 43.73 -13.71 24.45
C PHE B 61 42.98 -12.74 25.36
N LEU B 62 43.32 -12.80 26.64
CA LEU B 62 42.67 -11.98 27.65
C LEU B 62 42.80 -10.48 27.45
N ARG B 63 43.90 -10.01 26.87
CA ARG B 63 44.09 -8.56 26.74
C ARG B 63 43.18 -7.95 25.70
N LYS B 64 42.59 -8.81 24.87
CA LYS B 64 41.69 -8.35 23.86
C LYS B 64 40.27 -8.67 24.24
N GLU B 65 40.05 -9.91 24.65
CA GLU B 65 38.72 -10.38 25.03
C GLU B 65 38.13 -9.64 26.22
N LEU B 66 38.89 -9.47 27.28
CA LEU B 66 38.34 -8.79 28.43
C LEU B 66 37.85 -7.38 28.09
N PRO B 67 38.70 -6.53 27.49
CA PRO B 67 38.16 -5.20 27.18
C PRO B 67 37.00 -5.26 26.18
N VAL B 68 36.85 -6.37 25.46
CA VAL B 68 35.71 -6.52 24.54
C VAL B 68 34.46 -6.76 25.37
N ARG B 69 34.56 -7.68 26.33
CA ARG B 69 33.45 -7.97 27.18
C ARG B 69 33.10 -6.73 28.02
N LEU B 70 34.12 -5.96 28.42
CA LEU B 70 33.89 -4.77 29.21
C LEU B 70 33.25 -3.65 28.41
N ALA B 71 33.49 -3.65 27.11
CA ALA B 71 32.90 -2.62 26.27
C ALA B 71 31.39 -2.85 26.17
N ASN B 72 31.02 -4.06 25.78
CA ASN B 72 29.63 -4.41 25.58
C ASN B 72 28.76 -4.20 26.82
N THR B 73 29.30 -4.37 28.02
CA THR B 73 28.49 -4.12 29.22
C THR B 73 28.35 -2.61 29.45
N MET B 74 29.40 -1.87 29.08
CA MET B 74 29.45 -0.43 29.27
C MET B 74 28.50 0.35 28.35
N ARG B 75 28.23 -0.19 27.17
CA ARG B 75 27.30 0.47 26.25
C ARG B 75 25.90 0.39 26.84
N GLU B 76 25.53 -0.80 27.29
CA GLU B 76 24.23 -1.01 27.87
C GLU B 76 24.05 -0.19 29.12
N VAL B 77 25.04 -0.22 30.03
CA VAL B 77 24.88 0.56 31.24
C VAL B 77 24.58 2.02 30.90
N ASN B 78 25.14 2.49 29.78
CA ASN B 78 24.96 3.87 29.35
C ASN B 78 23.63 4.10 28.63
N LEU B 79 22.86 3.03 28.45
CA LEU B 79 21.54 3.17 27.84
C LEU B 79 20.49 3.12 28.94
N LEU B 80 20.98 3.22 30.18
CA LEU B 80 20.11 3.20 31.35
C LEU B 80 19.38 4.53 31.54
N PRO B 81 18.08 4.49 31.85
CA PRO B 81 17.34 5.74 32.06
C PRO B 81 18.06 6.59 33.07
N ASP B 82 18.40 7.81 32.64
CA ASP B 82 19.21 8.74 33.42
C ASP B 82 18.87 8.88 34.91
N ASN B 83 17.61 8.86 35.30
CA ASN B 83 17.32 9.03 36.72
C ASN B 83 17.93 7.90 37.54
N LEU B 84 18.50 6.91 36.84
CA LEU B 84 19.16 5.78 37.48
C LEU B 84 20.66 5.88 37.26
N LEU B 85 21.05 6.17 36.03
CA LEU B 85 22.46 6.34 35.71
C LEU B 85 23.00 7.43 36.61
N ASN B 86 22.07 8.31 36.95
CA ASN B 86 22.21 9.45 37.84
C ASN B 86 22.85 9.05 39.18
N ARG B 87 22.15 8.12 39.83
CA ARG B 87 22.46 7.58 41.15
C ARG B 87 23.95 7.50 41.49
N PRO B 88 24.30 7.74 42.77
CA PRO B 88 25.65 7.72 43.36
C PRO B 88 26.37 6.40 43.12
N SER B 89 25.75 5.30 43.55
CA SER B 89 26.33 3.98 43.42
C SER B 89 26.61 3.62 41.98
N VAL B 90 25.75 4.08 41.08
CA VAL B 90 25.91 3.80 39.67
C VAL B 90 27.05 4.59 39.08
N GLY B 91 27.22 5.85 39.47
CA GLY B 91 28.34 6.57 38.93
C GLY B 91 29.59 5.75 39.19
N LEU B 92 29.72 5.37 40.46
CA LEU B 92 30.82 4.59 40.97
C LEU B 92 31.17 3.42 40.06
N VAL B 93 30.14 2.75 39.58
CA VAL B 93 30.29 1.59 38.73
C VAL B 93 30.75 1.95 37.34
N GLN B 94 30.07 2.90 36.71
CA GLN B 94 30.39 3.29 35.34
C GLN B 94 31.83 3.69 35.18
N SER B 95 32.37 4.33 36.20
CA SER B 95 33.76 4.72 36.17
C SER B 95 34.64 3.49 36.36
N TRP B 96 34.28 2.67 37.35
CA TRP B 96 35.01 1.45 37.67
C TRP B 96 35.25 0.58 36.43
N TYR B 97 34.22 0.41 35.62
CA TYR B 97 34.35 -0.38 34.39
C TYR B 97 35.29 0.32 33.45
N MET B 98 35.10 1.63 33.36
CA MET B 98 35.92 2.48 32.52
C MET B 98 37.39 2.30 32.88
N GLN B 99 37.62 2.33 34.18
CA GLN B 99 38.94 2.19 34.78
C GLN B 99 39.64 0.94 34.30
N SER B 100 38.92 -0.17 34.44
CA SER B 100 39.40 -1.50 34.06
C SER B 100 39.62 -1.55 32.55
N PHE B 101 38.67 -1.00 31.81
CA PHE B 101 38.77 -0.99 30.37
C PHE B 101 40.08 -0.37 29.92
N LEU B 102 40.44 0.78 30.50
CA LEU B 102 41.67 1.49 30.13
C LEU B 102 42.92 0.75 30.62
N GLU B 103 43.02 0.51 31.92
CA GLU B 103 44.15 -0.21 32.51
C GLU B 103 44.51 -1.44 31.68
N LEU B 104 43.52 -2.13 31.16
CA LEU B 104 43.77 -3.33 30.38
C LEU B 104 44.14 -3.02 28.95
N LEU B 105 43.85 -1.80 28.51
CA LEU B 105 44.15 -1.45 27.14
C LEU B 105 45.59 -0.98 26.94
N GLU B 106 46.32 -0.73 28.01
CA GLU B 106 47.71 -0.30 27.85
C GLU B 106 48.56 -1.47 27.35
N TYR B 107 48.01 -2.68 27.41
CA TYR B 107 48.73 -3.85 26.93
C TYR B 107 48.27 -4.16 25.53
N GLU B 108 47.63 -3.17 24.92
CA GLU B 108 47.13 -3.29 23.55
C GLU B 108 48.24 -3.84 22.68
N ASN B 109 49.38 -3.17 22.74
CA ASN B 109 50.48 -3.61 21.95
C ASN B 109 51.79 -3.61 22.74
N LYS B 110 51.79 -4.32 23.87
CA LYS B 110 52.98 -4.51 24.67
C LYS B 110 53.47 -5.91 24.37
N SER B 111 54.75 -6.16 24.52
CA SER B 111 55.30 -7.47 24.15
C SER B 111 55.39 -8.46 25.30
N PRO B 112 54.74 -9.64 25.12
CA PRO B 112 54.77 -10.68 26.16
C PRO B 112 56.20 -11.17 26.43
N GLU B 113 57.09 -10.88 25.48
CA GLU B 113 58.47 -11.31 25.58
C GLU B 113 59.14 -10.97 26.88
N ASP B 114 58.93 -9.75 27.38
CA ASP B 114 59.53 -9.42 28.66
C ASP B 114 58.63 -9.91 29.79
N PRO B 115 59.12 -10.89 30.57
CA PRO B 115 58.34 -11.45 31.67
C PRO B 115 57.66 -10.38 32.51
N GLN B 116 58.28 -9.21 32.64
CA GLN B 116 57.69 -8.17 33.47
C GLN B 116 56.31 -7.74 32.99
N VAL B 117 56.10 -7.71 31.69
CA VAL B 117 54.79 -7.35 31.17
C VAL B 117 53.73 -8.33 31.72
N LEU B 118 54.06 -9.61 31.67
CA LEU B 118 53.17 -10.65 32.16
C LEU B 118 52.90 -10.56 33.68
N ASP B 119 53.90 -10.11 34.44
CA ASP B 119 53.73 -10.02 35.90
C ASP B 119 52.80 -8.89 36.26
N ASN B 120 52.93 -7.79 35.54
CA ASN B 120 52.07 -6.65 35.76
C ASN B 120 50.68 -6.97 35.28
N PHE B 121 50.60 -7.53 34.09
CA PHE B 121 49.33 -7.92 33.56
C PHE B 121 48.60 -8.81 34.54
N LEU B 122 49.35 -9.72 35.17
CA LEU B 122 48.77 -10.63 36.15
C LEU B 122 48.30 -9.86 37.36
N GLN B 123 48.92 -8.73 37.61
CA GLN B 123 48.51 -7.93 38.74
C GLN B 123 47.31 -7.10 38.39
N VAL B 124 47.18 -6.73 37.11
CA VAL B 124 46.04 -5.95 36.67
C VAL B 124 44.80 -6.82 36.75
N LEU B 125 44.93 -8.08 36.33
CA LEU B 125 43.80 -8.98 36.40
C LEU B 125 43.32 -9.10 37.83
N ILE B 126 44.24 -9.27 38.76
CA ILE B 126 43.88 -9.39 40.18
C ILE B 126 43.13 -8.15 40.68
N LYS B 127 43.44 -7.00 40.12
CA LYS B 127 42.85 -5.70 40.51
C LYS B 127 41.43 -5.50 39.94
N VAL B 128 41.22 -5.94 38.71
CA VAL B 128 39.92 -5.82 38.10
C VAL B 128 38.99 -6.91 38.66
N ARG B 129 39.57 -8.06 38.99
CA ARG B 129 38.80 -9.17 39.56
C ARG B 129 38.19 -8.73 40.89
N ASN B 130 38.91 -7.89 41.63
CA ASN B 130 38.40 -7.39 42.90
C ASN B 130 37.47 -6.21 42.68
N ARG B 131 37.79 -5.36 41.71
CA ARG B 131 36.95 -4.21 41.44
C ARG B 131 35.51 -4.65 41.11
N HIS B 132 35.39 -5.79 40.41
CA HIS B 132 34.09 -6.26 39.98
C HIS B 132 33.59 -7.52 40.65
N ASN B 133 33.90 -7.65 41.92
CA ASN B 133 33.43 -8.79 42.72
C ASN B 133 31.94 -8.53 43.03
N ASP B 134 31.17 -9.58 43.29
CA ASP B 134 29.77 -9.32 43.58
C ASP B 134 29.44 -9.55 45.06
N VAL B 135 30.48 -9.79 45.86
CA VAL B 135 30.34 -9.96 47.32
C VAL B 135 29.95 -8.59 47.91
N VAL B 136 30.49 -7.51 47.33
CA VAL B 136 30.20 -6.10 47.68
C VAL B 136 29.19 -5.50 46.64
N PRO B 137 27.86 -5.69 46.87
CA PRO B 137 26.78 -5.22 45.97
C PRO B 137 26.76 -3.72 45.77
N THR B 138 27.22 -3.25 44.62
CA THR B 138 27.17 -1.81 44.40
C THR B 138 26.01 -1.50 43.50
N MET B 139 26.08 -2.11 42.33
CA MET B 139 25.06 -1.95 41.33
C MET B 139 23.68 -2.19 41.94
N ALA B 140 23.53 -3.29 42.67
CA ALA B 140 22.25 -3.60 43.26
C ALA B 140 21.76 -2.44 44.14
N GLN B 141 22.60 -1.96 45.05
CA GLN B 141 22.24 -0.85 45.94
C GLN B 141 21.96 0.42 45.15
N GLY B 142 22.52 0.53 43.95
CA GLY B 142 22.25 1.71 43.14
C GLY B 142 20.80 1.70 42.67
N VAL B 143 20.22 0.50 42.61
CA VAL B 143 18.82 0.26 42.19
C VAL B 143 17.88 0.34 43.38
N ILE B 144 18.45 0.62 44.55
CA ILE B 144 17.68 0.76 45.78
C ILE B 144 17.41 2.23 46.01
N GLU B 145 18.41 3.05 45.69
CA GLU B 145 18.28 4.48 45.81
C GLU B 145 17.07 4.89 45.01
N TYR B 146 16.73 4.04 44.04
CA TYR B 146 15.58 4.22 43.20
C TYR B 146 14.29 4.10 44.04
N LYS B 147 14.48 4.00 45.36
CA LYS B 147 13.37 3.96 46.32
C LYS B 147 12.75 5.34 46.31
N GLU B 148 13.50 6.26 45.71
CA GLU B 148 13.08 7.62 45.48
C GLU B 148 12.59 7.56 44.04
N LYS B 149 11.39 8.08 43.81
CA LYS B 149 10.73 8.05 42.51
C LYS B 149 9.89 6.77 42.39
N SER B 157 9.67 -0.16 33.98
CA SER B 157 8.81 -1.27 34.37
C SER B 157 9.57 -2.59 34.30
N THR B 158 10.60 -2.69 35.15
CA THR B 158 11.49 -3.86 35.24
C THR B 158 12.00 -4.35 33.89
N ASN B 159 12.58 -3.37 33.18
CA ASN B 159 13.30 -3.59 31.94
C ASN B 159 14.75 -3.66 32.44
N ILE B 160 14.80 -3.43 33.78
CA ILE B 160 15.93 -3.43 34.69
C ILE B 160 16.37 -4.87 34.93
N GLN B 161 15.39 -5.75 34.91
CA GLN B 161 15.61 -7.18 35.05
C GLN B 161 16.56 -7.67 33.96
N TYR B 162 16.29 -7.25 32.73
CA TYR B 162 17.08 -7.61 31.55
C TYR B 162 18.52 -7.22 31.69
N PHE B 163 18.73 -5.94 31.93
CA PHE B 163 20.07 -5.39 32.06
C PHE B 163 20.90 -6.15 33.10
N LEU B 164 20.42 -6.22 34.33
CA LEU B 164 21.14 -6.88 35.42
C LEU B 164 21.51 -8.32 35.11
N ASP B 165 20.60 -9.05 34.47
CA ASP B 165 20.87 -10.44 34.13
C ASP B 165 22.05 -10.54 33.18
N ARG B 166 22.22 -9.55 32.31
CA ARG B 166 23.33 -9.58 31.38
C ARG B 166 24.56 -9.02 32.06
N PHE B 167 24.34 -7.94 32.81
CA PHE B 167 25.39 -7.29 33.58
C PHE B 167 26.09 -8.33 34.44
N TYR B 168 25.33 -8.98 35.31
CA TYR B 168 25.90 -9.96 36.18
C TYR B 168 26.48 -11.12 35.40
N THR B 169 25.83 -11.59 34.34
CA THR B 169 26.34 -12.73 33.59
C THR B 169 27.76 -12.46 33.11
N ASN B 170 27.98 -11.25 32.62
CA ASN B 170 29.31 -10.92 32.15
C ASN B 170 30.35 -10.99 33.27
N ARG B 171 30.03 -10.51 34.47
CA ARG B 171 31.01 -10.55 35.56
C ARG B 171 31.26 -11.97 36.02
N ILE B 172 30.32 -12.86 35.76
CA ILE B 172 30.56 -14.25 36.10
C ILE B 172 31.66 -14.72 35.17
N SER B 173 31.59 -14.28 33.91
CA SER B 173 32.60 -14.66 32.94
C SER B 173 33.94 -13.99 33.25
N PHE B 174 33.94 -12.70 33.58
CA PHE B 174 35.18 -12.02 33.94
C PHE B 174 35.97 -12.88 34.88
N ARG B 175 35.35 -13.16 36.01
CA ARG B 175 35.97 -13.97 37.03
C ARG B 175 36.39 -15.34 36.47
N MET B 176 35.54 -15.96 35.68
CA MET B 176 35.90 -17.25 35.11
C MET B 176 37.22 -17.16 34.33
N LEU B 177 37.34 -16.19 33.43
CA LEU B 177 38.55 -16.00 32.62
C LEU B 177 39.77 -15.62 33.48
N ILE B 178 39.59 -14.73 34.45
CA ILE B 178 40.70 -14.28 35.27
C ILE B 178 41.13 -15.30 36.29
N ASN B 179 40.20 -16.06 36.84
CA ASN B 179 40.60 -17.09 37.81
C ASN B 179 41.42 -18.16 37.10
N GLN B 180 40.99 -18.54 35.90
CA GLN B 180 41.73 -19.54 35.15
C GLN B 180 43.19 -19.14 35.00
N HIS B 181 43.42 -17.90 34.57
CA HIS B 181 44.77 -17.44 34.35
C HIS B 181 45.58 -17.44 35.62
N THR B 182 45.07 -16.79 36.65
CA THR B 182 45.78 -16.69 37.91
C THR B 182 46.00 -18.06 38.56
N LEU B 183 45.04 -18.97 38.42
CA LEU B 183 45.20 -20.28 39.02
C LEU B 183 46.29 -21.08 38.29
N LEU B 184 46.36 -20.92 36.98
CA LEU B 184 47.34 -21.63 36.16
C LEU B 184 48.70 -20.96 36.17
N PHE B 185 48.76 -19.63 36.07
CA PHE B 185 50.04 -18.92 36.00
C PHE B 185 50.38 -18.08 37.23
N GLY B 186 49.62 -18.24 38.30
CA GLY B 186 49.85 -17.46 39.52
C GLY B 186 51.12 -17.80 40.26
N GLY B 187 51.65 -19.00 40.04
CA GLY B 187 52.86 -19.35 40.74
C GLY B 187 52.59 -19.86 42.13
N ASP B 188 51.34 -20.18 42.42
CA ASP B 188 51.03 -20.77 43.71
C ASP B 188 51.53 -22.19 43.62
N THR B 189 52.62 -22.48 44.30
CA THR B 189 53.24 -23.79 44.25
C THR B 189 52.51 -24.85 45.10
N ASN B 190 51.37 -24.49 45.67
CA ASN B 190 50.61 -25.42 46.51
C ASN B 190 49.12 -25.33 46.27
N PRO B 191 48.67 -25.59 45.04
CA PRO B 191 47.24 -25.55 44.73
C PRO B 191 46.45 -26.40 45.71
N VAL B 192 45.24 -25.96 46.07
CA VAL B 192 44.37 -26.72 46.96
C VAL B 192 43.97 -28.03 46.27
N HIS B 193 43.72 -27.93 44.96
CA HIS B 193 43.37 -29.07 44.13
C HIS B 193 44.32 -29.14 42.97
N PRO B 194 45.36 -30.00 43.07
CA PRO B 194 46.38 -30.16 42.03
C PRO B 194 45.88 -30.80 40.74
N LYS B 195 44.93 -31.72 40.85
CA LYS B 195 44.44 -32.40 39.66
C LYS B 195 43.37 -31.60 38.95
N HIS B 196 43.10 -30.42 39.48
CA HIS B 196 42.18 -29.49 38.85
C HIS B 196 42.93 -28.80 37.74
N ILE B 197 42.22 -28.32 36.73
CA ILE B 197 42.83 -27.53 35.68
C ILE B 197 42.28 -26.14 35.89
N GLY B 198 43.04 -25.27 36.55
CA GLY B 198 42.49 -23.97 36.86
C GLY B 198 41.33 -24.16 37.83
N SER B 199 40.15 -23.62 37.53
CA SER B 199 38.98 -23.75 38.39
C SER B 199 38.05 -24.90 37.96
N ILE B 200 38.49 -25.69 36.97
CA ILE B 200 37.74 -26.84 36.46
C ILE B 200 38.21 -28.16 37.07
N ASP B 201 37.27 -28.91 37.60
CA ASP B 201 37.51 -30.23 38.16
C ASP B 201 37.11 -31.19 37.05
N PRO B 202 38.07 -31.86 36.37
CA PRO B 202 37.74 -32.78 35.26
C PRO B 202 37.06 -34.10 35.68
N THR B 203 36.88 -34.32 36.99
CA THR B 203 36.17 -35.49 37.52
C THR B 203 35.45 -35.06 38.78
N CYS B 204 34.53 -34.13 38.58
CA CYS B 204 33.77 -33.51 39.63
C CYS B 204 32.73 -34.42 40.21
N ASN B 205 33.01 -34.91 41.41
CA ASN B 205 32.08 -35.79 42.09
C ASN B 205 31.03 -34.93 42.77
N VAL B 206 29.97 -34.68 42.02
CA VAL B 206 28.83 -33.84 42.40
C VAL B 206 28.27 -34.11 43.78
N ALA B 207 28.15 -35.38 44.13
CA ALA B 207 27.62 -35.72 45.45
C ALA B 207 28.43 -35.01 46.51
N ASP B 208 29.74 -35.06 46.37
CA ASP B 208 30.61 -34.40 47.32
C ASP B 208 30.39 -32.90 47.33
N VAL B 209 30.21 -32.27 46.17
CA VAL B 209 29.96 -30.82 46.13
C VAL B 209 28.62 -30.50 46.79
N VAL B 210 27.75 -31.49 46.83
CA VAL B 210 26.46 -31.33 47.47
C VAL B 210 26.63 -31.28 48.98
N LYS B 211 27.30 -32.31 49.52
CA LYS B 211 27.56 -32.41 50.96
C LYS B 211 28.25 -31.15 51.45
N ASP B 212 29.23 -30.66 50.67
CA ASP B 212 29.95 -29.44 51.02
C ASP B 212 28.98 -28.27 51.08
N ALA B 213 28.22 -28.05 50.00
CA ALA B 213 27.26 -26.96 49.99
C ALA B 213 26.33 -27.05 51.19
N TYR B 214 25.85 -28.27 51.48
CA TYR B 214 24.93 -28.52 52.59
C TYR B 214 25.60 -28.36 53.95
N GLU B 215 26.76 -29.00 54.13
CA GLU B 215 27.43 -28.89 55.40
C GLU B 215 27.71 -27.45 55.77
N THR B 216 27.99 -26.57 54.81
CA THR B 216 28.25 -25.17 55.18
C THR B 216 26.94 -24.44 55.49
N ALA B 217 25.88 -24.82 54.80
CA ALA B 217 24.56 -24.24 55.03
C ALA B 217 24.09 -24.61 56.41
N LYS B 218 24.14 -25.91 56.69
CA LYS B 218 23.76 -26.46 57.97
C LYS B 218 24.47 -25.73 59.10
N MET B 219 25.74 -25.39 58.86
CA MET B 219 26.55 -24.68 59.83
C MET B 219 26.03 -23.27 60.05
N LEU B 220 25.68 -22.61 58.95
CA LEU B 220 25.14 -21.26 59.05
C LEU B 220 23.79 -21.33 59.77
N CYS B 221 23.13 -22.48 59.65
CA CYS B 221 21.84 -22.68 60.30
C CYS B 221 22.03 -22.82 61.82
N GLU B 222 22.58 -23.96 62.24
CA GLU B 222 22.90 -24.35 63.63
C GLU B 222 23.22 -23.15 64.54
N GLN B 223 23.73 -22.11 63.89
CA GLN B 223 24.17 -20.85 64.46
C GLN B 223 23.02 -19.93 64.90
N TYR B 224 21.81 -20.21 64.45
CA TYR B 224 20.64 -19.41 64.80
C TYR B 224 19.45 -20.29 65.14
N TYR B 225 19.60 -21.59 64.91
CA TYR B 225 18.51 -22.52 65.18
C TYR B 225 18.98 -23.76 65.94
N LEU B 226 20.29 -23.87 66.09
CA LEU B 226 20.92 -24.94 66.87
C LEU B 226 20.47 -26.37 66.57
N VAL B 227 20.28 -26.66 65.28
CA VAL B 227 19.91 -27.94 64.64
C VAL B 227 19.06 -27.68 63.40
N ALA B 228 19.57 -28.18 62.28
CA ALA B 228 18.96 -28.00 60.98
C ALA B 228 18.43 -29.30 60.42
N PRO B 229 17.55 -29.22 59.40
CA PRO B 229 16.98 -30.42 58.78
C PRO B 229 18.08 -31.32 58.26
N GLU B 230 17.90 -32.62 58.35
CA GLU B 230 18.93 -33.51 57.85
C GLU B 230 18.97 -33.54 56.33
N LEU B 231 20.04 -34.13 55.78
CA LEU B 231 20.18 -34.24 54.35
C LEU B 231 20.07 -35.68 53.91
N GLU B 232 19.21 -35.90 52.93
CA GLU B 232 19.04 -37.22 52.36
C GLU B 232 19.44 -37.13 50.91
N VAL B 233 20.37 -37.98 50.48
CA VAL B 233 20.80 -37.90 49.11
C VAL B 233 20.75 -39.24 48.40
N GLU B 234 20.43 -39.16 47.11
CA GLU B 234 20.39 -40.32 46.25
C GLU B 234 20.74 -39.94 44.84
N GLU B 235 21.58 -40.77 44.23
CA GLU B 235 21.97 -40.58 42.85
C GLU B 235 21.36 -41.69 42.04
N PHE B 236 21.41 -41.51 40.74
CA PHE B 236 21.02 -42.51 39.82
C PHE B 236 21.71 -42.21 38.55
N ASN B 237 22.77 -42.97 38.29
CA ASN B 237 23.51 -42.80 37.07
C ASN B 237 22.87 -43.63 35.97
N ALA B 238 21.94 -43.03 35.24
CA ALA B 238 21.27 -43.74 34.17
C ALA B 238 22.30 -44.37 33.25
N LYS B 239 23.41 -43.66 33.10
CA LYS B 239 24.50 -44.04 32.20
C LYS B 239 25.36 -45.23 32.66
N ALA B 240 25.27 -45.62 33.92
CA ALA B 240 26.04 -46.71 34.49
C ALA B 240 25.79 -46.73 35.99
N PRO B 241 24.55 -47.05 36.40
CA PRO B 241 23.97 -47.12 37.77
C PRO B 241 24.95 -47.51 38.88
N ASP B 242 26.08 -48.15 38.56
CA ASP B 242 27.05 -48.49 39.62
C ASP B 242 27.87 -47.26 39.99
N LYS B 243 28.53 -46.68 38.99
CA LYS B 243 29.38 -45.52 39.15
C LYS B 243 28.73 -44.32 39.81
N PRO B 244 29.51 -43.59 40.63
CA PRO B 244 29.00 -42.38 41.30
C PRO B 244 29.01 -41.26 40.26
N ILE B 245 28.07 -40.35 40.27
CA ILE B 245 28.01 -39.33 39.22
C ILE B 245 29.11 -38.26 39.29
N GLN B 246 29.83 -38.18 38.17
CA GLN B 246 30.92 -37.24 37.99
C GLN B 246 30.70 -36.46 36.71
N VAL B 247 31.45 -35.38 36.54
CA VAL B 247 31.30 -34.56 35.33
C VAL B 247 32.37 -33.50 35.29
N VAL B 248 32.70 -33.00 34.11
CA VAL B 248 33.70 -31.95 34.00
C VAL B 248 33.03 -30.64 34.34
N TYR B 249 33.30 -30.08 35.52
CA TYR B 249 32.66 -28.82 35.85
C TYR B 249 33.50 -27.94 36.79
N VAL B 250 33.05 -26.70 36.99
CA VAL B 250 33.68 -25.75 37.89
C VAL B 250 32.99 -25.88 39.24
N PRO B 251 33.52 -26.72 40.14
CA PRO B 251 32.94 -26.97 41.46
C PRO B 251 32.46 -25.72 42.17
N SER B 252 33.29 -24.68 42.26
CA SER B 252 32.86 -23.47 42.98
C SER B 252 31.53 -22.92 42.46
N HIS B 253 31.34 -22.91 41.15
CA HIS B 253 30.09 -22.42 40.57
C HIS B 253 28.90 -23.23 41.07
N LEU B 254 29.03 -24.54 41.01
CA LEU B 254 27.99 -25.45 41.45
C LEU B 254 27.68 -25.30 42.92
N PHE B 255 28.72 -24.97 43.67
CA PHE B 255 28.62 -24.80 45.12
C PHE B 255 27.73 -23.62 45.46
N HIS B 256 27.94 -22.51 44.74
CA HIS B 256 27.15 -21.33 44.99
C HIS B 256 25.68 -21.61 44.77
N MET B 257 25.38 -22.38 43.72
CA MET B 257 24.00 -22.72 43.43
C MET B 257 23.39 -23.60 44.51
N LEU B 258 24.11 -24.63 44.92
CA LEU B 258 23.57 -25.53 45.92
C LEU B 258 23.55 -24.89 47.30
N PHE B 259 24.53 -24.05 47.61
CA PHE B 259 24.54 -23.39 48.90
C PHE B 259 23.25 -22.60 49.04
N GLU B 260 23.03 -21.69 48.09
CA GLU B 260 21.85 -20.84 48.02
C GLU B 260 20.54 -21.61 48.17
N LEU B 261 20.40 -22.70 47.43
CA LEU B 261 19.17 -23.46 47.55
C LEU B 261 19.08 -24.09 48.92
N PHE B 262 20.10 -24.88 49.29
CA PHE B 262 20.11 -25.53 50.59
C PHE B 262 19.80 -24.52 51.67
N LYS B 263 20.34 -23.34 51.52
CA LYS B 263 20.07 -22.29 52.45
C LYS B 263 18.54 -22.09 52.52
N ASN B 264 17.93 -21.75 51.38
CA ASN B 264 16.49 -21.50 51.28
C ASN B 264 15.62 -22.68 51.70
N SER B 265 16.03 -23.90 51.39
CA SER B 265 15.23 -25.06 51.76
C SER B 265 15.17 -25.23 53.28
N MET B 266 16.27 -24.92 53.97
CA MET B 266 16.34 -25.05 55.45
C MET B 266 15.58 -23.94 56.16
N ARG B 267 15.84 -22.70 55.74
CA ARG B 267 15.18 -21.53 56.28
C ARG B 267 13.67 -21.74 56.27
N ALA B 268 13.14 -22.17 55.12
CA ALA B 268 11.72 -22.45 54.98
C ALA B 268 11.31 -23.57 55.93
N THR B 269 11.88 -24.76 55.76
CA THR B 269 11.55 -25.94 56.60
C THR B 269 11.49 -25.61 58.09
N VAL B 270 12.51 -24.89 58.56
CA VAL B 270 12.62 -24.50 59.95
C VAL B 270 11.62 -23.44 60.32
N GLU B 271 11.52 -22.40 59.49
CA GLU B 271 10.58 -21.32 59.79
C GLU B 271 9.13 -21.83 59.89
N LEU B 272 8.78 -22.82 59.09
CA LEU B 272 7.42 -23.34 59.17
C LEU B 272 7.26 -24.23 60.39
N TYR B 273 7.99 -25.33 60.40
CA TYR B 273 7.93 -26.30 61.48
C TYR B 273 8.44 -25.76 62.81
N GLU B 274 7.82 -24.70 63.32
CA GLU B 274 8.21 -24.12 64.61
C GLU B 274 8.37 -25.19 65.70
N ASP B 275 9.64 -25.59 65.87
CA ASP B 275 10.16 -26.59 66.81
C ASP B 275 10.40 -27.93 66.11
N TYR B 280 12.44 -31.95 62.62
CA TYR B 280 12.46 -31.31 61.31
C TYR B 280 12.45 -32.31 60.17
N PRO B 281 11.79 -31.95 59.07
CA PRO B 281 11.70 -32.80 57.89
C PRO B 281 12.98 -32.68 57.11
N ALA B 282 13.62 -33.80 56.81
CA ALA B 282 14.86 -33.77 56.06
C ALA B 282 14.66 -33.00 54.77
N VAL B 283 15.79 -32.66 54.18
CA VAL B 283 15.82 -32.00 52.90
C VAL B 283 16.27 -33.08 51.96
N LYS B 284 15.54 -33.34 50.90
CA LYS B 284 15.93 -34.41 50.03
C LYS B 284 16.61 -33.91 48.77
N THR B 285 17.63 -34.63 48.35
CA THR B 285 18.37 -34.33 47.15
C THR B 285 18.48 -35.57 46.28
N LEU B 286 18.44 -35.36 44.98
CA LEU B 286 18.56 -36.43 44.02
C LEU B 286 19.40 -35.96 42.88
N VAL B 287 20.41 -36.73 42.53
CA VAL B 287 21.28 -36.37 41.43
C VAL B 287 21.10 -37.39 40.34
N THR B 288 20.84 -36.94 39.12
CA THR B 288 20.66 -37.90 38.03
C THR B 288 21.54 -37.54 36.86
N LEU B 289 21.95 -38.55 36.10
CA LEU B 289 22.79 -38.33 34.93
C LEU B 289 22.35 -39.20 33.76
N GLY B 290 22.05 -38.54 32.66
CA GLY B 290 21.64 -39.24 31.45
C GLY B 290 22.50 -38.84 30.27
N LYS B 291 22.01 -39.09 29.06
CA LYS B 291 22.77 -38.76 27.86
C LYS B 291 23.16 -37.31 27.83
N GLU B 292 22.20 -36.40 27.90
CA GLU B 292 22.51 -34.98 27.79
C GLU B 292 22.57 -34.20 29.11
N ASP B 293 21.69 -34.53 30.06
CA ASP B 293 21.56 -33.77 31.33
C ASP B 293 22.21 -34.34 32.57
N LEU B 294 22.54 -33.38 33.44
CA LEU B 294 22.99 -33.61 34.80
C LEU B 294 21.97 -32.82 35.61
N SER B 295 21.09 -33.54 36.29
CA SER B 295 20.03 -32.91 37.06
C SER B 295 20.24 -33.09 38.52
N ILE B 296 20.10 -31.99 39.26
CA ILE B 296 20.21 -32.00 40.70
C ILE B 296 18.97 -31.37 41.27
N LYS B 297 18.19 -32.16 42.00
CA LYS B 297 16.96 -31.69 42.60
C LYS B 297 17.05 -31.65 44.12
N ILE B 298 16.57 -30.55 44.68
CA ILE B 298 16.54 -30.38 46.11
C ILE B 298 15.10 -30.06 46.48
N SER B 299 14.56 -30.83 47.41
CA SER B 299 13.18 -30.66 47.80
C SER B 299 13.03 -30.49 49.29
N ASP B 300 12.14 -29.59 49.68
CA ASP B 300 11.86 -29.30 51.07
C ASP B 300 10.38 -29.41 51.33
N LEU B 301 10.01 -29.66 52.58
CA LEU B 301 8.61 -29.69 52.95
C LEU B 301 8.34 -28.43 53.74
N GLY B 302 8.79 -27.31 53.17
CA GLY B 302 8.65 -26.02 53.81
C GLY B 302 7.40 -25.26 53.42
N GLY B 303 6.29 -25.96 53.24
CA GLY B 303 5.03 -25.30 52.95
C GLY B 303 4.85 -24.67 51.56
N GLY B 304 5.85 -24.73 50.71
CA GLY B 304 5.69 -24.20 49.37
C GLY B 304 5.43 -22.72 49.24
N VAL B 305 5.21 -22.32 47.98
CA VAL B 305 5.01 -20.93 47.57
C VAL B 305 3.99 -20.82 46.40
N PRO B 306 3.12 -19.78 46.41
CA PRO B 306 2.16 -19.63 45.33
C PRO B 306 2.87 -19.32 44.03
N LEU B 307 2.40 -19.92 42.94
CA LEU B 307 3.01 -19.73 41.63
C LEU B 307 3.28 -18.27 41.35
N ARG B 308 2.27 -17.43 41.57
CA ARG B 308 2.37 -15.99 41.33
C ARG B 308 3.67 -15.36 41.85
N LYS B 309 3.98 -15.57 43.12
CA LYS B 309 5.19 -15.04 43.78
C LYS B 309 6.49 -15.63 43.22
N ILE B 310 6.51 -16.96 43.04
CA ILE B 310 7.70 -17.69 42.55
C ILE B 310 8.47 -16.94 41.49
N ASP B 311 7.76 -16.36 40.55
CA ASP B 311 8.41 -15.60 39.50
C ASP B 311 9.19 -14.45 40.12
N ARG B 312 8.53 -13.70 41.02
CA ARG B 312 9.14 -12.55 41.70
C ARG B 312 10.39 -12.93 42.49
N LEU B 313 10.70 -14.22 42.55
CA LEU B 313 11.90 -14.68 43.23
C LEU B 313 13.09 -14.58 42.30
N PHE B 314 12.84 -14.16 41.06
CA PHE B 314 13.89 -14.05 40.08
C PHE B 314 14.13 -12.65 39.59
N ASN B 315 13.11 -11.78 39.58
CA ASN B 315 13.44 -10.40 39.25
C ASN B 315 14.07 -9.88 40.52
N TYR B 316 14.77 -8.78 40.44
CA TYR B 316 15.50 -8.32 41.60
C TYR B 316 14.63 -7.60 42.65
N MET B 317 13.35 -7.95 42.70
CA MET B 317 12.41 -7.43 43.70
C MET B 317 12.25 -8.47 44.82
N GLY B 340 20.94 -13.35 44.92
CA GLY B 340 20.58 -14.50 45.72
C GLY B 340 20.20 -15.65 44.83
N LEU B 341 18.91 -15.81 44.62
CA LEU B 341 18.39 -16.85 43.76
C LEU B 341 18.55 -16.47 42.29
N PRO B 342 18.53 -15.15 41.96
CA PRO B 342 18.70 -14.72 40.57
C PRO B 342 20.12 -14.96 40.07
N ILE B 343 21.10 -14.85 40.96
CA ILE B 343 22.48 -15.05 40.53
C ILE B 343 22.75 -16.52 40.34
N SER B 344 22.23 -17.33 41.25
CA SER B 344 22.40 -18.76 41.17
C SER B 344 21.93 -19.26 39.83
N ARG B 345 20.82 -18.70 39.36
CA ARG B 345 20.30 -19.10 38.08
C ARG B 345 21.19 -18.59 36.95
N LEU B 346 21.79 -17.42 37.10
CA LEU B 346 22.69 -16.91 36.07
C LEU B 346 23.90 -17.83 35.97
N TYR B 347 24.32 -18.35 37.11
CA TYR B 347 25.42 -19.29 37.14
C TYR B 347 25.10 -20.51 36.33
N ALA B 348 23.89 -21.05 36.51
CA ALA B 348 23.46 -22.22 35.78
C ALA B 348 23.40 -21.97 34.29
N ARG B 349 22.77 -20.87 33.89
CA ARG B 349 22.62 -20.53 32.48
C ARG B 349 23.93 -20.16 31.81
N TYR B 350 24.93 -19.82 32.61
CA TYR B 350 26.20 -19.41 32.06
C TYR B 350 26.84 -20.49 31.17
N PHE B 351 26.75 -21.75 31.55
CA PHE B 351 27.32 -22.82 30.72
C PHE B 351 26.21 -23.69 30.12
N GLN B 352 25.22 -22.99 29.56
CA GLN B 352 24.07 -23.58 28.90
C GLN B 352 23.23 -24.48 29.81
N GLY B 353 23.31 -24.29 31.12
CA GLY B 353 22.50 -25.10 32.00
C GLY B 353 21.26 -24.31 32.38
N ASP B 354 20.63 -24.64 33.50
CA ASP B 354 19.47 -23.89 33.96
C ASP B 354 19.06 -24.30 35.37
N LEU B 355 18.29 -23.42 36.01
CA LEU B 355 17.77 -23.63 37.36
C LEU B 355 16.27 -23.33 37.41
N LYS B 356 15.48 -24.32 37.80
CA LYS B 356 14.04 -24.13 37.86
C LYS B 356 13.50 -24.36 39.25
N LEU B 357 12.41 -23.67 39.53
CA LEU B 357 11.74 -23.78 40.80
C LEU B 357 10.29 -24.09 40.57
N TYR B 358 9.77 -25.03 41.33
CA TYR B 358 8.35 -25.29 41.23
C TYR B 358 7.81 -25.77 42.56
N SER B 359 6.67 -25.21 42.94
CA SER B 359 6.12 -25.48 44.24
C SER B 359 4.69 -25.93 44.21
N MET B 360 4.32 -26.58 45.30
CA MET B 360 2.97 -27.01 45.57
C MET B 360 2.58 -26.18 46.80
N GLU B 361 2.04 -25.00 46.56
CA GLU B 361 1.70 -24.13 47.66
C GLU B 361 0.88 -24.86 48.71
N GLY B 362 1.49 -25.01 49.88
CA GLY B 362 0.85 -25.67 51.00
C GLY B 362 1.62 -26.89 51.42
N VAL B 363 2.55 -27.31 50.58
CA VAL B 363 3.31 -28.49 50.92
C VAL B 363 4.81 -28.25 50.91
N GLY B 364 5.37 -27.89 49.75
CA GLY B 364 6.81 -27.70 49.70
C GLY B 364 7.33 -27.19 48.36
N THR B 365 8.64 -27.34 48.16
CA THR B 365 9.28 -26.84 46.95
C THR B 365 10.27 -27.82 46.31
N ASP B 366 10.43 -27.66 45.00
CA ASP B 366 11.37 -28.44 44.22
C ASP B 366 12.24 -27.50 43.42
N ALA B 367 13.52 -27.42 43.80
CA ALA B 367 14.48 -26.60 43.07
C ALA B 367 15.29 -27.56 42.25
N VAL B 368 15.52 -27.25 40.97
CA VAL B 368 16.28 -28.18 40.14
C VAL B 368 17.33 -27.48 39.32
N ILE B 369 18.50 -28.11 39.27
CA ILE B 369 19.62 -27.58 38.51
C ILE B 369 19.94 -28.50 37.34
N TYR B 370 20.00 -27.93 36.15
CA TYR B 370 20.31 -28.69 34.96
C TYR B 370 21.63 -28.30 34.36
N LEU B 371 22.55 -29.26 34.27
CA LEU B 371 23.84 -28.97 33.69
C LEU B 371 24.10 -29.87 32.51
N LYS B 372 24.74 -29.33 31.48
CA LYS B 372 25.09 -30.14 30.30
C LYS B 372 26.08 -31.20 30.74
N ALA B 373 25.80 -32.46 30.43
CA ALA B 373 26.67 -33.56 30.84
C ALA B 373 27.92 -33.66 29.98
N LEU B 374 28.03 -32.85 28.94
CA LEU B 374 29.19 -32.91 28.08
C LEU B 374 29.91 -31.58 28.00
N SER B 375 31.20 -31.59 28.33
CA SER B 375 32.05 -30.41 28.27
C SER B 375 31.96 -29.79 26.89
N SER B 376 31.79 -30.64 25.89
CA SER B 376 31.69 -30.19 24.51
C SER B 376 30.48 -29.27 24.28
N GLU B 377 29.44 -29.41 25.12
CA GLU B 377 28.22 -28.60 24.96
C GLU B 377 28.03 -27.59 26.06
N SER B 378 29.04 -27.40 26.90
CA SER B 378 28.98 -26.43 27.97
C SER B 378 29.66 -25.14 27.54
N PHE B 379 29.03 -24.35 26.66
CA PHE B 379 29.64 -23.12 26.17
C PHE B 379 29.22 -21.94 27.01
N GLU B 380 30.04 -20.91 27.03
CA GLU B 380 29.65 -19.73 27.76
C GLU B 380 28.50 -19.09 27.00
N ARG B 381 27.53 -18.53 27.71
CA ARG B 381 26.50 -17.79 27.02
C ARG B 381 26.68 -16.35 27.47
N LEU B 382 27.15 -15.52 26.54
CA LEU B 382 27.50 -14.11 26.81
C LEU B 382 26.55 -13.07 26.24
N PRO B 383 26.41 -11.92 26.94
CA PRO B 383 25.55 -10.82 26.55
C PRO B 383 26.15 -9.94 25.47
N VAL B 384 25.70 -10.09 24.21
CA VAL B 384 26.21 -9.28 23.10
C VAL B 384 25.46 -7.95 22.95
N PHE B 385 26.21 -6.88 22.66
CA PHE B 385 25.59 -5.59 22.46
C PHE B 385 25.51 -5.26 20.99
N ASN B 386 24.29 -5.14 20.50
CA ASN B 386 23.99 -4.84 19.10
C ASN B 386 22.65 -4.13 19.03
N LYS B 387 22.02 -4.09 17.85
CA LYS B 387 20.72 -3.43 17.71
C LYS B 387 19.68 -4.03 18.63
N SER B 388 19.59 -5.36 18.59
CA SER B 388 18.65 -6.11 19.42
C SER B 388 18.78 -5.67 20.88
N ALA B 389 20.01 -5.80 21.39
CA ALA B 389 20.33 -5.42 22.75
C ALA B 389 19.89 -4.01 22.98
N TRP B 390 20.15 -3.17 21.98
CA TRP B 390 19.80 -1.76 22.03
C TRP B 390 18.27 -1.51 22.13
N ARG B 391 17.49 -2.31 21.43
CA ARG B 391 16.04 -2.14 21.45
C ARG B 391 15.45 -2.26 22.84
N HIS B 392 15.97 -3.18 23.63
CA HIS B 392 15.47 -3.40 24.98
C HIS B 392 15.61 -2.18 25.86
N TYR B 393 16.38 -1.20 25.44
CA TYR B 393 16.57 -0.04 26.28
C TYR B 393 15.74 1.17 25.83
N LYS B 394 14.98 1.00 24.76
CA LYS B 394 14.19 2.11 24.23
C LYS B 394 12.71 1.89 24.38
N THR B 395 12.32 0.67 24.73
CA THR B 395 10.90 0.34 24.90
C THR B 395 10.62 -0.13 26.32
N ALA B 399 5.29 -4.67 27.37
CA ALA B 399 3.97 -4.31 26.83
C ALA B 399 3.00 -5.51 26.81
N ASP B 400 1.68 -5.24 26.69
CA ASP B 400 0.71 -6.34 26.72
C ASP B 400 -0.46 -6.28 25.73
N ASP B 401 -0.53 -7.42 25.04
CA ASP B 401 -1.51 -7.77 24.03
C ASP B 401 -2.36 -8.95 24.54
N TRP B 402 -2.45 -9.02 25.86
CA TRP B 402 -3.23 -10.02 26.60
C TRP B 402 -3.91 -9.34 27.80
N SER B 403 -5.14 -9.72 28.14
CA SER B 403 -5.84 -9.10 29.27
C SER B 403 -5.13 -9.27 30.64
N VAL C 30 31.04 -2.53 0.89
CA VAL C 30 30.96 -3.28 2.19
C VAL C 30 32.04 -4.34 2.26
N LEU C 31 33.01 -4.08 3.10
CA LEU C 31 34.11 -5.01 3.27
C LEU C 31 33.83 -5.91 4.47
N LEU C 32 34.34 -7.13 4.44
CA LEU C 32 34.20 -8.03 5.57
C LEU C 32 35.14 -7.48 6.67
N PRO C 33 34.59 -7.03 7.81
CA PRO C 33 35.41 -6.43 8.88
C PRO C 33 35.93 -7.40 9.93
N ALA C 34 36.68 -6.82 10.87
CA ALA C 34 37.22 -7.57 12.00
C ALA C 34 36.17 -7.55 13.12
N LEU C 35 35.30 -8.56 13.13
CA LEU C 35 34.18 -8.66 14.09
C LEU C 35 34.61 -9.00 15.51
N SER C 36 35.79 -9.56 15.64
CA SER C 36 36.39 -9.87 16.93
C SER C 36 37.84 -9.41 16.83
N PRO C 37 38.51 -9.19 17.96
CA PRO C 37 39.90 -8.73 17.88
C PRO C 37 40.78 -9.55 16.93
N THR C 38 41.00 -10.81 17.31
CA THR C 38 41.89 -11.77 16.62
C THR C 38 41.39 -12.35 15.29
N MET C 39 40.18 -12.03 14.90
CA MET C 39 39.64 -12.58 13.66
C MET C 39 40.50 -12.27 12.43
N THR C 40 40.39 -13.15 11.43
CA THR C 40 41.10 -13.03 10.14
C THR C 40 40.18 -13.39 8.98
N MET C 41 39.32 -14.39 9.18
CA MET C 41 38.39 -14.80 8.13
C MET C 41 37.13 -15.42 8.72
N GLY C 42 36.00 -15.16 8.07
CA GLY C 42 34.74 -15.72 8.52
C GLY C 42 34.05 -16.52 7.45
N THR C 43 32.80 -16.86 7.69
CA THR C 43 32.03 -17.64 6.74
C THR C 43 30.59 -17.12 6.66
N VAL C 44 30.15 -16.74 5.46
CA VAL C 44 28.79 -16.22 5.30
C VAL C 44 27.78 -17.32 5.44
N GLN C 45 27.32 -17.49 6.68
CA GLN C 45 26.35 -18.50 7.03
C GLN C 45 25.00 -18.26 6.34
N ARG C 46 24.48 -17.04 6.45
CA ARG C 46 23.16 -16.73 5.88
C ARG C 46 23.04 -15.24 5.59
N TRP C 47 22.29 -14.90 4.56
CA TRP C 47 22.03 -13.50 4.22
C TRP C 47 20.65 -13.17 4.79
N GLU C 48 20.52 -12.08 5.56
CA GLU C 48 19.22 -11.76 6.14
C GLU C 48 18.61 -10.50 5.56
N LYS C 49 19.03 -10.13 4.35
CA LYS C 49 18.51 -8.96 3.65
C LYS C 49 18.49 -9.20 2.14
N LYS C 50 17.34 -8.97 1.49
CA LYS C 50 17.17 -9.23 0.06
C LYS C 50 17.61 -8.11 -0.86
N VAL C 51 18.42 -8.49 -1.86
CA VAL C 51 18.92 -7.57 -2.87
C VAL C 51 17.78 -6.71 -3.43
N GLY C 52 17.78 -5.45 -3.00
CA GLY C 52 16.75 -4.51 -3.39
C GLY C 52 16.21 -3.83 -2.15
N GLU C 53 16.26 -4.56 -1.03
CA GLU C 53 15.76 -4.07 0.25
C GLU C 53 16.55 -2.86 0.77
N LYS C 54 15.83 -2.00 1.49
CA LYS C 54 16.41 -0.80 2.09
C LYS C 54 17.18 -1.17 3.34
N LEU C 55 18.25 -0.41 3.60
CA LEU C 55 19.16 -0.69 4.71
C LEU C 55 19.33 0.47 5.69
N SER C 56 18.69 0.33 6.84
CA SER C 56 18.77 1.31 7.90
C SER C 56 19.87 0.97 8.91
N GLU C 57 20.66 1.97 9.25
CA GLU C 57 21.77 1.87 10.19
C GLU C 57 21.46 0.92 11.35
N GLY C 58 21.84 -0.35 11.21
CA GLY C 58 21.60 -1.29 12.29
C GLY C 58 20.94 -2.61 11.91
N ASP C 59 20.10 -2.59 10.88
CA ASP C 59 19.39 -3.79 10.41
C ASP C 59 20.32 -4.97 10.28
N LEU C 60 19.90 -6.14 10.77
CA LEU C 60 20.73 -7.32 10.65
C LEU C 60 20.97 -7.53 9.18
N LEU C 61 22.23 -7.56 8.77
CA LEU C 61 22.57 -7.71 7.36
C LEU C 61 22.91 -9.16 6.99
N ALA C 62 23.56 -9.88 7.89
CA ALA C 62 23.92 -11.26 7.59
C ALA C 62 24.44 -11.98 8.80
N GLU C 63 24.62 -13.28 8.63
CA GLU C 63 25.14 -14.20 9.64
C GLU C 63 26.53 -14.67 9.23
N ILE C 64 27.52 -14.25 10.00
CA ILE C 64 28.91 -14.57 9.72
C ILE C 64 29.43 -15.46 10.81
N GLU C 65 30.00 -16.59 10.44
CA GLU C 65 30.47 -17.47 11.46
C GLU C 65 31.95 -17.63 11.51
N THR C 66 32.59 -16.77 12.28
CA THR C 66 34.01 -16.89 12.45
C THR C 66 34.24 -18.17 13.26
N ASP C 67 35.46 -18.37 13.72
CA ASP C 67 35.82 -19.58 14.46
C ASP C 67 35.80 -19.32 15.96
N LYS C 68 35.25 -18.17 16.32
CA LYS C 68 35.17 -17.77 17.70
C LYS C 68 33.75 -17.83 18.15
N ALA C 69 32.89 -17.41 17.23
CA ALA C 69 31.48 -17.35 17.48
C ALA C 69 30.75 -17.11 16.21
N THR C 70 29.45 -17.34 16.25
CA THR C 70 28.60 -17.06 15.13
C THR C 70 28.03 -15.67 15.42
N ILE C 71 28.31 -14.74 14.51
CA ILE C 71 27.94 -13.35 14.68
C ILE C 71 26.89 -12.85 13.70
N GLY C 72 26.04 -11.95 14.20
CA GLY C 72 25.04 -11.33 13.38
C GLY C 72 25.57 -9.99 12.91
N PHE C 73 25.94 -9.89 11.64
CA PHE C 73 26.50 -8.67 11.09
C PHE C 73 25.43 -7.65 10.77
N GLU C 74 25.54 -6.47 11.36
CA GLU C 74 24.56 -5.39 11.19
C GLU C 74 25.01 -4.26 10.23
N VAL C 75 24.03 -3.68 9.55
CA VAL C 75 24.26 -2.61 8.59
C VAL C 75 24.95 -1.39 9.24
N GLN C 76 25.87 -0.76 8.50
CA GLN C 76 26.61 0.40 8.96
C GLN C 76 26.10 1.71 8.33
N GLU C 77 26.09 1.80 7.00
CA GLU C 77 25.62 3.02 6.33
C GLU C 77 24.17 2.88 5.92
N GLU C 78 23.63 3.96 5.38
CA GLU C 78 22.27 3.97 4.89
C GLU C 78 22.32 3.34 3.47
N GLY C 79 21.21 2.87 2.90
CA GLY C 79 21.31 2.34 1.54
C GLY C 79 20.28 1.32 1.09
N TYR C 80 20.59 0.72 -0.06
CA TYR C 80 19.76 -0.31 -0.70
C TYR C 80 20.65 -1.43 -1.22
N LEU C 81 20.25 -2.67 -1.00
CA LEU C 81 21.06 -3.82 -1.43
C LEU C 81 21.08 -3.94 -2.95
N ALA C 82 22.18 -3.50 -3.57
CA ALA C 82 22.34 -3.55 -5.04
C ALA C 82 22.57 -4.97 -5.56
N LYS C 83 23.44 -5.73 -4.90
CA LYS C 83 23.72 -7.11 -5.29
C LYS C 83 24.70 -7.73 -4.31
N ILE C 84 24.71 -9.05 -4.27
CA ILE C 84 25.60 -9.77 -3.37
C ILE C 84 26.78 -10.36 -4.15
N LEU C 85 27.96 -10.39 -3.53
CA LEU C 85 29.16 -10.87 -4.21
C LEU C 85 29.67 -12.21 -3.70
N VAL C 86 29.31 -12.57 -2.46
CA VAL C 86 29.73 -13.85 -1.84
C VAL C 86 28.48 -14.63 -1.42
N PRO C 87 28.04 -15.62 -2.24
CA PRO C 87 26.84 -16.45 -2.02
C PRO C 87 26.71 -17.02 -0.61
N GLU C 88 25.45 -17.27 -0.25
CA GLU C 88 25.13 -17.84 1.06
C GLU C 88 25.81 -19.19 1.21
N GLY C 89 26.65 -19.32 2.23
CA GLY C 89 27.35 -20.56 2.45
C GLY C 89 28.84 -20.49 2.15
N THR C 90 29.31 -19.41 1.54
CA THR C 90 30.74 -19.32 1.23
C THR C 90 31.57 -19.38 2.52
N ARG C 91 32.53 -20.29 2.56
CA ARG C 91 33.37 -20.49 3.73
C ARG C 91 34.77 -19.84 3.61
N ASP C 92 35.36 -19.59 4.77
CA ASP C 92 36.71 -19.03 4.93
C ASP C 92 36.99 -17.71 4.23
N VAL C 93 35.95 -16.91 3.96
CA VAL C 93 36.14 -15.60 3.31
C VAL C 93 37.07 -14.68 4.14
N PRO C 94 38.22 -14.28 3.56
CA PRO C 94 39.19 -13.42 4.24
C PRO C 94 38.67 -12.01 4.51
N LEU C 95 39.35 -11.34 5.43
CA LEU C 95 38.98 -9.97 5.77
C LEU C 95 39.11 -9.08 4.57
N GLY C 96 38.32 -8.03 4.54
CA GLY C 96 38.39 -7.08 3.45
C GLY C 96 37.68 -7.50 2.19
N THR C 97 37.21 -8.74 2.18
CA THR C 97 36.50 -9.26 1.00
C THR C 97 35.25 -8.45 0.76
N PRO C 98 35.05 -8.00 -0.50
CA PRO C 98 33.86 -7.22 -0.83
C PRO C 98 32.64 -8.11 -0.66
N LEU C 99 31.85 -7.86 0.35
CA LEU C 99 30.70 -8.71 0.62
C LEU C 99 29.57 -8.49 -0.36
N CYS C 100 29.19 -7.23 -0.50
CA CYS C 100 28.12 -6.83 -1.40
C CYS C 100 28.15 -5.31 -1.57
N ILE C 101 27.43 -4.79 -2.56
CA ILE C 101 27.43 -3.36 -2.78
C ILE C 101 26.13 -2.72 -2.42
N ILE C 102 26.25 -1.55 -1.79
CA ILE C 102 25.12 -0.72 -1.44
C ILE C 102 25.09 0.43 -2.44
N VAL C 103 23.93 1.08 -2.57
CA VAL C 103 23.76 2.24 -3.43
C VAL C 103 22.87 3.26 -2.72
N GLU C 104 23.29 4.52 -2.73
CA GLU C 104 22.57 5.62 -2.07
C GLU C 104 21.07 5.61 -2.42
N LYS C 105 20.72 6.25 -3.53
CA LYS C 105 19.34 6.31 -4.03
C LYS C 105 18.94 4.91 -4.52
N GLU C 106 17.63 4.65 -4.68
CA GLU C 106 17.19 3.31 -5.07
C GLU C 106 16.83 3.16 -6.56
N ALA C 107 17.52 3.86 -7.44
CA ALA C 107 17.25 3.74 -8.87
C ALA C 107 18.46 3.10 -9.52
N ASP C 108 19.12 2.24 -8.77
CA ASP C 108 20.32 1.62 -9.28
C ASP C 108 20.45 0.18 -8.78
N PRO D 26 11.57 47.14 -39.80
CA PRO D 26 10.65 46.07 -40.25
C PRO D 26 10.94 45.59 -41.69
N LYS D 27 11.88 46.21 -42.40
CA LYS D 27 12.15 45.78 -43.79
C LYS D 27 12.87 44.44 -43.87
N GLN D 28 13.93 44.27 -43.09
CA GLN D 28 14.65 43.00 -43.06
C GLN D 28 13.77 41.96 -42.40
N ILE D 29 13.13 42.39 -41.32
CA ILE D 29 12.24 41.55 -40.56
C ILE D 29 11.10 41.09 -41.42
N GLU D 30 10.59 41.96 -42.29
CA GLU D 30 9.51 41.52 -43.15
C GLU D 30 10.04 40.50 -44.15
N ARG D 31 11.31 40.64 -44.53
CA ARG D 31 11.89 39.73 -45.50
C ARG D 31 12.14 38.34 -44.90
N TYR D 32 12.87 38.30 -43.78
CA TYR D 32 13.19 37.05 -43.13
C TYR D 32 11.96 36.32 -42.66
N SER D 33 10.95 37.09 -42.23
CA SER D 33 9.67 36.51 -41.78
C SER D 33 8.97 35.84 -42.93
N ARG D 34 9.27 36.31 -44.14
CA ARG D 34 8.66 35.75 -45.34
C ARG D 34 9.34 34.46 -45.74
N PHE D 35 10.20 33.99 -44.85
CA PHE D 35 10.83 32.71 -45.06
C PHE D 35 10.14 31.72 -44.17
N SER D 36 10.31 30.44 -44.48
CA SER D 36 9.66 29.39 -43.72
C SER D 36 10.64 28.63 -42.84
N PRO D 37 10.36 28.50 -41.53
CA PRO D 37 11.30 27.75 -40.70
C PRO D 37 11.58 26.37 -41.31
N SER D 38 12.71 25.77 -40.96
CA SER D 38 13.08 24.45 -41.46
C SER D 38 13.15 23.45 -40.31
N PRO D 39 12.20 22.51 -40.24
CA PRO D 39 12.24 21.55 -39.16
C PRO D 39 13.22 20.39 -39.37
N LEU D 40 13.79 19.94 -38.27
CA LEU D 40 14.72 18.84 -38.28
C LEU D 40 14.15 17.74 -37.44
N SER D 41 14.24 16.52 -37.92
CA SER D 41 13.76 15.42 -37.13
C SER D 41 14.77 15.18 -36.04
N ILE D 42 14.47 14.25 -35.16
CA ILE D 42 15.42 13.92 -34.11
C ILE D 42 16.60 13.18 -34.75
N LYS D 43 16.30 12.28 -35.67
CA LYS D 43 17.33 11.53 -36.36
C LYS D 43 18.40 12.45 -36.91
N GLN D 44 17.98 13.52 -37.56
CA GLN D 44 18.90 14.49 -38.15
C GLN D 44 19.80 15.15 -37.12
N PHE D 45 19.24 15.53 -35.97
CA PHE D 45 20.04 16.17 -34.91
C PHE D 45 21.14 15.21 -34.44
N LEU D 46 20.77 13.93 -34.44
CA LEU D 46 21.66 12.87 -33.98
C LEU D 46 22.69 12.53 -35.01
N ASP D 47 22.22 12.18 -36.21
CA ASP D 47 23.12 11.84 -37.30
C ASP D 47 24.11 12.98 -37.54
N PHE D 48 23.65 14.23 -37.45
CA PHE D 48 24.54 15.37 -37.65
C PHE D 48 25.59 15.51 -36.59
N GLY D 49 25.18 15.45 -35.33
CA GLY D 49 26.15 15.61 -34.26
C GLY D 49 27.04 14.41 -34.10
N ARG D 50 26.66 13.31 -34.75
CA ARG D 50 27.41 12.08 -34.65
C ARG D 50 28.29 11.80 -35.90
N ASP D 51 27.67 11.63 -37.06
CA ASP D 51 28.41 11.34 -38.30
C ASP D 51 29.16 12.54 -38.85
N ASN D 52 28.40 13.58 -39.17
CA ASN D 52 28.97 14.81 -39.71
C ASN D 52 29.92 15.49 -38.71
N ALA D 53 29.33 16.29 -37.81
CA ALA D 53 30.03 17.05 -36.76
C ALA D 53 30.82 18.23 -37.32
N CYS D 54 30.34 18.81 -38.43
CA CYS D 54 31.00 19.96 -39.08
C CYS D 54 30.41 21.31 -38.70
N GLU D 55 31.20 22.11 -37.99
CA GLU D 55 30.80 23.42 -37.53
C GLU D 55 30.47 24.35 -38.69
N LYS D 56 31.11 24.17 -39.83
CA LYS D 56 30.85 25.02 -40.97
C LYS D 56 29.41 24.90 -41.44
N THR D 57 28.96 23.67 -41.68
CA THR D 57 27.59 23.42 -42.13
C THR D 57 26.59 23.97 -41.11
N SER D 58 26.91 23.76 -39.83
CA SER D 58 26.07 24.21 -38.73
C SER D 58 25.97 25.73 -38.69
N TYR D 59 27.09 26.42 -38.83
CA TYR D 59 27.04 27.88 -38.88
C TYR D 59 26.19 28.32 -40.07
N MET D 60 26.49 27.72 -41.21
CA MET D 60 25.77 28.03 -42.42
C MET D 60 24.28 27.96 -42.19
N PHE D 61 23.84 26.87 -41.58
CA PHE D 61 22.43 26.65 -41.31
C PHE D 61 21.84 27.68 -40.35
N LEU D 62 22.42 27.73 -39.17
CA LEU D 62 21.95 28.60 -38.14
C LEU D 62 22.03 30.08 -38.43
N ARG D 63 22.89 30.53 -39.34
CA ARG D 63 22.96 31.96 -39.56
C ARG D 63 21.72 32.45 -40.30
N LYS D 64 21.06 31.51 -40.95
CA LYS D 64 19.82 31.81 -41.64
C LYS D 64 18.64 31.42 -40.78
N GLU D 65 18.66 30.17 -40.32
CA GLU D 65 17.59 29.59 -39.51
C GLU D 65 17.27 30.36 -38.24
N LEU D 66 18.27 30.77 -37.50
CA LEU D 66 17.95 31.49 -36.29
C LEU D 66 17.19 32.77 -36.57
N PRO D 67 17.76 33.71 -37.35
CA PRO D 67 17.02 34.97 -37.62
C PRO D 67 15.65 34.76 -38.28
N VAL D 68 15.47 33.66 -39.02
CA VAL D 68 14.18 33.39 -39.68
C VAL D 68 13.12 33.13 -38.64
N ARG D 69 13.37 32.12 -37.81
CA ARG D 69 12.46 31.76 -36.75
C ARG D 69 12.16 32.96 -35.89
N LEU D 70 13.13 33.85 -35.72
CA LEU D 70 12.97 35.05 -34.90
C LEU D 70 11.99 36.04 -35.50
N ALA D 71 12.12 36.25 -36.81
CA ALA D 71 11.26 37.17 -37.53
C ALA D 71 9.84 36.61 -37.68
N ASN D 72 9.68 35.28 -37.81
CA ASN D 72 8.34 34.69 -37.93
C ASN D 72 7.56 34.82 -36.62
N THR D 73 8.27 35.13 -35.53
CA THR D 73 7.68 35.30 -34.20
C THR D 73 7.44 36.79 -33.89
N MET D 74 8.47 37.61 -34.13
CA MET D 74 8.38 39.06 -33.92
C MET D 74 7.24 39.62 -34.76
N ARG D 75 7.00 38.98 -35.89
CA ARG D 75 5.95 39.38 -36.81
C ARG D 75 4.54 39.11 -36.23
N GLU D 76 4.39 38.05 -35.44
CA GLU D 76 3.10 37.73 -34.86
C GLU D 76 2.85 38.59 -33.65
N VAL D 77 3.80 38.67 -32.72
CA VAL D 77 3.62 39.48 -31.48
C VAL D 77 3.17 40.89 -31.82
N ASN D 78 3.61 41.33 -32.97
CA ASN D 78 3.32 42.66 -33.47
C ASN D 78 1.86 42.79 -33.91
N LEU D 79 1.17 41.65 -34.01
CA LEU D 79 -0.23 41.60 -34.45
C LEU D 79 -1.21 41.38 -33.28
N LEU D 80 -0.73 41.64 -32.06
CA LEU D 80 -1.52 41.48 -30.84
C LEU D 80 -2.52 42.61 -30.60
N PRO D 81 -3.50 42.36 -29.71
CA PRO D 81 -4.45 43.43 -29.46
C PRO D 81 -3.66 44.59 -28.89
N ASP D 82 -3.95 45.79 -29.33
CA ASP D 82 -3.17 46.95 -28.96
C ASP D 82 -3.12 47.27 -27.47
N ASN D 83 -4.10 46.76 -26.72
CA ASN D 83 -4.08 46.92 -25.27
C ASN D 83 -2.92 46.09 -24.73
N LEU D 84 -2.73 44.91 -25.33
CA LEU D 84 -1.68 43.97 -24.97
C LEU D 84 -0.32 44.42 -25.47
N LEU D 85 -0.22 44.68 -26.78
CA LEU D 85 1.04 45.13 -27.37
C LEU D 85 1.64 46.31 -26.57
N ASN D 86 0.75 47.07 -25.96
CA ASN D 86 1.08 48.26 -25.18
C ASN D 86 1.81 48.00 -23.87
N ARG D 87 1.65 46.81 -23.31
CA ARG D 87 2.27 46.49 -22.03
C ARG D 87 3.79 46.62 -22.12
N PRO D 88 4.39 47.36 -21.15
CA PRO D 88 5.84 47.55 -21.13
C PRO D 88 6.59 46.22 -21.27
N SER D 89 5.97 45.16 -20.73
CA SER D 89 6.53 43.83 -20.74
C SER D 89 6.74 43.32 -22.15
N VAL D 90 5.80 43.66 -23.02
CA VAL D 90 5.81 43.22 -24.41
C VAL D 90 6.79 43.97 -25.29
N GLY D 91 6.78 45.30 -25.23
CA GLY D 91 7.69 46.08 -26.04
C GLY D 91 9.12 45.76 -25.66
N LEU D 92 9.26 45.25 -24.46
CA LEU D 92 10.56 44.87 -23.89
C LEU D 92 11.04 43.58 -24.52
N VAL D 93 10.10 42.68 -24.78
CA VAL D 93 10.46 41.43 -25.39
C VAL D 93 10.82 41.70 -26.82
N GLN D 94 9.98 42.47 -27.50
CA GLN D 94 10.21 42.79 -28.89
C GLN D 94 11.58 43.39 -29.13
N SER D 95 12.00 44.33 -28.29
CA SER D 95 13.32 44.95 -28.45
C SER D 95 14.45 43.92 -28.24
N TRP D 96 14.26 42.99 -27.31
CA TRP D 96 15.24 41.95 -27.08
C TRP D 96 15.30 41.03 -28.26
N TYR D 97 14.14 40.72 -28.83
CA TYR D 97 14.08 39.87 -30.01
C TYR D 97 14.77 40.60 -31.15
N MET D 98 14.37 41.85 -31.31
CA MET D 98 14.92 42.74 -32.30
C MET D 98 16.44 42.72 -32.25
N GLN D 99 16.97 43.04 -31.08
CA GLN D 99 18.40 43.10 -30.86
C GLN D 99 19.09 41.83 -31.31
N SER D 100 18.58 40.67 -30.88
CA SER D 100 19.16 39.37 -31.23
C SER D 100 19.13 39.16 -32.72
N PHE D 101 18.03 39.58 -33.33
CA PHE D 101 17.85 39.48 -34.77
C PHE D 101 19.02 40.18 -35.48
N LEU D 102 19.26 41.43 -35.11
CA LEU D 102 20.29 42.25 -35.72
C LEU D 102 21.70 41.85 -35.39
N GLU D 103 21.95 41.16 -34.30
CA GLU D 103 23.33 40.75 -34.03
C GLU D 103 23.65 39.58 -34.93
N LEU D 104 22.63 38.75 -35.12
CA LEU D 104 22.67 37.55 -35.94
C LEU D 104 22.74 37.90 -37.42
N LEU D 105 21.79 38.75 -37.84
CA LEU D 105 21.66 39.20 -39.21
C LEU D 105 22.99 39.78 -39.72
N GLU D 106 23.93 39.97 -38.80
CA GLU D 106 25.25 40.54 -39.10
C GLU D 106 26.27 39.48 -39.53
N TYR D 107 25.78 38.43 -40.17
CA TYR D 107 26.61 37.34 -40.66
C TYR D 107 26.01 36.80 -41.94
N GLU D 108 24.96 37.47 -42.39
CA GLU D 108 24.28 37.10 -43.61
C GLU D 108 25.30 36.83 -44.72
N ASN D 109 26.51 37.41 -44.58
CA ASN D 109 27.58 37.27 -45.59
C ASN D 109 28.96 36.84 -45.05
N LYS D 110 29.24 36.94 -43.75
CA LYS D 110 30.55 36.49 -43.23
C LYS D 110 30.77 35.01 -43.58
N SER D 111 31.98 34.65 -44.00
CA SER D 111 32.22 33.27 -44.42
C SER D 111 32.73 32.36 -43.31
N PRO D 112 32.26 31.10 -43.34
CA PRO D 112 32.64 30.07 -42.36
C PRO D 112 34.07 29.60 -42.57
N GLU D 113 34.84 30.34 -43.35
CA GLU D 113 36.19 29.92 -43.63
C GLU D 113 37.17 30.18 -42.50
N ASP D 114 37.26 31.42 -42.02
CA ASP D 114 38.17 31.67 -40.89
C ASP D 114 37.53 31.31 -39.55
N PRO D 115 38.24 30.52 -38.70
CA PRO D 115 37.70 30.11 -37.40
C PRO D 115 37.45 31.32 -36.48
N GLN D 116 37.77 32.52 -37.01
CA GLN D 116 37.54 33.77 -36.30
C GLN D 116 36.05 34.07 -36.35
N VAL D 117 35.45 33.93 -37.54
CA VAL D 117 34.02 34.14 -37.66
C VAL D 117 33.35 33.11 -36.75
N LEU D 118 33.59 31.85 -37.08
CA LEU D 118 33.07 30.69 -36.34
C LEU D 118 33.13 30.85 -34.82
N ASP D 119 34.29 31.20 -34.30
CA ASP D 119 34.43 31.35 -32.86
C ASP D 119 33.66 32.55 -32.34
N ASN D 120 33.40 33.52 -33.21
CA ASN D 120 32.69 34.69 -32.77
C ASN D 120 31.18 34.48 -32.89
N PHE D 121 30.80 33.55 -33.75
CA PHE D 121 29.41 33.17 -33.90
C PHE D 121 29.01 32.57 -32.57
N LEU D 122 29.78 31.57 -32.15
CA LEU D 122 29.56 30.89 -30.90
C LEU D 122 29.26 31.89 -29.78
N GLN D 123 30.07 32.94 -29.68
CA GLN D 123 29.90 33.96 -28.64
C GLN D 123 28.57 34.68 -28.76
N VAL D 124 28.14 34.90 -29.99
CA VAL D 124 26.86 35.57 -30.26
C VAL D 124 25.73 34.73 -29.70
N LEU D 125 25.73 33.45 -30.10
CA LEU D 125 24.73 32.49 -29.66
C LEU D 125 24.64 32.45 -28.14
N ILE D 126 25.79 32.49 -27.48
CA ILE D 126 25.79 32.53 -26.03
C ILE D 126 25.07 33.78 -25.58
N LYS D 127 25.45 34.91 -26.16
CA LYS D 127 24.84 36.19 -25.85
C LYS D 127 23.31 36.19 -25.93
N VAL D 128 22.74 35.86 -27.10
CA VAL D 128 21.28 35.88 -27.24
C VAL D 128 20.57 34.84 -26.39
N ARG D 129 21.23 33.72 -26.10
CA ARG D 129 20.62 32.67 -25.28
C ARG D 129 20.35 33.21 -23.87
N ASN D 130 21.31 33.99 -23.37
CA ASN D 130 21.23 34.64 -22.06
C ASN D 130 20.24 35.80 -22.14
N ARG D 131 20.41 36.64 -23.15
CA ARG D 131 19.52 37.78 -23.37
C ARG D 131 18.05 37.35 -23.34
N HIS D 132 17.75 36.21 -23.95
CA HIS D 132 16.38 35.69 -24.06
C HIS D 132 15.94 34.89 -22.84
N ASN D 133 16.90 34.41 -22.07
CA ASN D 133 16.63 33.59 -20.91
C ASN D 133 15.37 33.96 -20.10
N ASP D 134 15.13 35.25 -19.94
CA ASP D 134 13.98 35.72 -19.16
C ASP D 134 12.90 36.32 -20.03
N VAL D 135 12.72 35.76 -21.22
CA VAL D 135 11.67 36.25 -22.11
C VAL D 135 10.32 35.67 -21.66
N VAL D 136 10.34 34.40 -21.25
CA VAL D 136 9.14 33.74 -20.77
C VAL D 136 8.60 34.46 -19.53
N PRO D 137 9.46 34.67 -18.50
CA PRO D 137 8.97 35.37 -17.31
C PRO D 137 8.18 36.63 -17.68
N THR D 138 8.85 37.54 -18.41
CA THR D 138 8.28 38.83 -18.84
C THR D 138 7.00 38.68 -19.65
N MET D 139 6.98 37.79 -20.64
CA MET D 139 5.77 37.62 -21.42
C MET D 139 4.61 37.36 -20.48
N ALA D 140 4.72 36.26 -19.72
CA ALA D 140 3.68 35.92 -18.76
C ALA D 140 3.35 37.14 -17.90
N GLN D 141 4.34 37.98 -17.66
CA GLN D 141 4.10 39.19 -16.89
C GLN D 141 3.21 40.12 -17.72
N GLY D 142 3.53 40.23 -19.00
CA GLY D 142 2.79 41.10 -19.89
C GLY D 142 1.35 40.69 -20.09
N VAL D 143 1.06 39.40 -20.11
CA VAL D 143 -0.32 38.96 -20.32
C VAL D 143 -1.17 39.16 -19.07
N ILE D 144 -0.61 38.81 -17.91
CA ILE D 144 -1.35 38.95 -16.67
C ILE D 144 -1.74 40.41 -16.44
N GLU D 145 -0.76 41.31 -16.59
CA GLU D 145 -0.99 42.75 -16.43
C GLU D 145 -2.03 43.26 -17.42
N TYR D 146 -2.31 42.47 -18.45
CA TYR D 146 -3.28 42.87 -19.44
C TYR D 146 -4.66 42.31 -19.10
N LYS D 147 -4.67 41.06 -18.66
CA LYS D 147 -5.87 40.37 -18.28
C LYS D 147 -6.68 41.18 -17.26
N GLU D 148 -6.08 41.37 -16.09
CA GLU D 148 -6.68 42.08 -14.95
C GLU D 148 -6.65 43.59 -15.10
N LYS D 149 -6.40 44.04 -16.33
CA LYS D 149 -6.35 45.46 -16.59
C LYS D 149 -7.31 45.83 -17.73
N PHE D 150 -7.70 44.83 -18.52
CA PHE D 150 -8.56 45.13 -19.63
C PHE D 150 -9.78 44.20 -19.84
N GLY D 151 -9.67 42.87 -19.94
CA GLY D 151 -10.93 42.16 -20.18
C GLY D 151 -10.97 40.64 -20.37
N PHE D 152 -12.11 40.13 -19.92
CA PHE D 152 -12.52 38.71 -19.85
C PHE D 152 -13.16 38.10 -21.14
N ASP D 153 -13.49 38.88 -22.16
CA ASP D 153 -14.24 38.33 -23.34
C ASP D 153 -13.67 37.03 -23.97
N PRO D 154 -14.46 36.37 -24.87
CA PRO D 154 -14.06 35.11 -25.53
C PRO D 154 -13.01 35.24 -26.65
N PHE D 155 -13.39 35.76 -27.82
CA PHE D 155 -12.46 35.77 -28.94
C PHE D 155 -11.09 36.36 -28.60
N ILE D 156 -11.03 37.46 -27.87
CA ILE D 156 -9.72 38.02 -27.51
C ILE D 156 -8.87 36.95 -26.80
N SER D 157 -9.49 36.24 -25.87
CA SER D 157 -8.79 35.23 -25.11
C SER D 157 -8.34 34.06 -25.93
N THR D 158 -9.20 33.56 -26.81
CA THR D 158 -8.81 32.43 -27.63
C THR D 158 -7.66 32.82 -28.55
N ASN D 159 -7.49 34.12 -28.73
CA ASN D 159 -6.42 34.66 -29.57
C ASN D 159 -5.07 34.45 -28.93
N ILE D 160 -4.96 35.01 -27.72
CA ILE D 160 -3.75 34.96 -26.89
C ILE D 160 -3.28 33.52 -26.69
N GLN D 161 -4.23 32.61 -26.50
CA GLN D 161 -3.89 31.20 -26.35
C GLN D 161 -3.18 30.72 -27.59
N TYR D 162 -3.71 31.10 -28.76
CA TYR D 162 -3.14 30.74 -30.05
C TYR D 162 -1.72 31.25 -30.18
N PHE D 163 -1.55 32.52 -29.84
CA PHE D 163 -0.26 33.15 -29.93
C PHE D 163 0.77 32.50 -29.00
N LEU D 164 0.41 32.24 -27.75
CA LEU D 164 1.34 31.67 -26.78
C LEU D 164 1.77 30.25 -27.11
N ASP D 165 0.87 29.43 -27.60
CA ASP D 165 1.26 28.08 -27.97
C ASP D 165 2.43 28.15 -28.96
N ARG D 166 2.32 29.06 -29.93
CA ARG D 166 3.34 29.27 -30.97
C ARG D 166 4.56 29.99 -30.42
N PHE D 167 4.32 31.07 -29.67
CA PHE D 167 5.42 31.82 -29.10
C PHE D 167 6.36 30.90 -28.31
N TYR D 168 5.83 30.16 -27.33
CA TYR D 168 6.67 29.27 -26.53
C TYR D 168 7.22 28.13 -27.36
N THR D 169 6.40 27.55 -28.25
CA THR D 169 6.83 26.45 -29.11
C THR D 169 8.04 26.87 -29.91
N ASN D 170 8.02 28.13 -30.31
CA ASN D 170 9.11 28.69 -31.08
C ASN D 170 10.32 28.91 -30.19
N ARG D 171 10.08 29.46 -29.01
CA ARG D 171 11.12 29.68 -28.01
C ARG D 171 11.80 28.35 -27.76
N ILE D 172 10.96 27.33 -27.61
CA ILE D 172 11.44 26.00 -27.33
C ILE D 172 12.36 25.48 -28.44
N SER D 173 12.04 25.75 -29.69
CA SER D 173 12.84 25.26 -30.80
C SER D 173 14.14 26.01 -30.91
N PHE D 174 14.08 27.30 -30.63
CA PHE D 174 15.23 28.20 -30.67
C PHE D 174 16.36 27.76 -29.75
N ARG D 175 16.04 27.42 -28.51
CA ARG D 175 17.06 26.97 -27.61
C ARG D 175 17.59 25.59 -28.04
N MET D 176 16.73 24.80 -28.67
CA MET D 176 17.11 23.47 -29.12
C MET D 176 18.21 23.58 -30.16
N LEU D 177 18.04 24.47 -31.12
CA LEU D 177 19.05 24.66 -32.16
C LEU D 177 20.38 25.18 -31.55
N ILE D 178 20.31 26.21 -30.71
CA ILE D 178 21.51 26.77 -30.11
C ILE D 178 22.22 25.80 -29.15
N ASN D 179 21.46 25.09 -28.33
CA ASN D 179 22.04 24.14 -27.37
C ASN D 179 22.88 23.10 -28.06
N GLN D 180 22.40 22.63 -29.19
CA GLN D 180 23.16 21.65 -29.95
C GLN D 180 24.47 22.27 -30.38
N HIS D 181 24.38 23.39 -31.12
CA HIS D 181 25.57 24.07 -31.62
C HIS D 181 26.59 24.37 -30.54
N THR D 182 26.18 24.95 -29.41
CA THR D 182 27.19 25.26 -28.40
C THR D 182 27.69 23.99 -27.72
N LEU D 183 26.82 23.01 -27.48
CA LEU D 183 27.30 21.79 -26.86
C LEU D 183 28.23 21.01 -27.81
N LEU D 184 27.92 21.07 -29.11
CA LEU D 184 28.72 20.37 -30.11
C LEU D 184 30.03 21.12 -30.46
N PHE D 185 30.05 22.44 -30.39
CA PHE D 185 31.26 23.13 -30.80
C PHE D 185 31.85 24.12 -29.80
N GLY D 186 31.23 24.27 -28.64
CA GLY D 186 31.78 25.13 -27.61
C GLY D 186 32.83 24.35 -26.82
N GLY D 187 32.97 23.09 -27.26
CA GLY D 187 33.91 22.10 -26.73
C GLY D 187 34.20 22.16 -25.25
N ASP D 188 33.21 22.54 -24.43
CA ASP D 188 33.39 22.62 -22.97
C ASP D 188 34.06 21.34 -22.42
N THR D 189 35.38 21.46 -22.23
CA THR D 189 36.33 20.43 -21.79
C THR D 189 35.79 19.23 -20.97
N ASN D 190 34.95 19.43 -19.97
CA ASN D 190 34.41 18.27 -19.21
C ASN D 190 32.88 18.22 -19.32
N PRO D 191 32.38 17.56 -20.39
CA PRO D 191 30.95 17.40 -20.69
C PRO D 191 30.15 16.73 -19.56
N VAL D 192 29.15 17.47 -19.05
CA VAL D 192 28.26 16.98 -17.97
C VAL D 192 27.69 15.59 -18.29
N HIS D 193 27.28 15.40 -19.54
CA HIS D 193 26.74 14.14 -20.03
C HIS D 193 27.63 13.62 -21.16
N PRO D 194 28.56 12.70 -20.85
CA PRO D 194 29.56 12.08 -21.76
C PRO D 194 29.04 11.05 -22.78
N LYS D 195 27.78 10.62 -22.76
CA LYS D 195 27.30 9.62 -23.74
C LYS D 195 26.34 10.24 -24.78
N HIS D 196 25.69 11.33 -24.36
CA HIS D 196 24.77 12.07 -25.19
C HIS D 196 25.44 12.61 -26.43
N ILE D 197 24.63 13.25 -27.24
CA ILE D 197 25.05 13.93 -28.45
C ILE D 197 24.32 15.23 -28.35
N GLY D 198 24.94 16.17 -27.63
CA GLY D 198 24.26 17.41 -27.35
C GLY D 198 23.31 17.10 -26.20
N SER D 199 22.02 17.35 -26.39
CA SER D 199 21.03 17.07 -25.35
C SER D 199 20.19 15.87 -25.72
N ILE D 200 20.68 15.09 -26.69
CA ILE D 200 19.95 13.92 -27.15
C ILE D 200 20.57 12.63 -26.65
N ASP D 201 19.79 11.86 -25.93
CA ASP D 201 20.26 10.58 -25.47
C ASP D 201 19.86 9.55 -26.51
N PRO D 202 20.85 8.99 -27.21
CA PRO D 202 20.61 7.98 -28.25
C PRO D 202 20.00 6.68 -27.72
N THR D 203 20.20 6.42 -26.42
CA THR D 203 19.68 5.21 -25.78
C THR D 203 19.00 5.58 -24.44
N CYS D 204 17.90 6.33 -24.52
CA CYS D 204 17.17 6.80 -23.35
C CYS D 204 16.22 5.77 -22.79
N ASN D 205 16.51 5.24 -21.61
CA ASN D 205 15.63 4.27 -20.96
C ASN D 205 14.45 5.02 -20.34
N VAL D 206 13.31 5.02 -21.03
CA VAL D 206 12.12 5.74 -20.57
C VAL D 206 11.73 5.38 -19.14
N ALA D 207 11.80 4.10 -18.80
CA ALA D 207 11.45 3.70 -17.44
C ALA D 207 12.34 4.41 -16.41
N ASP D 208 13.56 4.76 -16.80
CA ASP D 208 14.49 5.44 -15.90
C ASP D 208 14.11 6.90 -15.72
N VAL D 209 13.71 7.57 -16.80
CA VAL D 209 13.33 8.98 -16.70
C VAL D 209 12.04 9.11 -15.91
N VAL D 210 11.22 8.07 -16.00
CA VAL D 210 9.98 8.03 -15.26
C VAL D 210 10.23 7.89 -13.76
N LYS D 211 11.15 7.01 -13.37
CA LYS D 211 11.48 6.79 -11.95
C LYS D 211 12.07 8.00 -11.31
N ASP D 212 12.84 8.76 -12.08
CA ASP D 212 13.44 9.98 -11.53
C ASP D 212 12.39 11.02 -11.35
N ALA D 213 11.73 11.41 -12.43
CA ALA D 213 10.69 12.41 -12.32
C ALA D 213 9.79 12.10 -11.11
N TYR D 214 9.55 10.81 -10.85
CA TYR D 214 8.70 10.38 -9.73
C TYR D 214 9.35 10.59 -8.38
N GLU D 215 10.59 10.13 -8.24
CA GLU D 215 11.30 10.29 -6.99
C GLU D 215 11.30 11.74 -6.56
N THR D 216 11.67 12.65 -7.46
CA THR D 216 11.70 14.06 -7.08
C THR D 216 10.30 14.55 -6.63
N ALA D 217 9.30 14.42 -7.49
CA ALA D 217 7.93 14.83 -7.12
C ALA D 217 7.54 14.25 -5.76
N LYS D 218 8.15 13.12 -5.45
CA LYS D 218 7.91 12.40 -4.20
C LYS D 218 8.62 13.07 -3.02
N MET D 219 9.83 13.57 -3.22
CA MET D 219 10.53 14.24 -2.13
C MET D 219 9.85 15.52 -1.75
N LEU D 220 9.38 16.26 -2.75
CA LEU D 220 8.67 17.50 -2.51
C LEU D 220 7.40 17.20 -1.77
N CYS D 221 6.73 16.17 -2.25
CA CYS D 221 5.50 15.67 -1.67
C CYS D 221 5.75 15.35 -0.18
N GLU D 222 6.82 14.62 0.03
CA GLU D 222 7.30 14.22 1.32
C GLU D 222 7.45 15.43 2.26
N GLN D 223 8.19 16.43 1.80
CA GLN D 223 8.48 17.62 2.57
C GLN D 223 7.26 18.46 2.89
N TYR D 224 6.30 18.52 1.97
CA TYR D 224 5.12 19.36 2.20
C TYR D 224 3.90 18.63 2.72
N TYR D 225 3.88 17.31 2.66
CA TYR D 225 2.72 16.57 3.16
C TYR D 225 3.12 15.54 4.21
N LEU D 226 4.39 15.13 4.19
CA LEU D 226 4.94 14.11 5.09
C LEU D 226 4.41 12.75 4.68
N VAL D 227 3.87 12.72 3.47
CA VAL D 227 3.24 11.52 2.95
C VAL D 227 3.39 11.49 1.44
N ALA D 228 3.28 10.31 0.80
CA ALA D 228 3.41 10.20 -0.66
C ALA D 228 2.97 8.85 -1.20
N PRO D 229 2.23 8.84 -2.34
CA PRO D 229 1.79 7.59 -2.92
C PRO D 229 2.96 6.79 -3.51
N GLU D 230 2.94 5.46 -3.39
CA GLU D 230 4.01 4.65 -3.95
C GLU D 230 3.84 4.55 -5.45
N LEU D 231 4.91 4.26 -6.18
CA LEU D 231 4.81 4.13 -7.64
C LEU D 231 4.72 2.66 -8.04
N GLU D 232 4.18 2.43 -9.22
CA GLU D 232 4.09 1.10 -9.80
C GLU D 232 4.33 1.22 -11.29
N VAL D 233 5.31 0.51 -11.82
CA VAL D 233 5.62 0.62 -13.23
C VAL D 233 5.54 -0.70 -13.94
N GLU D 234 4.94 -0.69 -15.11
CA GLU D 234 4.83 -1.87 -15.94
C GLU D 234 5.26 -1.47 -17.32
N GLU D 235 5.98 -2.33 -18.00
CA GLU D 235 6.32 -2.00 -19.35
C GLU D 235 5.83 -3.09 -20.24
N PHE D 236 5.50 -2.72 -21.44
CA PHE D 236 5.16 -3.71 -22.41
C PHE D 236 5.75 -3.26 -23.73
N ASN D 237 6.73 -4.02 -24.18
CA ASN D 237 7.39 -3.74 -25.43
C ASN D 237 6.87 -4.69 -26.50
N ALA D 238 5.89 -4.23 -27.28
CA ALA D 238 5.29 -5.04 -28.34
C ALA D 238 6.30 -5.36 -29.43
N LYS D 239 7.22 -4.41 -29.67
CA LYS D 239 8.26 -4.57 -30.66
C LYS D 239 9.17 -5.77 -30.32
N ALA D 240 9.76 -5.77 -29.12
CA ALA D 240 10.66 -6.84 -28.62
C ALA D 240 10.34 -7.14 -27.15
N PRO D 241 9.25 -7.89 -26.87
CA PRO D 241 8.63 -8.35 -25.63
C PRO D 241 9.51 -8.43 -24.39
N ASP D 242 10.80 -8.12 -24.43
CA ASP D 242 11.56 -8.16 -23.18
C ASP D 242 12.71 -7.16 -23.13
N LYS D 243 13.01 -6.62 -24.30
CA LYS D 243 14.03 -5.59 -24.40
C LYS D 243 13.44 -4.35 -23.68
N PRO D 244 14.19 -3.73 -22.74
CA PRO D 244 13.65 -2.56 -22.06
C PRO D 244 13.44 -1.42 -23.02
N ILE D 245 12.32 -0.74 -22.88
CA ILE D 245 11.93 0.35 -23.77
C ILE D 245 12.84 1.55 -23.67
N GLN D 246 13.52 1.80 -24.79
CA GLN D 246 14.46 2.89 -24.97
C GLN D 246 14.00 3.73 -26.13
N VAL D 247 14.47 4.97 -26.16
CA VAL D 247 14.11 5.84 -27.25
C VAL D 247 15.12 6.93 -27.41
N VAL D 248 15.11 7.54 -28.59
CA VAL D 248 16.00 8.65 -28.93
C VAL D 248 15.27 9.93 -28.57
N TYR D 249 15.66 10.60 -27.49
CA TYR D 249 14.92 11.79 -27.10
C TYR D 249 15.75 12.69 -26.23
N VAL D 250 15.23 13.88 -25.94
CA VAL D 250 15.91 14.78 -25.03
C VAL D 250 15.41 14.47 -23.61
N PRO D 251 16.23 13.78 -22.80
CA PRO D 251 15.92 13.37 -21.43
C PRO D 251 15.25 14.45 -20.61
N SER D 252 15.80 15.66 -20.65
CA SER D 252 15.25 16.78 -19.89
C SER D 252 13.80 17.05 -20.24
N HIS D 253 13.52 17.19 -21.54
CA HIS D 253 12.16 17.43 -21.98
C HIS D 253 11.21 16.46 -21.32
N LEU D 254 11.41 15.17 -21.61
CA LEU D 254 10.61 14.08 -21.08
C LEU D 254 10.50 14.13 -19.56
N PHE D 255 11.65 14.24 -18.91
CA PHE D 255 11.70 14.30 -17.47
C PHE D 255 10.64 15.26 -16.94
N HIS D 256 10.61 16.45 -17.53
CA HIS D 256 9.68 17.48 -17.06
C HIS D 256 8.23 17.13 -17.24
N MET D 257 7.84 16.76 -18.46
CA MET D 257 6.45 16.40 -18.70
C MET D 257 6.02 15.39 -17.66
N LEU D 258 6.91 14.44 -17.40
CA LEU D 258 6.62 13.43 -16.43
C LEU D 258 6.47 14.04 -15.05
N PHE D 259 7.43 14.89 -14.66
CA PHE D 259 7.35 15.51 -13.35
C PHE D 259 6.02 16.20 -13.17
N GLU D 260 5.62 16.97 -14.16
CA GLU D 260 4.36 17.69 -14.14
C GLU D 260 3.22 16.74 -13.73
N LEU D 261 3.01 15.72 -14.57
CA LEU D 261 1.98 14.72 -14.31
C LEU D 261 2.11 14.13 -12.90
N PHE D 262 3.27 13.61 -12.55
CA PHE D 262 3.48 12.99 -11.24
C PHE D 262 3.18 13.90 -10.07
N LYS D 263 3.43 15.19 -10.26
CA LYS D 263 3.17 16.15 -9.21
C LYS D 263 1.66 16.17 -8.95
N ASN D 264 0.90 16.34 -10.02
CA ASN D 264 -0.56 16.42 -10.01
C ASN D 264 -1.24 15.17 -9.45
N SER D 265 -0.82 13.99 -9.91
CA SER D 265 -1.43 12.75 -9.45
C SER D 265 -1.30 12.64 -7.97
N MET D 266 -0.12 13.02 -7.50
CA MET D 266 0.18 12.93 -6.09
C MET D 266 -0.56 13.98 -5.28
N ARG D 267 -0.72 15.19 -5.80
CA ARG D 267 -1.51 16.18 -5.04
C ARG D 267 -2.92 15.62 -4.84
N ALA D 268 -3.61 15.37 -5.97
CA ALA D 268 -4.97 14.84 -6.00
C ALA D 268 -5.18 13.62 -5.10
N THR D 269 -4.26 12.65 -5.16
CA THR D 269 -4.35 11.44 -4.34
C THR D 269 -4.36 11.74 -2.83
N VAL D 270 -3.35 12.47 -2.38
CA VAL D 270 -3.21 12.84 -0.98
C VAL D 270 -4.41 13.62 -0.51
N GLU D 271 -4.77 14.62 -1.27
CA GLU D 271 -5.88 15.46 -0.91
C GLU D 271 -7.17 14.68 -0.72
N LEU D 272 -7.29 13.54 -1.37
CA LEU D 272 -8.51 12.75 -1.26
C LEU D 272 -8.42 11.70 -0.15
N TYR D 273 -7.29 11.01 -0.03
CA TYR D 273 -7.18 9.97 0.97
C TYR D 273 -6.69 10.48 2.29
N GLU D 274 -6.65 11.80 2.41
CA GLU D 274 -6.22 12.48 3.63
C GLU D 274 -7.14 12.19 4.82
N ASP D 275 -8.46 12.39 4.60
CA ASP D 275 -9.44 12.19 5.65
C ASP D 275 -9.92 10.73 5.76
N ARG D 276 -9.53 9.91 4.79
CA ARG D 276 -9.82 8.47 4.80
C ARG D 276 -8.88 7.83 5.82
N LYS D 277 -8.61 6.55 5.73
CA LYS D 277 -7.69 5.94 6.67
C LYS D 277 -7.12 4.69 6.08
N GLU D 278 -7.02 4.70 4.75
CA GLU D 278 -6.54 3.55 4.00
C GLU D 278 -5.16 3.78 3.41
N GLY D 279 -4.40 4.71 3.96
CA GLY D 279 -3.10 4.94 3.36
C GLY D 279 -3.25 5.64 2.00
N TYR D 280 -2.33 5.41 1.06
CA TYR D 280 -2.42 6.09 -0.22
C TYR D 280 -2.28 5.20 -1.41
N PRO D 281 -3.24 5.30 -2.35
CA PRO D 281 -3.24 4.50 -3.57
C PRO D 281 -1.99 4.75 -4.34
N ALA D 282 -1.29 3.70 -4.76
CA ALA D 282 -0.09 3.91 -5.54
C ALA D 282 -0.46 4.66 -6.81
N VAL D 283 0.52 5.33 -7.38
CA VAL D 283 0.30 5.98 -8.64
C VAL D 283 0.95 5.06 -9.63
N LYS D 284 0.15 4.56 -10.57
CA LYS D 284 0.62 3.58 -11.53
C LYS D 284 1.07 4.20 -12.84
N THR D 285 2.08 3.60 -13.46
CA THR D 285 2.59 4.07 -14.73
C THR D 285 2.66 2.94 -15.74
N LEU D 286 2.21 3.20 -16.96
CA LEU D 286 2.32 2.19 -17.99
C LEU D 286 3.04 2.74 -19.20
N VAL D 287 4.19 2.15 -19.50
CA VAL D 287 4.96 2.54 -20.67
C VAL D 287 4.86 1.41 -21.70
N THR D 288 4.51 1.75 -22.94
CA THR D 288 4.44 0.75 -23.99
C THR D 288 5.10 1.27 -25.23
N LEU D 289 5.71 0.36 -25.99
CA LEU D 289 6.35 0.72 -27.24
C LEU D 289 5.77 -0.12 -28.35
N GLY D 290 5.09 0.53 -29.27
CA GLY D 290 4.53 -0.21 -30.38
C GLY D 290 5.27 0.14 -31.64
N LYS D 291 4.65 -0.14 -32.77
CA LYS D 291 5.22 0.12 -34.09
C LYS D 291 5.59 1.59 -34.38
N GLU D 292 4.78 2.53 -33.93
CA GLU D 292 5.08 3.92 -34.21
C GLU D 292 4.84 4.85 -33.04
N ASP D 293 4.40 4.29 -31.93
CA ASP D 293 4.10 5.07 -30.75
C ASP D 293 4.85 4.58 -29.54
N LEU D 294 5.40 5.51 -28.79
CA LEU D 294 5.94 5.18 -27.49
C LEU D 294 4.94 5.87 -26.56
N SER D 295 4.20 5.09 -25.79
CA SER D 295 3.17 5.66 -24.96
C SER D 295 3.47 5.53 -23.48
N ILE D 296 3.23 6.59 -22.73
CA ILE D 296 3.45 6.56 -21.30
C ILE D 296 2.19 7.02 -20.58
N LYS D 297 1.61 6.19 -19.73
CA LYS D 297 0.39 6.59 -19.05
C LYS D 297 0.50 6.54 -17.55
N ILE D 298 0.22 7.68 -16.92
CA ILE D 298 0.24 7.78 -15.47
C ILE D 298 -1.21 7.81 -14.99
N SER D 299 -1.54 6.92 -14.05
CA SER D 299 -2.90 6.80 -13.56
C SER D 299 -3.00 6.95 -12.04
N ASP D 300 -3.99 7.73 -11.60
CA ASP D 300 -4.24 7.96 -10.18
C ASP D 300 -5.72 7.86 -9.83
N LEU D 301 -5.99 7.76 -8.55
CA LEU D 301 -7.35 7.72 -8.04
C LEU D 301 -7.59 8.95 -7.20
N GLY D 302 -7.34 10.10 -7.80
CA GLY D 302 -7.49 11.35 -7.10
C GLY D 302 -8.92 11.83 -7.14
N GLY D 303 -9.82 11.00 -7.63
CA GLY D 303 -11.21 11.39 -7.65
C GLY D 303 -11.71 11.95 -8.96
N GLY D 304 -10.83 12.11 -9.95
CA GLY D 304 -11.29 12.59 -11.24
C GLY D 304 -11.68 14.06 -11.34
N VAL D 305 -11.98 14.47 -12.57
CA VAL D 305 -12.36 15.86 -12.87
C VAL D 305 -13.40 15.96 -13.99
N PRO D 306 -14.44 16.77 -13.77
CA PRO D 306 -15.46 16.91 -14.80
C PRO D 306 -14.86 17.23 -16.14
N LEU D 307 -15.40 16.63 -17.17
CA LEU D 307 -14.92 16.83 -18.53
C LEU D 307 -14.84 18.32 -18.89
N ARG D 308 -15.76 19.09 -18.34
CA ARG D 308 -15.87 20.51 -18.59
C ARG D 308 -14.62 21.31 -18.24
N LYS D 309 -13.92 20.93 -17.19
CA LYS D 309 -12.73 21.66 -16.73
C LYS D 309 -11.43 21.06 -17.22
N ILE D 310 -11.46 19.85 -17.75
CA ILE D 310 -10.23 19.20 -18.24
C ILE D 310 -9.65 19.96 -19.43
N ASP D 311 -10.55 20.47 -20.24
CA ASP D 311 -10.16 21.18 -21.44
C ASP D 311 -9.50 22.50 -21.10
N ARG D 312 -9.98 23.10 -20.03
CA ARG D 312 -9.44 24.37 -19.55
C ARG D 312 -8.00 24.21 -19.06
N LEU D 313 -7.66 23.03 -18.52
CA LEU D 313 -6.34 22.78 -17.94
C LEU D 313 -5.14 23.17 -18.78
N PHE D 314 -5.30 23.26 -20.09
CA PHE D 314 -4.19 23.62 -20.95
C PHE D 314 -4.29 25.06 -21.46
N ASN D 315 -5.12 25.86 -20.82
CA ASN D 315 -5.27 27.27 -21.20
C ASN D 315 -4.55 28.13 -20.19
N TYR D 316 -3.98 29.24 -20.66
CA TYR D 316 -3.20 30.12 -19.81
C TYR D 316 -4.09 31.08 -19.03
N ALA D 331 -10.10 25.80 -2.10
CA ALA D 331 -9.89 25.88 -0.66
C ALA D 331 -8.77 24.89 -0.19
N ALA D 332 -7.78 24.62 -1.05
CA ALA D 332 -6.60 23.71 -0.77
C ALA D 332 -5.45 24.14 -1.75
N PRO D 333 -4.15 24.21 -1.29
CA PRO D 333 -3.04 24.66 -2.21
C PRO D 333 -1.76 23.75 -2.41
N LEU D 334 -0.60 24.37 -2.11
CA LEU D 334 0.77 23.79 -1.97
C LEU D 334 1.93 23.69 -3.00
N ALA D 335 1.80 23.73 -4.32
CA ALA D 335 3.05 23.57 -5.10
C ALA D 335 2.98 23.88 -6.57
N GLY D 336 3.44 25.07 -6.92
CA GLY D 336 3.52 25.50 -8.30
C GLY D 336 4.98 25.41 -8.71
N PHE D 337 5.49 24.18 -8.82
CA PHE D 337 6.89 23.92 -9.13
C PHE D 337 7.25 23.72 -10.58
N GLY D 338 6.64 22.77 -11.26
CA GLY D 338 7.01 22.45 -12.64
C GLY D 338 6.83 23.54 -13.69
N TYR D 339 6.52 23.13 -14.92
CA TYR D 339 6.31 24.03 -16.06
C TYR D 339 4.84 24.35 -16.32
N GLY D 340 3.94 23.56 -15.77
CA GLY D 340 2.53 23.76 -16.00
C GLY D 340 2.03 22.80 -17.07
N LEU D 341 0.75 22.48 -17.08
CA LEU D 341 0.24 21.54 -18.09
C LEU D 341 0.38 22.06 -19.52
N PRO D 342 0.14 23.35 -19.74
CA PRO D 342 0.26 23.87 -21.11
C PRO D 342 1.62 23.60 -21.69
N ILE D 343 2.65 24.20 -21.09
CA ILE D 343 4.02 24.04 -21.58
C ILE D 343 4.43 22.56 -21.66
N SER D 344 4.12 21.79 -20.63
CA SER D 344 4.43 20.36 -20.64
C SER D 344 3.94 19.74 -21.91
N ARG D 345 2.82 20.26 -22.37
CA ARG D 345 2.19 19.74 -23.55
C ARG D 345 2.84 20.25 -24.82
N LEU D 346 3.35 21.48 -24.82
CA LEU D 346 4.00 22.02 -26.01
C LEU D 346 5.25 21.25 -26.31
N TYR D 347 5.92 20.77 -25.26
CA TYR D 347 7.14 19.99 -25.41
C TYR D 347 6.87 18.68 -26.13
N ALA D 348 5.76 18.04 -25.78
CA ALA D 348 5.38 16.76 -26.39
C ALA D 348 5.06 16.93 -27.86
N ARG D 349 4.17 17.87 -28.14
CA ARG D 349 3.74 18.14 -29.52
C ARG D 349 4.91 18.65 -30.37
N TYR D 350 5.94 19.18 -29.70
CA TYR D 350 7.10 19.71 -30.38
C TYR D 350 7.75 18.72 -31.34
N PHE D 351 7.93 17.48 -30.95
CA PHE D 351 8.50 16.49 -31.85
C PHE D 351 7.46 15.50 -32.33
N GLN D 352 6.28 16.03 -32.64
CA GLN D 352 5.15 15.28 -33.18
C GLN D 352 4.51 14.29 -32.20
N GLY D 353 4.55 14.60 -30.92
CA GLY D 353 3.93 13.72 -29.94
C GLY D 353 2.81 14.49 -29.27
N ASP D 354 2.23 14.00 -28.17
CA ASP D 354 1.18 14.76 -27.51
C ASP D 354 1.01 14.38 -26.04
N LEU D 355 0.20 15.16 -25.36
CA LEU D 355 -0.15 14.94 -23.97
C LEU D 355 -1.67 15.09 -23.91
N LYS D 356 -2.34 14.09 -23.36
CA LYS D 356 -3.79 14.13 -23.30
C LYS D 356 -4.22 13.70 -21.93
N LEU D 357 -5.36 14.21 -21.48
CA LEU D 357 -5.87 13.85 -20.17
C LEU D 357 -7.26 13.25 -20.27
N TYR D 358 -7.47 12.15 -19.58
CA TYR D 358 -8.77 11.53 -19.59
C TYR D 358 -9.19 11.25 -18.18
N SER D 359 -10.35 11.74 -17.80
CA SER D 359 -10.76 11.51 -16.46
C SER D 359 -12.13 10.89 -16.36
N MET D 360 -12.36 10.21 -15.25
CA MET D 360 -13.66 9.68 -14.93
C MET D 360 -13.98 10.38 -13.63
N GLU D 361 -14.75 11.47 -13.71
CA GLU D 361 -15.08 12.25 -12.52
C GLU D 361 -15.69 11.38 -11.47
N GLY D 362 -15.08 11.38 -10.29
CA GLY D 362 -15.58 10.59 -9.19
C GLY D 362 -14.67 9.41 -8.86
N VAL D 363 -13.71 9.09 -9.72
CA VAL D 363 -12.79 7.99 -9.42
C VAL D 363 -11.32 8.38 -9.64
N GLY D 364 -10.95 8.79 -10.85
CA GLY D 364 -9.55 9.13 -11.09
C GLY D 364 -9.27 9.73 -12.45
N THR D 365 -7.98 9.78 -12.81
CA THR D 365 -7.55 10.41 -14.06
C THR D 365 -6.38 9.68 -14.74
N ASP D 366 -6.49 9.50 -16.05
CA ASP D 366 -5.41 8.92 -16.81
C ASP D 366 -4.71 10.05 -17.54
N ALA D 367 -3.40 10.14 -17.39
CA ALA D 367 -2.58 11.15 -18.08
C ALA D 367 -1.70 10.41 -19.06
N VAL D 368 -1.70 10.81 -20.33
CA VAL D 368 -0.96 10.06 -21.35
C VAL D 368 -0.05 10.87 -22.27
N ILE D 369 1.24 10.54 -22.22
CA ILE D 369 2.21 11.17 -23.10
C ILE D 369 2.46 10.25 -24.29
N TYR D 370 2.32 10.80 -25.48
CA TYR D 370 2.55 10.07 -26.70
C TYR D 370 3.79 10.58 -27.37
N LEU D 371 4.74 9.69 -27.63
CA LEU D 371 5.97 10.08 -28.30
C LEU D 371 6.18 9.15 -29.47
N LYS D 372 6.68 9.69 -30.59
CA LYS D 372 6.92 8.87 -31.76
C LYS D 372 8.01 7.85 -31.45
N ALA D 373 7.77 6.60 -31.84
CA ALA D 373 8.75 5.54 -31.60
C ALA D 373 10.02 5.77 -32.42
N LEU D 374 9.85 6.19 -33.68
CA LEU D 374 10.98 6.44 -34.57
C LEU D 374 11.41 7.88 -34.58
N SER D 375 12.70 8.11 -34.43
CA SER D 375 13.22 9.46 -34.46
C SER D 375 13.22 10.00 -35.88
N SER D 376 12.96 9.11 -36.85
CA SER D 376 12.95 9.51 -38.25
C SER D 376 11.62 10.16 -38.62
N GLU D 377 10.67 10.02 -37.69
CA GLU D 377 9.33 10.57 -37.80
C GLU D 377 9.12 11.71 -36.79
N SER D 378 10.16 12.01 -36.00
CA SER D 378 10.10 13.03 -34.96
C SER D 378 10.59 14.41 -35.44
N PHE D 379 9.85 15.01 -36.36
CA PHE D 379 10.19 16.33 -36.91
C PHE D 379 9.75 17.44 -35.98
N GLU D 380 10.53 18.52 -35.92
CA GLU D 380 10.17 19.67 -35.10
C GLU D 380 8.83 20.19 -35.57
N ARG D 381 7.98 20.67 -34.68
CA ARG D 381 6.70 21.22 -35.10
C ARG D 381 6.75 22.73 -34.92
N LEU D 382 7.03 23.45 -35.99
CA LEU D 382 7.25 24.89 -35.89
C LEU D 382 6.15 25.79 -36.39
N PRO D 383 5.92 26.90 -35.67
CA PRO D 383 4.89 27.83 -36.11
C PRO D 383 5.43 28.72 -37.21
N VAL D 384 4.73 28.76 -38.33
CA VAL D 384 5.19 29.59 -39.44
C VAL D 384 4.40 30.89 -39.53
N PHE D 385 5.08 32.00 -39.80
CA PHE D 385 4.31 33.22 -39.96
C PHE D 385 3.98 33.42 -41.43
N ASN D 386 2.82 32.92 -41.83
CA ASN D 386 2.33 33.09 -43.18
C ASN D 386 0.94 33.70 -43.05
N LYS D 387 0.29 34.03 -44.16
CA LYS D 387 -1.04 34.64 -44.11
C LYS D 387 -2.05 33.75 -43.43
N SER D 388 -1.85 32.43 -43.44
CA SER D 388 -2.79 31.56 -42.74
C SER D 388 -2.79 31.96 -41.26
N ALA D 389 -1.58 32.19 -40.72
CA ALA D 389 -1.37 32.62 -39.33
C ALA D 389 -1.94 34.01 -39.11
N TRP D 390 -1.76 34.85 -40.13
CA TRP D 390 -2.24 36.22 -40.13
C TRP D 390 -3.75 36.26 -39.89
N ARG D 391 -4.46 35.30 -40.46
CA ARG D 391 -5.90 35.27 -40.33
C ARG D 391 -6.39 35.21 -38.89
N HIS D 392 -5.62 34.59 -38.02
CA HIS D 392 -6.04 34.43 -36.64
C HIS D 392 -5.99 35.73 -35.81
N TYR D 393 -5.00 36.57 -36.06
CA TYR D 393 -4.90 37.81 -35.29
C TYR D 393 -5.77 38.90 -35.90
N LYS D 394 -6.37 38.60 -37.06
CA LYS D 394 -7.21 39.58 -37.73
C LYS D 394 -8.63 39.09 -37.95
N THR D 395 -9.26 38.59 -36.87
CA THR D 395 -10.64 38.12 -36.93
C THR D 395 -11.55 38.80 -35.89
N THR D 396 -12.68 39.27 -36.41
CA THR D 396 -13.73 39.91 -35.63
C THR D 396 -14.64 38.81 -35.09
N PRO D 397 -15.27 39.05 -33.94
CA PRO D 397 -16.14 38.01 -33.41
C PRO D 397 -17.17 37.55 -34.45
N GLU D 398 -17.69 36.35 -34.25
CA GLU D 398 -18.66 35.79 -35.17
C GLU D 398 -19.77 35.05 -34.46
N ALA D 399 -20.84 34.78 -35.20
CA ALA D 399 -21.95 34.03 -34.66
C ALA D 399 -21.54 32.55 -34.56
N ASP D 400 -22.16 31.81 -33.65
CA ASP D 400 -21.80 30.40 -33.48
C ASP D 400 -22.29 29.56 -34.63
N ASP D 401 -21.49 28.55 -34.86
CA ASP D 401 -21.66 27.52 -35.83
C ASP D 401 -22.80 26.60 -35.41
N TRP D 402 -22.99 26.53 -34.09
CA TRP D 402 -23.99 25.66 -33.49
C TRP D 402 -24.94 26.40 -32.58
N SER D 403 -25.97 25.69 -32.13
CA SER D 403 -27.01 26.25 -31.28
C SER D 403 -26.51 26.60 -29.89
N ASN D 404 -27.22 27.53 -29.26
CA ASN D 404 -26.93 27.94 -27.91
C ASN D 404 -28.22 28.22 -27.12
N PRO D 405 -28.41 27.47 -26.02
CA PRO D 405 -29.53 27.49 -25.09
C PRO D 405 -29.81 28.85 -24.46
N SER D 406 -31.07 29.04 -24.11
CA SER D 406 -31.47 30.23 -23.39
C SER D 406 -30.89 30.06 -22.00
N SER D 407 -30.73 31.12 -21.23
CA SER D 407 -30.19 30.92 -19.88
C SER D 407 -31.35 30.61 -18.95
N GLU D 408 -32.52 30.98 -19.44
CA GLU D 408 -33.79 30.77 -18.77
C GLU D 408 -34.78 30.31 -19.84
N PRO D 409 -34.71 29.00 -20.21
CA PRO D 409 -35.57 28.36 -21.22
C PRO D 409 -37.06 28.29 -20.87
N ARG D 410 -37.88 28.39 -21.92
CA ARG D 410 -39.30 28.28 -21.75
C ARG D 410 -39.61 26.95 -21.07
N ASP D 411 -40.32 27.00 -19.95
CA ASP D 411 -40.70 25.78 -19.23
C ASP D 411 -41.78 25.04 -20.03
N ALA D 412 -41.53 23.77 -20.31
CA ALA D 412 -42.52 22.99 -21.04
C ALA D 412 -43.74 22.85 -20.13
N SER D 413 -44.88 23.32 -20.64
CA SER D 413 -46.18 23.36 -19.96
C SER D 413 -46.45 24.78 -19.48
N LYS E 27 -37.75 31.01 -51.99
CA LYS E 27 -37.81 32.17 -51.04
C LYS E 27 -38.39 31.74 -49.72
N GLN E 28 -39.10 30.61 -49.76
CA GLN E 28 -39.67 30.05 -48.55
C GLN E 28 -38.50 29.61 -47.66
N ILE E 29 -37.60 28.88 -48.32
CA ILE E 29 -36.38 28.33 -47.76
C ILE E 29 -35.57 29.42 -47.08
N GLU E 30 -35.29 30.45 -47.85
CA GLU E 30 -34.54 31.60 -47.40
C GLU E 30 -35.15 32.14 -46.11
N ARG E 31 -36.47 32.18 -46.08
CA ARG E 31 -37.19 32.69 -44.92
C ARG E 31 -36.98 31.80 -43.71
N TYR E 32 -37.03 30.50 -43.95
CA TYR E 32 -36.88 29.52 -42.89
C TYR E 32 -35.44 29.31 -42.46
N SER E 33 -34.51 29.52 -43.36
CA SER E 33 -33.12 29.33 -43.01
C SER E 33 -32.58 30.49 -42.16
N ARG E 34 -33.18 31.68 -42.24
CA ARG E 34 -32.68 32.82 -41.45
C ARG E 34 -33.11 32.70 -40.00
N PHE E 35 -34.09 31.85 -39.76
CA PHE E 35 -34.57 31.56 -38.41
C PHE E 35 -33.48 30.79 -37.71
N SER E 36 -33.35 30.93 -36.41
CA SER E 36 -32.30 30.19 -35.72
C SER E 36 -32.86 28.94 -35.08
N PRO E 37 -32.26 27.77 -35.38
CA PRO E 37 -32.76 26.52 -34.78
C PRO E 37 -33.01 26.72 -33.29
N SER E 38 -33.97 26.01 -32.72
CA SER E 38 -34.24 26.19 -31.30
C SER E 38 -33.85 24.94 -30.49
N PRO E 39 -32.86 25.07 -29.58
CA PRO E 39 -32.38 23.98 -28.73
C PRO E 39 -33.35 23.63 -27.63
N LEU E 40 -33.44 22.34 -27.34
CA LEU E 40 -34.29 21.85 -26.27
C LEU E 40 -33.48 20.96 -25.38
N SER E 41 -33.78 21.00 -24.09
CA SER E 41 -33.04 20.19 -23.13
C SER E 41 -33.79 18.90 -22.83
N ILE E 42 -33.11 17.92 -22.25
CA ILE E 42 -33.80 16.69 -21.90
C ILE E 42 -34.80 17.01 -20.81
N LYS E 43 -34.56 18.08 -20.04
CA LYS E 43 -35.50 18.45 -19.00
C LYS E 43 -36.76 19.01 -19.62
N GLN E 44 -36.62 19.87 -20.61
CA GLN E 44 -37.80 20.42 -21.25
C GLN E 44 -38.61 19.28 -21.87
N PHE E 45 -37.96 18.41 -22.64
CA PHE E 45 -38.64 17.28 -23.25
C PHE E 45 -39.40 16.46 -22.20
N LEU E 46 -38.74 16.12 -21.10
CA LEU E 46 -39.37 15.32 -20.04
C LEU E 46 -40.51 16.09 -19.39
N ASP E 47 -40.31 17.35 -19.06
CA ASP E 47 -41.39 18.13 -18.46
C ASP E 47 -42.59 18.16 -19.38
N PHE E 48 -42.38 18.57 -20.62
CA PHE E 48 -43.47 18.66 -21.57
C PHE E 48 -44.29 17.37 -21.70
N GLY E 49 -43.66 16.27 -22.04
CA GLY E 49 -44.41 15.05 -22.26
C GLY E 49 -44.87 14.34 -21.02
N ARG E 50 -44.59 14.87 -19.84
CA ARG E 50 -45.00 14.19 -18.61
C ARG E 50 -46.01 15.00 -17.80
N ASP E 51 -46.05 16.30 -18.09
CA ASP E 51 -46.99 17.24 -17.47
C ASP E 51 -47.97 17.75 -18.54
N ASN E 52 -47.45 18.51 -19.51
CA ASN E 52 -48.24 19.04 -20.62
C ASN E 52 -48.90 17.89 -21.43
N ALA E 53 -48.14 17.32 -22.38
CA ALA E 53 -48.63 16.24 -23.23
C ALA E 53 -49.84 16.73 -24.03
N CYS E 54 -49.76 17.97 -24.51
CA CYS E 54 -50.84 18.59 -25.29
C CYS E 54 -50.58 18.44 -26.79
N GLU E 55 -51.17 17.40 -27.41
CA GLU E 55 -50.99 17.13 -28.84
C GLU E 55 -51.15 18.36 -29.73
N LYS E 56 -51.94 19.34 -29.30
CA LYS E 56 -52.15 20.58 -30.07
C LYS E 56 -50.92 21.48 -30.03
N THR E 57 -50.25 21.54 -28.88
CA THR E 57 -49.04 22.35 -28.74
C THR E 57 -47.91 21.76 -29.56
N SER E 58 -47.63 20.47 -29.33
CA SER E 58 -46.59 19.76 -30.07
C SER E 58 -46.72 20.04 -31.59
N TYR E 59 -47.93 19.84 -32.12
CA TYR E 59 -48.23 20.11 -33.53
C TYR E 59 -47.77 21.53 -33.93
N MET E 60 -48.17 22.51 -33.14
CA MET E 60 -47.81 23.91 -33.37
C MET E 60 -46.29 24.07 -33.43
N PHE E 61 -45.59 23.44 -32.48
CA PHE E 61 -44.14 23.54 -32.37
C PHE E 61 -43.41 22.88 -33.51
N LEU E 62 -43.73 21.62 -33.74
CA LEU E 62 -43.05 20.86 -34.77
C LEU E 62 -43.29 21.37 -36.19
N ARG E 63 -44.47 21.92 -36.48
CA ARG E 63 -44.76 22.39 -37.83
C ARG E 63 -43.90 23.56 -38.21
N LYS E 64 -43.41 24.29 -37.22
CA LYS E 64 -42.58 25.44 -37.46
C LYS E 64 -41.11 25.10 -37.24
N GLU E 65 -40.80 24.36 -36.19
CA GLU E 65 -39.41 24.06 -35.92
C GLU E 65 -38.78 23.10 -36.93
N LEU E 66 -39.50 22.06 -37.34
CA LEU E 66 -38.91 21.12 -38.28
C LEU E 66 -38.53 21.75 -39.64
N PRO E 67 -39.40 22.60 -40.20
CA PRO E 67 -38.99 23.19 -41.47
C PRO E 67 -37.79 24.15 -41.29
N VAL E 68 -37.64 24.65 -40.06
CA VAL E 68 -36.53 25.55 -39.75
C VAL E 68 -35.20 24.77 -39.82
N ARG E 69 -35.14 23.65 -39.11
CA ARG E 69 -33.96 22.82 -39.12
C ARG E 69 -33.73 22.28 -40.54
N LEU E 70 -34.78 21.92 -41.24
CA LEU E 70 -34.61 21.41 -42.58
C LEU E 70 -34.06 22.48 -43.50
N ALA E 71 -34.49 23.73 -43.30
CA ALA E 71 -34.01 24.81 -44.14
C ALA E 71 -32.53 25.07 -43.91
N ASN E 72 -32.13 25.18 -42.64
CA ASN E 72 -30.74 25.43 -42.32
C ASN E 72 -29.85 24.35 -42.93
N THR E 73 -30.26 23.08 -42.91
CA THR E 73 -29.43 22.05 -43.52
C THR E 73 -29.37 22.24 -45.04
N MET E 74 -30.52 22.51 -45.63
CA MET E 74 -30.60 22.69 -47.08
C MET E 74 -29.63 23.73 -47.62
N ARG E 75 -29.49 24.84 -46.90
CA ARG E 75 -28.60 25.88 -47.35
C ARG E 75 -27.17 25.37 -47.44
N GLU E 76 -26.77 24.54 -46.49
CA GLU E 76 -25.42 24.01 -46.49
C GLU E 76 -25.23 22.93 -47.52
N VAL E 77 -26.28 22.18 -47.84
CA VAL E 77 -26.12 21.15 -48.86
C VAL E 77 -26.06 21.83 -50.21
N ASN E 78 -26.53 23.06 -50.25
CA ASN E 78 -26.52 23.82 -51.47
C ASN E 78 -25.21 24.61 -51.62
N LEU E 79 -24.41 24.62 -50.56
CA LEU E 79 -23.12 25.31 -50.59
C LEU E 79 -21.98 24.34 -50.88
N LEU E 80 -22.35 23.12 -51.24
CA LEU E 80 -21.38 22.09 -51.54
C LEU E 80 -20.73 22.34 -52.89
N PRO E 81 -19.44 21.98 -53.03
CA PRO E 81 -18.82 22.17 -54.33
C PRO E 81 -19.56 21.32 -55.34
N ASP E 82 -19.94 21.91 -56.47
CA ASP E 82 -20.80 21.29 -57.46
C ASP E 82 -20.45 19.89 -58.01
N ASN E 83 -19.19 19.54 -58.19
CA ASN E 83 -18.94 18.19 -58.73
C ASN E 83 -19.42 17.10 -57.79
N LEU E 84 -19.90 17.52 -56.62
CA LEU E 84 -20.44 16.61 -55.61
C LEU E 84 -21.95 16.74 -55.56
N LEU E 85 -22.43 17.98 -55.47
CA LEU E 85 -23.86 18.21 -55.44
C LEU E 85 -24.45 17.57 -56.70
N ASN E 86 -23.59 17.50 -57.70
CA ASN E 86 -23.90 16.91 -58.98
C ASN E 86 -24.29 15.45 -58.83
N ARG E 87 -23.53 14.75 -58.00
CA ARG E 87 -23.68 13.32 -57.74
C ARG E 87 -25.11 12.83 -57.70
N PRO E 88 -25.37 11.66 -58.32
CA PRO E 88 -26.71 11.07 -58.34
C PRO E 88 -27.31 11.02 -56.93
N SER E 89 -26.65 10.25 -56.04
CA SER E 89 -27.10 10.10 -54.66
C SER E 89 -27.44 11.43 -54.02
N VAL E 90 -26.61 12.43 -54.26
CA VAL E 90 -26.86 13.75 -53.70
C VAL E 90 -28.07 14.40 -54.35
N GLY E 91 -28.29 14.12 -55.63
CA GLY E 91 -29.45 14.68 -56.28
C GLY E 91 -30.69 14.21 -55.54
N LEU E 92 -30.68 12.92 -55.22
CA LEU E 92 -31.75 12.25 -54.52
C LEU E 92 -32.01 12.87 -53.16
N VAL E 93 -30.93 13.22 -52.47
CA VAL E 93 -31.01 13.79 -51.12
C VAL E 93 -31.60 15.20 -51.10
N GLN E 94 -31.06 16.10 -51.91
CA GLN E 94 -31.51 17.50 -51.93
C GLN E 94 -33.01 17.64 -52.21
N SER E 95 -33.57 16.70 -52.95
CA SER E 95 -34.98 16.74 -53.25
C SER E 95 -35.78 16.21 -52.07
N TRP E 96 -35.32 15.10 -51.50
CA TRP E 96 -35.98 14.50 -50.35
C TRP E 96 -36.15 15.53 -49.25
N TYR E 97 -35.10 16.29 -48.97
CA TYR E 97 -35.18 17.32 -47.96
C TYR E 97 -36.22 18.35 -48.37
N MET E 98 -36.22 18.69 -49.65
CA MET E 98 -37.17 19.67 -50.18
C MET E 98 -38.60 19.17 -50.01
N GLN E 99 -38.80 17.93 -50.42
CA GLN E 99 -40.08 17.29 -50.31
C GLN E 99 -40.64 17.46 -48.89
N SER E 100 -39.87 16.99 -47.92
CA SER E 100 -40.20 17.08 -46.51
C SER E 100 -40.49 18.52 -46.12
N PHE E 101 -39.62 19.42 -46.55
CA PHE E 101 -39.76 20.83 -46.25
C PHE E 101 -41.11 21.39 -46.72
N LEU E 102 -41.53 20.98 -47.93
CA LEU E 102 -42.80 21.44 -48.47
C LEU E 102 -43.98 20.77 -47.76
N GLU E 103 -43.99 19.44 -47.77
CA GLU E 103 -45.04 18.69 -47.10
C GLU E 103 -45.36 19.27 -45.74
N LEU E 104 -44.35 19.54 -44.95
CA LEU E 104 -44.59 20.06 -43.62
C LEU E 104 -45.07 21.50 -43.63
N LEU E 105 -44.96 22.18 -44.76
CA LEU E 105 -45.39 23.57 -44.79
C LEU E 105 -46.89 23.72 -45.03
N GLU E 106 -47.54 22.68 -45.54
CA GLU E 106 -48.97 22.81 -45.78
C GLU E 106 -49.70 23.14 -44.49
N TYR E 107 -49.09 22.78 -43.36
CA TYR E 107 -49.73 23.01 -42.08
C TYR E 107 -49.34 24.35 -41.52
N GLU E 108 -48.80 25.20 -42.39
CA GLU E 108 -48.35 26.54 -42.01
C GLU E 108 -49.42 27.26 -41.23
N ASN E 109 -50.61 27.33 -41.78
CA ASN E 109 -51.68 27.98 -41.04
C ASN E 109 -53.00 27.20 -41.11
N LYS E 110 -52.89 25.89 -40.83
CA LYS E 110 -54.04 24.97 -40.73
C LYS E 110 -54.38 24.85 -39.26
N SER E 111 -55.66 24.64 -38.92
CA SER E 111 -56.05 24.60 -37.52
C SER E 111 -56.03 23.21 -36.88
N PRO E 112 -55.32 23.10 -35.74
CA PRO E 112 -55.21 21.85 -35.00
C PRO E 112 -56.57 21.39 -34.48
N GLU E 113 -57.50 22.34 -34.38
CA GLU E 113 -58.84 22.07 -33.88
C GLU E 113 -59.43 20.82 -34.50
N ASP E 114 -59.36 20.70 -35.81
CA ASP E 114 -59.88 19.51 -36.44
C ASP E 114 -58.94 18.34 -36.14
N PRO E 115 -59.50 17.23 -35.61
CA PRO E 115 -58.63 16.09 -35.30
C PRO E 115 -57.92 15.58 -36.52
N GLN E 116 -58.60 15.63 -37.65
CA GLN E 116 -58.05 15.14 -38.90
C GLN E 116 -56.68 15.71 -39.23
N VAL E 117 -56.52 17.01 -39.06
CA VAL E 117 -55.23 17.65 -39.30
C VAL E 117 -54.16 16.89 -38.52
N LEU E 118 -54.40 16.77 -37.22
CA LEU E 118 -53.51 16.10 -36.28
C LEU E 118 -53.16 14.66 -36.69
N ASP E 119 -54.06 13.97 -37.38
CA ASP E 119 -53.77 12.59 -37.82
C ASP E 119 -52.89 12.60 -39.04
N ASN E 120 -53.19 13.53 -39.93
CA ASN E 120 -52.44 13.71 -41.16
C ASN E 120 -51.03 14.13 -40.86
N PHE E 121 -50.92 15.10 -39.95
CA PHE E 121 -49.64 15.61 -39.55
C PHE E 121 -48.78 14.49 -38.97
N LEU E 122 -49.41 13.67 -38.13
CA LEU E 122 -48.73 12.57 -37.49
C LEU E 122 -48.16 11.62 -38.53
N GLN E 123 -48.83 11.52 -39.68
CA GLN E 123 -48.38 10.64 -40.73
C GLN E 123 -47.23 11.25 -41.51
N VAL E 124 -47.32 12.55 -41.76
CA VAL E 124 -46.27 13.22 -42.49
C VAL E 124 -44.97 13.06 -41.75
N LEU E 125 -45.06 13.18 -40.43
CA LEU E 125 -43.89 13.02 -39.58
C LEU E 125 -43.32 11.62 -39.72
N ILE E 126 -44.18 10.61 -39.65
CA ILE E 126 -43.77 9.22 -39.82
C ILE E 126 -43.08 9.04 -41.18
N LYS E 127 -43.56 9.80 -42.16
CA LYS E 127 -43.07 9.77 -43.54
C LYS E 127 -41.71 10.41 -43.70
N VAL E 128 -41.53 11.57 -43.08
CA VAL E 128 -40.25 12.26 -43.16
C VAL E 128 -39.25 11.52 -42.28
N ARG E 129 -39.75 10.87 -41.23
CA ARG E 129 -38.88 10.12 -40.34
C ARG E 129 -38.18 9.02 -41.12
N ASN E 130 -38.91 8.36 -42.00
CA ASN E 130 -38.36 7.27 -42.79
C ASN E 130 -37.58 7.77 -43.98
N ARG E 131 -37.95 8.93 -44.54
CA ARG E 131 -37.19 9.44 -45.66
C ARG E 131 -35.78 9.80 -45.21
N HIS E 132 -35.66 10.19 -43.93
CA HIS E 132 -34.38 10.62 -43.38
C HIS E 132 -33.81 9.72 -42.33
N ASN E 133 -33.96 8.43 -42.53
CA ASN E 133 -33.36 7.46 -41.63
C ASN E 133 -31.91 7.31 -42.06
N ASP E 134 -31.03 6.89 -41.15
CA ASP E 134 -29.65 6.74 -41.53
C ASP E 134 -29.26 5.27 -41.65
N VAL E 135 -30.24 4.39 -41.49
CA VAL E 135 -30.00 2.94 -41.66
C VAL E 135 -29.68 2.71 -43.15
N VAL E 136 -30.33 3.51 -44.02
CA VAL E 136 -30.11 3.52 -45.47
C VAL E 136 -29.22 4.76 -45.83
N PRO E 137 -27.88 4.57 -45.89
CA PRO E 137 -26.86 5.59 -46.19
C PRO E 137 -26.92 6.16 -47.60
N THR E 138 -27.69 7.21 -47.80
CA THR E 138 -27.73 7.81 -49.14
C THR E 138 -26.52 8.73 -49.27
N MET E 139 -26.59 9.80 -48.50
CA MET E 139 -25.58 10.84 -48.45
C MET E 139 -24.14 10.30 -48.44
N ALA E 140 -23.84 9.33 -47.58
CA ALA E 140 -22.48 8.82 -47.55
C ALA E 140 -22.10 8.18 -48.89
N GLN E 141 -22.99 7.37 -49.47
CA GLN E 141 -22.70 6.74 -50.75
C GLN E 141 -22.49 7.77 -51.86
N GLY E 142 -23.08 8.95 -51.72
CA GLY E 142 -22.90 9.98 -52.73
C GLY E 142 -21.50 10.56 -52.69
N VAL E 143 -20.85 10.44 -51.54
CA VAL E 143 -19.49 10.95 -51.35
C VAL E 143 -18.47 9.90 -51.82
N ILE E 144 -18.98 8.71 -52.12
CA ILE E 144 -18.15 7.63 -52.61
C ILE E 144 -18.06 7.73 -54.11
N GLU E 145 -19.15 8.20 -54.72
CA GLU E 145 -19.18 8.39 -56.16
C GLU E 145 -18.03 9.32 -56.48
N TYR E 146 -17.64 10.06 -55.44
CA TYR E 146 -16.54 10.97 -55.53
C TYR E 146 -15.22 10.22 -55.73
N LYS E 147 -15.30 8.89 -55.76
CA LYS E 147 -14.12 8.06 -56.03
C LYS E 147 -13.61 8.47 -57.39
N GLU E 148 -14.51 9.10 -58.15
CA GLU E 148 -14.19 9.68 -59.43
C GLU E 148 -13.83 11.12 -59.14
N LYS E 149 -12.65 11.52 -59.56
CA LYS E 149 -12.06 12.85 -59.35
C LYS E 149 -11.03 12.82 -58.21
N SER E 157 -10.74 19.28 -49.39
CA SER E 157 -9.78 18.76 -48.41
C SER E 157 -10.50 18.55 -47.08
N THR E 158 -11.35 17.53 -47.05
CA THR E 158 -12.17 17.21 -45.90
C THR E 158 -12.64 18.45 -45.15
N ASN E 159 -13.46 19.15 -45.93
CA ASN E 159 -14.25 20.31 -45.57
C ASN E 159 -15.65 19.69 -45.56
N ILE E 160 -15.62 18.44 -46.05
CA ILE E 160 -16.72 17.48 -46.15
C ILE E 160 -17.02 16.99 -44.73
N GLN E 161 -15.95 16.81 -43.98
CA GLN E 161 -15.98 16.41 -42.59
C GLN E 161 -17.01 17.27 -41.84
N TYR E 162 -16.85 18.58 -42.01
CA TYR E 162 -17.70 19.58 -41.39
C TYR E 162 -19.14 19.38 -41.77
N PHE E 163 -19.40 19.44 -43.08
CA PHE E 163 -20.75 19.31 -43.60
C PHE E 163 -21.52 18.11 -43.00
N LEU E 164 -20.96 16.91 -43.11
CA LEU E 164 -21.60 15.69 -42.64
C LEU E 164 -21.86 15.65 -41.14
N ASP E 165 -20.96 16.23 -40.37
CA ASP E 165 -21.14 16.26 -38.92
C ASP E 165 -22.36 17.06 -38.56
N ARG E 166 -22.61 18.11 -39.31
CA ARG E 166 -23.75 18.95 -39.04
C ARG E 166 -24.97 18.36 -39.69
N PHE E 167 -24.80 17.78 -40.87
CA PHE E 167 -25.90 17.12 -41.58
C PHE E 167 -26.46 16.03 -40.69
N TYR E 168 -25.61 15.09 -40.29
CA TYR E 168 -26.03 13.98 -39.49
C TYR E 168 -26.54 14.37 -38.11
N THR E 169 -25.97 15.40 -37.49
CA THR E 169 -26.46 15.79 -36.16
C THR E 169 -27.87 16.38 -36.23
N ASN E 170 -28.22 16.92 -37.39
CA ASN E 170 -29.54 17.49 -37.57
C ASN E 170 -30.58 16.38 -37.72
N ARG E 171 -30.21 15.27 -38.35
CA ARG E 171 -31.14 14.16 -38.51
C ARG E 171 -31.39 13.49 -37.17
N ILE E 172 -30.35 13.44 -36.33
CA ILE E 172 -30.53 12.85 -35.01
C ILE E 172 -31.60 13.66 -34.30
N SER E 173 -31.58 14.98 -34.52
CA SER E 173 -32.58 15.82 -33.87
C SER E 173 -33.96 15.62 -34.50
N PHE E 174 -34.04 15.53 -35.83
CA PHE E 174 -35.33 15.29 -36.49
C PHE E 174 -36.01 14.07 -35.86
N ARG E 175 -35.30 12.94 -35.84
CA ARG E 175 -35.85 11.74 -35.25
C ARG E 175 -36.23 11.97 -33.79
N MET E 176 -35.32 12.51 -32.98
CA MET E 176 -35.64 12.76 -31.56
C MET E 176 -36.96 13.52 -31.42
N LEU E 177 -37.15 14.56 -32.23
CA LEU E 177 -38.38 15.34 -32.18
C LEU E 177 -39.57 14.54 -32.69
N ILE E 178 -39.34 13.70 -33.71
CA ILE E 178 -40.43 12.91 -34.28
C ILE E 178 -40.77 11.69 -33.49
N ASN E 179 -39.81 11.17 -32.72
CA ASN E 179 -40.11 10.00 -31.90
C ASN E 179 -40.88 10.47 -30.70
N GLN E 180 -40.60 11.69 -30.26
CA GLN E 180 -41.29 12.21 -29.11
C GLN E 180 -42.77 12.40 -29.43
N HIS E 181 -43.05 12.85 -30.64
CA HIS E 181 -44.42 13.10 -31.04
C HIS E 181 -45.18 11.82 -31.30
N THR E 182 -44.61 10.93 -32.10
CA THR E 182 -45.28 9.70 -32.44
C THR E 182 -45.42 8.78 -31.23
N LEU E 183 -44.40 8.72 -30.38
CA LEU E 183 -44.49 7.87 -29.21
C LEU E 183 -45.54 8.35 -28.19
N LEU E 184 -45.67 9.67 -28.04
CA LEU E 184 -46.60 10.26 -27.08
C LEU E 184 -48.04 10.35 -27.57
N PHE E 185 -48.26 10.64 -28.85
CA PHE E 185 -49.62 10.79 -29.39
C PHE E 185 -49.95 9.76 -30.46
N GLY E 186 -49.10 8.76 -30.60
CA GLY E 186 -49.30 7.72 -31.61
C GLY E 186 -50.54 6.89 -31.36
N GLY E 187 -50.91 6.74 -30.10
CA GLY E 187 -52.09 5.95 -29.82
C GLY E 187 -51.74 4.51 -29.56
N ASP E 188 -50.43 4.22 -29.50
CA ASP E 188 -50.02 2.88 -29.18
C ASP E 188 -50.46 2.66 -27.75
N THR E 189 -51.47 1.81 -27.58
CA THR E 189 -52.05 1.52 -26.29
C THR E 189 -51.27 0.48 -25.49
N ASN E 190 -50.07 0.15 -25.96
CA ASN E 190 -49.23 -0.86 -25.30
C ASN E 190 -47.77 -0.52 -25.40
N PRO E 191 -47.35 0.69 -24.99
CA PRO E 191 -45.94 1.04 -25.08
C PRO E 191 -45.06 -0.02 -24.43
N VAL E 192 -43.88 -0.27 -25.01
CA VAL E 192 -43.00 -1.28 -24.42
C VAL E 192 -42.56 -0.79 -23.04
N HIS E 193 -42.27 0.50 -22.93
CA HIS E 193 -41.89 1.07 -21.65
C HIS E 193 -42.84 2.18 -21.25
N PRO E 194 -43.88 1.84 -20.46
CA PRO E 194 -44.92 2.77 -20.00
C PRO E 194 -44.39 3.95 -19.17
N LYS E 195 -43.42 3.70 -18.29
CA LYS E 195 -42.92 4.78 -17.46
C LYS E 195 -41.96 5.72 -18.18
N HIS E 196 -41.62 5.38 -19.42
CA HIS E 196 -40.80 6.25 -20.27
C HIS E 196 -41.65 7.44 -20.67
N ILE E 197 -41.06 8.62 -20.89
CA ILE E 197 -41.85 9.74 -21.39
C ILE E 197 -41.43 9.96 -22.82
N GLY E 198 -42.07 9.26 -23.74
CA GLY E 198 -41.63 9.35 -25.12
C GLY E 198 -40.46 8.38 -25.28
N SER E 199 -39.28 8.87 -25.70
CA SER E 199 -38.11 7.99 -25.87
C SER E 199 -37.11 8.17 -24.72
N ILE E 200 -37.49 9.01 -23.75
CA ILE E 200 -36.67 9.31 -22.57
C ILE E 200 -37.04 8.43 -21.40
N ASP E 201 -36.02 7.82 -20.81
CA ASP E 201 -36.23 7.01 -19.62
C ASP E 201 -35.81 7.92 -18.45
N PRO E 202 -36.76 8.36 -17.60
CA PRO E 202 -36.39 9.25 -16.48
C PRO E 202 -35.53 8.62 -15.37
N THR E 203 -35.33 7.29 -15.35
CA THR E 203 -34.46 6.62 -14.35
C THR E 203 -33.70 5.52 -15.04
N CYS E 204 -32.93 5.93 -16.04
CA CYS E 204 -32.18 5.03 -16.87
C CYS E 204 -31.07 4.31 -16.14
N ASN E 205 -31.22 3.00 -15.98
CA ASN E 205 -30.18 2.20 -15.33
C ASN E 205 -29.14 1.79 -16.36
N VAL E 206 -28.18 2.69 -16.53
CA VAL E 206 -27.06 2.62 -17.46
C VAL E 206 -26.40 1.24 -17.56
N ALA E 207 -26.19 0.60 -16.42
CA ALA E 207 -25.59 -0.73 -16.42
C ALA E 207 -26.40 -1.68 -17.30
N ASP E 208 -27.72 -1.56 -17.21
CA ASP E 208 -28.62 -2.40 -17.99
C ASP E 208 -28.53 -2.10 -19.48
N VAL E 209 -28.37 -0.83 -19.83
CA VAL E 209 -28.23 -0.49 -21.23
C VAL E 209 -26.91 -1.05 -21.74
N VAL E 210 -25.95 -1.09 -20.84
CA VAL E 210 -24.62 -1.60 -21.16
C VAL E 210 -24.64 -3.11 -21.41
N LYS E 211 -25.36 -3.86 -20.58
CA LYS E 211 -25.45 -5.30 -20.80
C LYS E 211 -26.15 -5.53 -22.15
N ASP E 212 -27.27 -4.85 -22.36
CA ASP E 212 -28.01 -4.97 -23.61
C ASP E 212 -27.10 -4.73 -24.84
N ALA E 213 -26.44 -3.58 -24.91
CA ALA E 213 -25.59 -3.30 -26.07
C ALA E 213 -24.56 -4.40 -26.26
N TYR E 214 -24.03 -4.90 -25.15
CA TYR E 214 -23.03 -5.96 -25.17
C TYR E 214 -23.67 -7.28 -25.59
N GLU E 215 -24.80 -7.63 -24.97
CA GLU E 215 -25.49 -8.84 -25.33
C GLU E 215 -25.78 -8.89 -26.83
N THR E 216 -26.18 -7.75 -27.41
CA THR E 216 -26.49 -7.78 -28.84
C THR E 216 -25.22 -7.76 -29.70
N ALA E 217 -24.14 -7.19 -29.17
CA ALA E 217 -22.88 -7.17 -29.89
C ALA E 217 -22.35 -8.59 -29.86
N LYS E 218 -22.32 -9.15 -28.66
CA LYS E 218 -21.87 -10.52 -28.43
C LYS E 218 -22.61 -11.47 -29.34
N MET E 219 -23.91 -11.27 -29.50
CA MET E 219 -24.66 -12.15 -30.38
C MET E 219 -24.08 -12.07 -31.78
N LEU E 220 -23.92 -10.85 -32.28
CA LEU E 220 -23.40 -10.61 -33.63
C LEU E 220 -21.97 -11.11 -33.82
N CYS E 221 -21.31 -11.44 -32.72
CA CYS E 221 -19.95 -11.96 -32.78
C CYS E 221 -19.98 -13.48 -32.91
N GLU E 222 -20.58 -14.12 -31.90
CA GLU E 222 -20.79 -15.57 -31.76
C GLU E 222 -21.17 -16.18 -33.12
N GLN E 223 -21.78 -15.34 -33.95
CA GLN E 223 -22.30 -15.65 -35.27
C GLN E 223 -21.21 -15.84 -36.31
N TYR E 224 -19.99 -15.41 -36.02
CA TYR E 224 -18.88 -15.54 -36.96
C TYR E 224 -17.65 -16.08 -36.25
N TYR E 225 -17.67 -16.04 -34.92
CA TYR E 225 -16.54 -16.50 -34.11
C TYR E 225 -16.94 -17.52 -33.06
N LEU E 226 -18.24 -17.71 -32.89
CA LEU E 226 -18.79 -18.72 -32.00
C LEU E 226 -18.23 -18.75 -30.55
N VAL E 227 -17.84 -17.59 -30.06
CA VAL E 227 -17.35 -17.30 -28.68
C VAL E 227 -16.59 -15.99 -28.69
N ALA E 228 -17.09 -15.05 -27.89
CA ALA E 228 -16.55 -13.71 -27.82
C ALA E 228 -15.98 -13.42 -26.44
N PRO E 229 -15.26 -12.29 -26.31
CA PRO E 229 -14.67 -11.91 -25.02
C PRO E 229 -15.75 -11.66 -24.00
N GLU E 230 -15.48 -11.92 -22.74
CA GLU E 230 -16.48 -11.67 -21.72
C GLU E 230 -16.67 -10.18 -21.40
N LEU E 231 -17.69 -9.89 -20.61
CA LEU E 231 -17.92 -8.51 -20.21
C LEU E 231 -17.77 -8.39 -18.72
N GLU E 232 -16.89 -7.48 -18.32
CA GLU E 232 -16.69 -7.17 -16.93
C GLU E 232 -17.28 -5.78 -16.72
N VAL E 233 -18.03 -5.60 -15.65
CA VAL E 233 -18.60 -4.31 -15.39
C VAL E 233 -18.43 -3.90 -13.94
N GLU E 234 -18.15 -2.61 -13.76
CA GLU E 234 -17.99 -1.99 -12.47
C GLU E 234 -18.55 -0.61 -12.52
N GLU E 235 -19.28 -0.24 -11.48
CA GLU E 235 -19.81 1.10 -11.40
C GLU E 235 -19.17 1.71 -10.18
N PHE E 236 -19.22 3.01 -10.10
CA PHE E 236 -18.81 3.68 -8.90
C PHE E 236 -19.56 4.97 -8.82
N ASN E 237 -20.64 4.96 -8.08
CA ASN E 237 -21.42 6.17 -7.92
C ASN E 237 -20.74 7.07 -6.90
N ALA E 238 -19.98 8.04 -7.37
CA ALA E 238 -19.29 8.93 -6.45
C ALA E 238 -20.28 9.73 -5.63
N LYS E 239 -21.48 9.90 -6.17
CA LYS E 239 -22.54 10.69 -5.55
C LYS E 239 -23.28 9.98 -4.38
N ALA E 240 -23.16 8.67 -4.27
CA ALA E 240 -23.78 7.83 -3.25
C ALA E 240 -23.45 6.38 -3.60
N PRO E 241 -22.14 6.01 -3.56
CA PRO E 241 -21.45 4.74 -3.86
C PRO E 241 -22.31 3.49 -3.76
N ASP E 242 -23.38 3.55 -3.00
CA ASP E 242 -24.30 2.42 -2.82
C ASP E 242 -25.24 2.30 -4.04
N LYS E 243 -26.01 3.36 -4.28
CA LYS E 243 -26.97 3.44 -5.36
C LYS E 243 -26.40 3.12 -6.74
N PRO E 244 -27.13 2.27 -7.51
CA PRO E 244 -26.64 1.95 -8.85
C PRO E 244 -26.87 3.20 -9.70
N ILE E 245 -25.97 3.49 -10.61
CA ILE E 245 -26.08 4.71 -11.40
C ILE E 245 -27.25 4.72 -12.36
N GLN E 246 -27.97 5.83 -12.25
CA GLN E 246 -29.10 6.09 -13.09
C GLN E 246 -28.90 7.46 -13.63
N VAL E 247 -29.82 7.90 -14.46
CA VAL E 247 -29.73 9.21 -15.06
C VAL E 247 -30.86 9.37 -16.04
N VAL E 248 -31.32 10.60 -16.22
CA VAL E 248 -32.35 10.86 -17.19
C VAL E 248 -31.66 10.88 -18.54
N TYR E 249 -32.11 10.04 -19.48
CA TYR E 249 -31.54 10.02 -20.83
C TYR E 249 -32.42 9.24 -21.77
N VAL E 250 -32.02 9.24 -23.04
CA VAL E 250 -32.69 8.46 -24.06
C VAL E 250 -31.88 7.16 -24.23
N PRO E 251 -32.39 6.03 -23.68
CA PRO E 251 -31.68 4.75 -23.78
C PRO E 251 -31.26 4.38 -25.20
N SER E 252 -32.16 4.46 -26.19
CA SER E 252 -31.81 4.05 -27.54
C SER E 252 -30.60 4.79 -28.08
N HIS E 253 -30.36 6.01 -27.62
CA HIS E 253 -29.19 6.74 -28.05
C HIS E 253 -27.95 6.13 -27.45
N LEU E 254 -27.96 6.04 -26.13
CA LEU E 254 -26.84 5.46 -25.41
C LEU E 254 -26.54 4.05 -25.89
N PHE E 255 -27.56 3.39 -26.44
CA PHE E 255 -27.41 2.03 -26.93
C PHE E 255 -26.60 1.99 -28.19
N HIS E 256 -26.91 2.89 -29.10
CA HIS E 256 -26.19 2.92 -30.37
C HIS E 256 -24.71 3.18 -30.13
N MET E 257 -24.43 4.07 -29.18
CA MET E 257 -23.07 4.37 -28.87
C MET E 257 -22.36 3.15 -28.32
N LEU E 258 -22.93 2.52 -27.30
CA LEU E 258 -22.31 1.34 -26.70
C LEU E 258 -22.20 0.15 -27.66
N PHE E 259 -23.24 -0.11 -28.44
CA PHE E 259 -23.18 -1.22 -29.36
C PHE E 259 -21.96 -1.11 -30.23
N GLU E 260 -21.86 0.02 -30.92
CA GLU E 260 -20.74 0.33 -31.82
C GLU E 260 -19.39 0.10 -31.15
N LEU E 261 -19.21 0.66 -29.95
CA LEU E 261 -17.96 0.46 -29.24
C LEU E 261 -17.77 -1.01 -28.91
N PHE E 262 -18.70 -1.62 -28.20
CA PHE E 262 -18.60 -3.03 -27.87
C PHE E 262 -18.32 -3.86 -29.08
N LYS E 263 -18.80 -3.40 -30.22
CA LYS E 263 -18.55 -4.11 -31.46
C LYS E 263 -17.06 -4.05 -31.78
N ASN E 264 -16.53 -2.84 -31.94
CA ASN E 264 -15.13 -2.61 -32.25
C ASN E 264 -14.18 -3.24 -31.23
N SER E 265 -14.57 -3.18 -29.95
CA SER E 265 -13.71 -3.72 -28.91
C SER E 265 -13.60 -5.24 -29.02
N MET E 266 -14.61 -5.90 -29.58
CA MET E 266 -14.56 -7.36 -29.72
C MET E 266 -13.88 -7.76 -31.02
N ARG E 267 -14.25 -7.10 -32.11
CA ARG E 267 -13.64 -7.37 -33.40
C ARG E 267 -12.12 -7.21 -33.32
N ALA E 268 -11.64 -6.24 -32.53
CA ALA E 268 -10.20 -6.04 -32.38
C ALA E 268 -9.62 -7.14 -31.52
N THR E 269 -10.18 -7.35 -30.32
CA THR E 269 -9.70 -8.40 -29.41
C THR E 269 -9.57 -9.71 -30.15
N VAL E 270 -10.68 -10.12 -30.74
CA VAL E 270 -10.79 -11.36 -31.48
C VAL E 270 -9.83 -11.43 -32.64
N GLU E 271 -9.78 -10.37 -33.44
CA GLU E 271 -8.90 -10.33 -34.62
C GLU E 271 -7.42 -10.48 -34.26
N LEU E 272 -7.02 -10.00 -33.08
CA LEU E 272 -5.62 -10.14 -32.69
C LEU E 272 -5.38 -11.51 -32.07
N TYR E 273 -6.05 -11.77 -30.96
CA TYR E 273 -5.92 -13.06 -30.29
C TYR E 273 -6.48 -14.17 -31.15
N GLU E 274 -5.78 -14.48 -32.24
CA GLU E 274 -6.22 -15.53 -33.12
C GLU E 274 -6.34 -16.84 -32.35
N ASP E 275 -7.56 -17.10 -31.85
CA ASP E 275 -7.98 -18.30 -31.11
C ASP E 275 -7.95 -18.13 -29.59
N TYR E 280 -10.19 -15.73 -24.64
CA TYR E 280 -10.12 -14.32 -24.98
C TYR E 280 -10.10 -13.45 -23.76
N PRO E 281 -9.50 -12.25 -23.90
CA PRO E 281 -9.39 -11.27 -22.82
C PRO E 281 -10.69 -10.51 -22.68
N ALA E 282 -11.18 -10.38 -21.47
CA ALA E 282 -12.42 -9.67 -21.22
C ALA E 282 -12.33 -8.22 -21.68
N VAL E 283 -13.51 -7.67 -21.95
CA VAL E 283 -13.68 -6.27 -22.32
C VAL E 283 -14.22 -5.61 -21.07
N LYS E 284 -13.47 -4.69 -20.48
CA LYS E 284 -13.90 -4.10 -19.22
C LYS E 284 -14.58 -2.76 -19.35
N THR E 285 -15.70 -2.66 -18.63
CA THR E 285 -16.49 -1.45 -18.61
C THR E 285 -16.50 -0.84 -17.20
N LEU E 286 -16.45 0.48 -17.16
CA LEU E 286 -16.51 1.18 -15.91
C LEU E 286 -17.46 2.33 -16.06
N VAL E 287 -18.46 2.41 -15.17
CA VAL E 287 -19.43 3.47 -15.21
C VAL E 287 -19.25 4.29 -13.96
N THR E 288 -18.97 5.58 -14.10
CA THR E 288 -18.86 6.40 -12.91
C THR E 288 -19.81 7.57 -13.00
N LEU E 289 -20.27 8.08 -11.87
CA LEU E 289 -21.18 9.22 -11.87
C LEU E 289 -20.68 10.25 -10.89
N GLY E 290 -20.54 11.49 -11.35
CA GLY E 290 -20.05 12.54 -10.48
C GLY E 290 -20.94 13.75 -10.52
N LYS E 291 -20.54 14.85 -9.89
CA LYS E 291 -21.35 16.05 -9.87
C LYS E 291 -21.85 16.45 -11.25
N GLU E 292 -20.95 16.66 -12.21
CA GLU E 292 -21.36 17.09 -13.54
C GLU E 292 -21.56 15.98 -14.55
N ASP E 293 -20.59 15.07 -14.63
CA ASP E 293 -20.62 14.03 -15.65
C ASP E 293 -21.03 12.63 -15.23
N LEU E 294 -21.41 11.88 -16.27
CA LEU E 294 -21.68 10.45 -16.23
C LEU E 294 -20.73 9.92 -17.29
N SER E 295 -19.77 9.10 -16.87
CA SER E 295 -18.78 8.59 -17.79
C SER E 295 -18.85 7.10 -17.90
N ILE E 296 -18.64 6.62 -19.12
CA ILE E 296 -18.64 5.18 -19.41
C ILE E 296 -17.39 4.81 -20.21
N LYS E 297 -16.57 3.91 -19.65
CA LYS E 297 -15.34 3.46 -20.29
C LYS E 297 -15.31 1.98 -20.56
N ILE E 298 -15.03 1.66 -21.84
CA ILE E 298 -14.88 0.31 -22.36
C ILE E 298 -13.42 0.16 -22.77
N SER E 299 -12.80 -0.95 -22.41
CA SER E 299 -11.41 -1.11 -22.74
C SER E 299 -11.13 -2.48 -23.26
N ASP E 300 -10.39 -2.54 -24.35
CA ASP E 300 -10.03 -3.81 -24.92
C ASP E 300 -8.51 -3.98 -24.97
N LEU E 301 -8.07 -5.21 -24.94
CA LEU E 301 -6.65 -5.52 -25.04
C LEU E 301 -6.39 -6.00 -26.45
N GLY E 302 -6.98 -5.29 -27.42
CA GLY E 302 -6.85 -5.64 -28.82
C GLY E 302 -5.63 -5.08 -29.53
N GLY E 303 -4.56 -4.78 -28.81
CA GLY E 303 -3.36 -4.29 -29.48
C GLY E 303 -3.29 -2.81 -29.80
N GLY E 304 -4.30 -2.05 -29.43
CA GLY E 304 -4.22 -0.61 -29.68
C GLY E 304 -4.08 -0.16 -31.13
N VAL E 305 -4.10 1.17 -31.27
CA VAL E 305 -4.05 1.90 -32.54
C VAL E 305 -3.10 3.11 -32.44
N PRO E 306 -2.30 3.37 -33.49
CA PRO E 306 -1.38 4.51 -33.49
C PRO E 306 -2.16 5.81 -33.54
N LEU E 307 -1.77 6.75 -32.68
CA LEU E 307 -2.41 8.06 -32.55
C LEU E 307 -2.72 8.70 -33.89
N ARG E 308 -1.83 8.51 -34.85
CA ARG E 308 -1.98 9.09 -36.19
C ARG E 308 -3.30 8.63 -36.84
N LYS E 309 -3.49 7.32 -36.82
CA LYS E 309 -4.67 6.69 -37.38
C LYS E 309 -5.96 7.07 -36.61
N ILE E 310 -5.91 7.04 -35.28
CA ILE E 310 -7.06 7.32 -34.40
C ILE E 310 -7.92 8.50 -34.85
N ASP E 311 -7.30 9.56 -35.30
CA ASP E 311 -8.06 10.71 -35.77
C ASP E 311 -8.90 10.28 -36.99
N ARG E 312 -8.24 9.62 -37.94
CA ARG E 312 -8.88 9.15 -39.17
C ARG E 312 -10.14 8.30 -38.94
N LEU E 313 -10.35 7.81 -37.73
CA LEU E 313 -11.54 7.02 -37.39
C LEU E 313 -12.76 7.92 -37.30
N PHE E 314 -12.54 9.22 -37.37
CA PHE E 314 -13.64 10.13 -37.22
C PHE E 314 -13.98 10.96 -38.44
N ASN E 315 -13.03 11.31 -39.31
CA ASN E 315 -13.51 11.96 -40.54
C ASN E 315 -14.10 10.81 -41.30
N TYR E 316 -14.83 11.06 -42.37
CA TYR E 316 -15.47 9.94 -43.00
C TYR E 316 -14.65 9.24 -44.09
N MET E 317 -13.40 8.93 -43.75
CA MET E 317 -12.51 8.18 -44.63
C MET E 317 -12.06 6.91 -43.89
N GLY E 340 -20.71 5.25 -38.27
CA GLY E 340 -20.27 4.23 -37.34
C GLY E 340 -19.76 4.86 -36.08
N LEU E 341 -18.45 4.97 -35.96
CA LEU E 341 -17.85 5.64 -34.82
C LEU E 341 -18.14 7.15 -34.89
N PRO E 342 -18.11 7.74 -36.12
CA PRO E 342 -18.38 9.18 -36.25
C PRO E 342 -19.81 9.53 -35.87
N ILE E 343 -20.75 8.61 -36.08
CA ILE E 343 -22.12 8.95 -35.73
C ILE E 343 -22.31 8.84 -34.23
N SER E 344 -21.77 7.77 -33.69
CA SER E 344 -21.86 7.54 -32.27
C SER E 344 -21.37 8.78 -31.52
N ARG E 345 -20.30 9.40 -32.01
CA ARG E 345 -19.80 10.56 -31.33
C ARG E 345 -20.73 11.74 -31.53
N LEU E 346 -21.48 11.74 -32.63
CA LEU E 346 -22.44 12.81 -32.86
C LEU E 346 -23.59 12.64 -31.87
N TYR E 347 -23.90 11.38 -31.59
CA TYR E 347 -24.93 11.08 -30.61
C TYR E 347 -24.52 11.65 -29.25
N ALA E 348 -23.30 11.33 -28.81
CA ALA E 348 -22.82 11.82 -27.53
C ALA E 348 -22.83 13.33 -27.45
N ARG E 349 -22.39 13.99 -28.52
CA ARG E 349 -22.32 15.47 -28.56
C ARG E 349 -23.71 16.12 -28.67
N TYR E 350 -24.64 15.42 -29.29
CA TYR E 350 -25.96 15.94 -29.47
C TYR E 350 -26.53 16.56 -28.19
N PHE E 351 -26.35 15.91 -27.06
CA PHE E 351 -26.86 16.48 -25.79
C PHE E 351 -25.77 16.99 -24.89
N GLN E 352 -24.75 17.59 -25.50
CA GLN E 352 -23.61 18.18 -24.80
C GLN E 352 -22.61 17.16 -24.23
N GLY E 353 -22.81 15.88 -24.47
CA GLY E 353 -21.85 14.91 -23.98
C GLY E 353 -20.76 14.80 -25.01
N ASP E 354 -19.95 13.74 -24.97
CA ASP E 354 -18.87 13.55 -25.94
C ASP E 354 -18.34 12.14 -25.86
N LEU E 355 -17.52 11.74 -26.84
CA LEU E 355 -16.94 10.41 -26.88
C LEU E 355 -15.48 10.47 -27.27
N LYS E 356 -14.59 10.00 -26.42
CA LYS E 356 -13.16 10.03 -26.73
C LYS E 356 -12.52 8.64 -26.82
N LEU E 357 -11.54 8.50 -27.71
CA LEU E 357 -10.80 7.25 -27.96
C LEU E 357 -9.31 7.44 -27.76
N TYR E 358 -8.69 6.65 -26.90
CA TYR E 358 -7.25 6.77 -26.76
C TYR E 358 -6.59 5.43 -26.57
N SER E 359 -5.51 5.24 -27.31
CA SER E 359 -4.82 3.96 -27.34
C SER E 359 -3.38 4.02 -26.87
N MET E 360 -2.92 2.83 -26.51
CA MET E 360 -1.54 2.56 -26.20
C MET E 360 -1.21 1.60 -27.32
N GLU E 361 -0.66 2.10 -28.42
CA GLU E 361 -0.40 1.21 -29.53
C GLU E 361 0.52 0.09 -29.13
N GLY E 362 -0.01 -1.11 -29.22
CA GLY E 362 0.75 -2.29 -28.86
C GLY E 362 0.08 -3.04 -27.75
N VAL E 363 -0.92 -2.43 -27.11
CA VAL E 363 -1.59 -3.10 -26.02
C VAL E 363 -3.12 -3.00 -26.09
N GLY E 364 -3.70 -1.82 -26.24
CA GLY E 364 -5.15 -1.76 -26.26
C GLY E 364 -5.79 -0.37 -26.41
N THR E 365 -7.10 -0.29 -26.15
CA THR E 365 -7.81 0.97 -26.32
C THR E 365 -8.89 1.25 -25.27
N ASP E 366 -9.05 2.55 -25.00
CA ASP E 366 -10.04 3.04 -24.08
C ASP E 366 -11.01 3.94 -24.82
N ALA E 367 -12.27 3.56 -24.87
CA ALA E 367 -13.28 4.40 -25.48
C ALA E 367 -14.09 4.96 -24.34
N VAL E 368 -14.27 6.28 -24.29
CA VAL E 368 -15.03 6.81 -23.19
C VAL E 368 -16.12 7.72 -23.68
N ILE E 369 -17.27 7.55 -23.06
CA ILE E 369 -18.44 8.34 -23.35
C ILE E 369 -18.74 9.24 -22.17
N TYR E 370 -18.87 10.53 -22.43
CA TYR E 370 -19.20 11.49 -21.40
C TYR E 370 -20.61 11.97 -21.59
N LEU E 371 -21.35 12.04 -20.49
CA LEU E 371 -22.72 12.47 -20.57
C LEU E 371 -23.06 13.41 -19.42
N LYS E 372 -23.77 14.49 -19.70
CA LYS E 372 -24.15 15.40 -18.63
C LYS E 372 -24.99 14.59 -17.64
N ALA E 373 -24.74 14.77 -16.34
CA ALA E 373 -25.48 14.03 -15.34
C ALA E 373 -26.72 14.76 -14.91
N LEU E 374 -27.04 15.89 -15.54
CA LEU E 374 -28.24 16.65 -15.19
C LEU E 374 -29.04 17.04 -16.41
N SER E 375 -30.32 16.68 -16.43
CA SER E 375 -31.24 16.99 -17.53
C SER E 375 -31.29 18.48 -17.83
N SER E 376 -31.14 19.29 -16.79
CA SER E 376 -31.16 20.74 -16.97
C SER E 376 -30.00 21.22 -17.86
N GLU E 377 -28.92 20.43 -17.89
CA GLU E 377 -27.73 20.80 -18.65
C GLU E 377 -27.57 20.06 -19.98
N SER E 378 -28.48 19.14 -20.29
CA SER E 378 -28.40 18.41 -21.55
C SER E 378 -29.26 19.04 -22.65
N PHE E 379 -28.70 20.06 -23.31
CA PHE E 379 -29.39 20.76 -24.39
C PHE E 379 -29.00 20.18 -25.73
N GLU E 380 -29.90 20.20 -26.68
CA GLU E 380 -29.53 19.72 -28.00
C GLU E 380 -28.45 20.67 -28.54
N ARG E 381 -27.46 20.17 -29.24
CA ARG E 381 -26.51 21.08 -29.85
C ARG E 381 -26.72 20.97 -31.36
N LEU E 382 -27.36 22.00 -31.91
CA LEU E 382 -27.78 22.03 -33.31
C LEU E 382 -26.95 22.89 -34.27
N PRO E 383 -26.92 22.50 -35.56
CA PRO E 383 -26.19 23.18 -36.61
C PRO E 383 -26.92 24.44 -37.12
N VAL E 384 -26.42 25.63 -36.78
CA VAL E 384 -27.04 26.87 -37.24
C VAL E 384 -26.36 27.41 -38.51
N PHE E 385 -27.19 27.89 -39.46
CA PHE E 385 -26.68 28.40 -40.72
C PHE E 385 -26.69 29.93 -40.79
N ASN E 386 -25.49 30.50 -40.76
CA ASN E 386 -25.31 31.95 -40.79
C ASN E 386 -24.06 32.31 -41.61
N LYS E 387 -23.45 33.44 -41.30
CA LYS E 387 -22.24 33.83 -42.02
C LYS E 387 -21.11 32.82 -41.74
N SER E 388 -20.89 32.55 -40.45
CA SER E 388 -19.88 31.61 -39.96
C SER E 388 -19.93 30.27 -40.72
N ALA E 389 -21.11 29.66 -40.68
CA ALA E 389 -21.32 28.41 -41.38
C ALA E 389 -20.96 28.60 -42.85
N TRP E 390 -21.45 29.69 -43.42
CA TRP E 390 -21.23 30.03 -44.81
C TRP E 390 -19.74 30.09 -45.18
N ARG E 391 -18.92 30.71 -44.34
CA ARG E 391 -17.49 30.80 -44.61
C ARG E 391 -16.82 29.45 -44.74
N HIS E 392 -17.36 28.41 -44.13
CA HIS E 392 -16.73 27.10 -44.19
C HIS E 392 -16.90 26.41 -45.52
N TYR E 393 -17.72 26.96 -46.39
CA TYR E 393 -17.94 26.34 -47.69
C TYR E 393 -17.40 27.22 -48.82
N LYS E 394 -16.58 28.18 -48.45
CA LYS E 394 -15.96 29.06 -49.42
C LYS E 394 -14.45 29.00 -49.32
N THR E 395 -13.96 28.38 -48.24
CA THR E 395 -12.52 28.26 -47.99
C THR E 395 -12.09 26.80 -47.82
N ALA E 399 -6.34 24.92 -44.03
CA ALA E 399 -5.10 25.64 -44.36
C ALA E 399 -4.04 25.43 -43.25
N ASP E 400 -2.77 25.73 -43.54
CA ASP E 400 -1.75 25.55 -42.50
C ASP E 400 -0.63 26.57 -42.43
N ASP E 401 -0.45 26.97 -41.17
CA ASP E 401 0.49 27.96 -40.68
C ASP E 401 1.42 27.33 -39.65
N TRP E 402 1.65 26.03 -39.83
CA TRP E 402 2.54 25.20 -39.04
C TRP E 402 3.28 24.33 -40.03
N SER E 403 4.45 23.82 -39.68
CA SER E 403 5.16 22.98 -40.63
C SER E 403 4.54 21.56 -40.68
N VAL F 30 -32.74 49.45 -38.18
CA VAL F 30 -32.62 48.06 -37.61
C VAL F 30 -33.56 47.83 -36.42
N LEU F 31 -34.59 47.05 -36.68
CA LEU F 31 -35.56 46.74 -35.66
C LEU F 31 -35.25 45.37 -35.10
N LEU F 32 -35.58 45.13 -33.84
CA LEU F 32 -35.36 43.82 -33.30
C LEU F 32 -36.27 42.88 -34.07
N PRO F 33 -35.70 41.86 -34.74
CA PRO F 33 -36.54 40.94 -35.51
C PRO F 33 -36.98 39.74 -34.72
N ALA F 34 -37.74 38.89 -35.38
CA ALA F 34 -38.14 37.63 -34.79
C ALA F 34 -37.02 36.67 -35.18
N LEU F 35 -36.15 36.33 -34.22
CA LEU F 35 -34.99 35.47 -34.49
C LEU F 35 -35.34 34.00 -34.52
N SER F 36 -36.40 33.66 -33.80
CA SER F 36 -36.95 32.32 -33.79
C SER F 36 -38.39 32.50 -34.22
N PRO F 37 -39.10 31.41 -34.55
CA PRO F 37 -40.50 31.64 -34.96
C PRO F 37 -41.37 32.24 -33.82
N THR F 38 -41.40 31.55 -32.68
CA THR F 38 -42.24 31.91 -31.51
C THR F 38 -41.69 33.07 -30.66
N MET F 39 -40.63 33.71 -31.12
CA MET F 39 -39.99 34.81 -30.40
C MET F 39 -40.82 36.09 -30.35
N THR F 40 -40.95 36.71 -29.18
CA THR F 40 -41.69 37.98 -29.04
C THR F 40 -40.82 39.09 -28.49
N MET F 41 -39.91 38.76 -27.58
CA MET F 41 -39.04 39.77 -26.98
C MET F 41 -37.66 39.20 -26.67
N GLY F 42 -36.63 40.03 -26.85
CA GLY F 42 -35.27 39.60 -26.59
C GLY F 42 -34.56 40.46 -25.56
N THR F 43 -33.34 40.05 -25.22
CA THR F 43 -32.52 40.73 -24.24
C THR F 43 -31.14 41.06 -24.82
N VAL F 44 -30.87 42.35 -25.05
CA VAL F 44 -29.57 42.77 -25.60
C VAL F 44 -28.42 42.43 -24.66
N GLN F 45 -27.94 41.20 -24.79
CA GLN F 45 -26.86 40.73 -23.94
C GLN F 45 -25.58 41.53 -24.12
N ARG F 46 -25.14 41.74 -25.36
CA ARG F 46 -23.87 42.43 -25.58
C ARG F 46 -23.67 42.94 -27.00
N TRP F 47 -23.32 44.22 -27.12
CA TRP F 47 -23.04 44.85 -28.42
C TRP F 47 -21.60 44.51 -28.83
N GLU F 48 -21.39 43.99 -30.03
CA GLU F 48 -20.02 43.64 -30.42
C GLU F 48 -19.54 44.43 -31.63
N LYS F 49 -20.10 45.61 -31.76
CA LYS F 49 -19.74 46.55 -32.80
C LYS F 49 -19.81 47.95 -32.17
N LYS F 50 -18.75 48.73 -32.34
CA LYS F 50 -18.68 50.06 -31.75
C LYS F 50 -19.21 51.15 -32.65
N VAL F 51 -20.03 52.02 -32.06
CA VAL F 51 -20.60 53.17 -32.74
C VAL F 51 -19.50 53.96 -33.46
N GLY F 52 -19.48 53.81 -34.78
CA GLY F 52 -18.49 54.45 -35.60
C GLY F 52 -17.91 53.43 -36.56
N GLU F 53 -18.06 52.16 -36.19
CA GLU F 53 -17.56 51.03 -36.99
C GLU F 53 -18.42 50.70 -38.23
N LYS F 54 -17.74 50.29 -39.29
CA LYS F 54 -18.37 49.91 -40.57
C LYS F 54 -19.06 48.58 -40.43
N LEU F 55 -20.23 48.45 -41.06
CA LEU F 55 -21.01 47.22 -40.94
C LEU F 55 -21.19 46.47 -42.24
N SER F 56 -20.47 45.36 -42.38
CA SER F 56 -20.62 44.55 -43.59
C SER F 56 -21.72 43.52 -43.37
N GLU F 57 -22.48 43.22 -44.43
CA GLU F 57 -23.54 42.22 -44.36
C GLU F 57 -22.94 40.94 -43.79
N GLY F 58 -23.37 40.58 -42.57
CA GLY F 58 -22.86 39.39 -41.92
C GLY F 58 -22.11 39.60 -40.59
N ASP F 59 -21.35 40.68 -40.45
CA ASP F 59 -20.61 40.94 -39.21
C ASP F 59 -21.51 40.74 -38.01
N LEU F 60 -20.99 40.07 -36.98
CA LEU F 60 -21.79 39.89 -35.79
C LEU F 60 -22.05 41.28 -35.24
N LEU F 61 -23.32 41.61 -35.11
CA LEU F 61 -23.69 42.92 -34.63
C LEU F 61 -23.98 42.89 -33.16
N ALA F 62 -24.74 41.90 -32.72
CA ALA F 62 -25.06 41.87 -31.31
C ALA F 62 -25.37 40.50 -30.77
N GLU F 63 -25.44 40.49 -29.44
CA GLU F 63 -25.76 39.35 -28.60
C GLU F 63 -27.20 39.54 -28.14
N ILE F 64 -28.06 38.63 -28.55
CA ILE F 64 -29.46 38.69 -28.20
C ILE F 64 -29.86 37.42 -27.51
N GLU F 65 -30.35 37.55 -26.27
CA GLU F 65 -30.75 36.36 -25.55
C GLU F 65 -32.25 36.29 -25.38
N THR F 66 -32.87 35.42 -26.16
CA THR F 66 -34.30 35.23 -26.04
C THR F 66 -34.51 34.16 -24.99
N ASP F 67 -35.73 33.66 -24.84
CA ASP F 67 -36.01 32.62 -23.84
C ASP F 67 -35.87 31.22 -24.40
N LYS F 68 -35.44 31.15 -25.66
CA LYS F 68 -35.24 29.89 -26.35
C LYS F 68 -33.75 29.65 -26.61
N ALA F 69 -33.04 30.73 -26.94
CA ALA F 69 -31.63 30.64 -27.24
C ALA F 69 -30.90 31.96 -27.11
N THR F 70 -29.60 31.85 -26.90
CA THR F 70 -28.73 33.02 -26.89
C THR F 70 -28.27 33.10 -28.34
N ILE F 71 -28.60 34.17 -29.02
CA ILE F 71 -28.27 34.22 -30.42
C ILE F 71 -27.27 35.33 -30.75
N GLY F 72 -26.58 35.16 -31.89
CA GLY F 72 -25.61 36.13 -32.36
C GLY F 72 -26.17 36.80 -33.59
N PHE F 73 -26.72 38.00 -33.39
CA PHE F 73 -27.37 38.81 -34.42
C PHE F 73 -26.40 39.44 -35.37
N GLU F 74 -26.45 39.03 -36.62
CA GLU F 74 -25.54 39.52 -37.65
C GLU F 74 -26.09 40.66 -38.53
N VAL F 75 -25.19 41.55 -38.93
CA VAL F 75 -25.50 42.69 -39.77
C VAL F 75 -26.38 42.31 -40.96
N GLN F 76 -27.29 43.20 -41.34
CA GLN F 76 -28.17 42.94 -42.49
C GLN F 76 -27.86 43.86 -43.66
N GLU F 77 -27.88 45.17 -43.45
CA GLU F 77 -27.56 46.15 -44.49
C GLU F 77 -26.12 46.58 -44.31
N GLU F 78 -25.54 47.17 -45.34
CA GLU F 78 -24.18 47.67 -45.21
C GLU F 78 -24.25 49.00 -44.42
N GLY F 79 -23.14 49.56 -43.95
CA GLY F 79 -23.27 50.84 -43.26
C GLY F 79 -22.27 51.14 -42.16
N TYR F 80 -22.68 52.09 -41.34
CA TYR F 80 -21.87 52.53 -40.21
C TYR F 80 -22.77 52.68 -38.99
N LEU F 81 -22.31 52.20 -37.84
CA LEU F 81 -23.11 52.31 -36.61
C LEU F 81 -23.15 53.76 -36.15
N ALA F 82 -24.26 54.45 -36.48
CA ALA F 82 -24.43 55.85 -36.09
C ALA F 82 -24.53 56.00 -34.57
N LYS F 83 -25.46 55.27 -33.95
CA LYS F 83 -25.61 55.32 -32.50
C LYS F 83 -26.56 54.25 -32.03
N ILE F 84 -26.40 53.86 -30.77
CA ILE F 84 -27.20 52.81 -30.16
C ILE F 84 -28.31 53.37 -29.27
N LEU F 85 -29.45 52.71 -29.33
CA LEU F 85 -30.62 53.18 -28.62
C LEU F 85 -30.91 52.35 -27.36
N VAL F 86 -30.64 51.06 -27.42
CA VAL F 86 -30.87 50.15 -26.30
C VAL F 86 -29.54 49.68 -25.72
N PRO F 87 -29.17 50.22 -24.53
CA PRO F 87 -27.91 49.89 -23.83
C PRO F 87 -27.67 48.40 -23.64
N GLU F 88 -26.39 48.07 -23.54
CA GLU F 88 -25.96 46.71 -23.29
C GLU F 88 -26.52 46.27 -21.95
N GLY F 89 -27.40 45.27 -21.97
CA GLY F 89 -27.98 44.78 -20.73
C GLY F 89 -29.47 44.95 -20.64
N THR F 90 -30.07 45.68 -21.58
CA THR F 90 -31.53 45.91 -21.56
C THR F 90 -32.30 44.60 -21.76
N ARG F 91 -33.15 44.26 -20.80
CA ARG F 91 -33.92 43.03 -20.86
C ARG F 91 -35.31 43.23 -21.47
N ASP F 92 -36.00 42.11 -21.64
CA ASP F 92 -37.38 42.03 -22.14
C ASP F 92 -37.69 42.89 -23.38
N VAL F 93 -36.69 43.33 -24.14
CA VAL F 93 -36.94 44.18 -25.32
C VAL F 93 -37.89 43.56 -26.35
N PRO F 94 -39.11 44.08 -26.47
CA PRO F 94 -40.07 43.52 -27.44
C PRO F 94 -39.69 43.77 -28.91
N LEU F 95 -40.25 42.97 -29.82
CA LEU F 95 -39.99 43.05 -31.25
C LEU F 95 -40.15 44.44 -31.83
N GLY F 96 -39.54 44.62 -33.00
CA GLY F 96 -39.61 45.87 -33.74
C GLY F 96 -38.96 47.06 -33.07
N THR F 97 -38.57 46.89 -31.81
CA THR F 97 -37.94 47.96 -31.07
C THR F 97 -36.70 48.49 -31.82
N PRO F 98 -36.61 49.83 -31.96
CA PRO F 98 -35.44 50.37 -32.65
C PRO F 98 -34.19 50.03 -31.84
N LEU F 99 -33.28 49.26 -32.40
CA LEU F 99 -32.09 48.89 -31.64
C LEU F 99 -31.02 49.97 -31.73
N CYS F 100 -30.73 50.37 -32.96
CA CYS F 100 -29.72 51.39 -33.24
C CYS F 100 -29.89 51.90 -34.67
N ILE F 101 -29.15 52.95 -35.01
CA ILE F 101 -29.27 53.49 -36.36
C ILE F 101 -27.97 53.40 -37.13
N ILE F 102 -28.11 52.95 -38.37
CA ILE F 102 -26.99 52.84 -39.30
C ILE F 102 -27.08 54.01 -40.26
N VAL F 103 -26.00 54.28 -40.97
CA VAL F 103 -25.96 55.36 -41.94
C VAL F 103 -25.11 54.97 -43.12
N GLU F 104 -25.61 55.29 -44.31
CA GLU F 104 -24.95 55.01 -45.57
C GLU F 104 -23.49 55.48 -45.54
N LYS F 105 -23.27 56.77 -45.85
CA LYS F 105 -21.94 57.37 -45.85
C LYS F 105 -21.49 57.53 -44.39
N GLU F 106 -20.18 57.58 -44.13
CA GLU F 106 -19.72 57.67 -42.74
C GLU F 106 -19.40 59.10 -42.27
N ALA F 107 -19.98 60.09 -42.91
CA ALA F 107 -19.78 61.47 -42.48
C ALA F 107 -21.00 61.89 -41.72
N ASP F 108 -21.62 60.89 -41.10
CA ASP F 108 -22.85 61.11 -40.37
C ASP F 108 -22.83 60.29 -39.09
C1 RED G . 40.63 -18.53 20.39
O1 RED G . 41.42 -17.61 20.77
C2 RED G . 40.64 -19.98 20.88
C3 RED G . 40.45 -20.01 22.44
C4 RED G . 41.56 -20.83 23.14
C5 RED G . 42.13 -20.03 24.35
C6 RED G . 41.16 -19.93 25.57
C7 RED G . 41.93 -19.16 26.71
C8 RED G . 41.73 -19.71 28.16
S8 RED G . 41.52 -18.26 29.20
S6 RED G . 40.62 -21.62 26.08
C1 RED H . -40.58 26.77 -27.29
O1 RED H . -41.71 26.97 -27.80
C2 RED H . -40.31 25.89 -26.06
C3 RED H . -40.24 24.42 -26.48
C4 RED H . -40.99 23.51 -25.46
C5 RED H . -41.86 22.43 -26.18
C6 RED H . -41.03 21.42 -27.05
C7 RED H . -42.05 20.38 -27.66
C8 RED H . -41.64 18.88 -27.56
S8 RED H . -41.84 18.30 -29.25
S6 RED H . -39.73 20.65 -26.06
#